data_2VP6
#
_entry.id   2VP6
#
_cell.length_a   70.352
_cell.length_b   70.714
_cell.length_c   225.396
_cell.angle_alpha   90.00
_cell.angle_beta   90.29
_cell.angle_gamma   90.00
#
_symmetry.space_group_name_H-M   'P 1 21 1'
#
loop_
_entity.id
_entity.type
_entity.pdbx_description
1 polymer 'DEOXYNUCLEOSIDE KINASE'
2 non-polymer 'SULFATE ION'
3 non-polymer "5-FLUORO-URIDINE-5'-MONOPHOSPHATE"
#
_entity_poly.entity_id   1
_entity_poly.type   'polypeptide(L)'
_entity_poly.pdbx_seq_one_letter_code
;MAEAASCARKGTKYAEGTQPFTVLIEGNIGSGKTTYLNHFEKYKNDICLLTEPVEKWRNVNGVNLLELMYKDPKKWAMPF
QSYVTLTMLQSHTAPTNKKLKIMERSIFSARYCFVENMRRNGSLEQGMYNTLEEWYKFIEESIHVQADLIIYLRTSPEVA
YERIRQRARSEESCVPLKYLQELHELHEDWLIHQRRPQSCKVLVLDADLNLENIGTEYQRSESSIFDAIS
;
_entity_poly.pdbx_strand_id   A,B,C,D,E,F,G,H
#
loop_
_chem_comp.id
_chem_comp.type
_chem_comp.name
_chem_comp.formula
5FU RNA linking 5-FLUORO-URIDINE-5'-MONOPHOSPHATE 'C9 H12 F N2 O9 P'
SO4 non-polymer 'SULFATE ION' 'O4 S -2'
#
# COMPACT_ATOMS: atom_id res chain seq x y z
N THR A 12 -81.66 65.59 -1.10
CA THR A 12 -80.33 65.14 -1.61
C THR A 12 -79.18 66.04 -1.17
N LYS A 13 -79.36 67.36 -1.28
CA LYS A 13 -78.31 68.36 -0.92
C LYS A 13 -77.75 68.20 0.48
N TYR A 14 -76.45 68.42 0.63
CA TYR A 14 -75.82 68.30 1.94
C TYR A 14 -76.39 69.30 2.93
N ALA A 15 -76.60 68.85 4.16
CA ALA A 15 -77.14 69.67 5.25
C ALA A 15 -78.55 70.21 5.01
N GLU A 16 -79.29 69.56 4.11
CA GLU A 16 -80.66 69.95 3.81
C GLU A 16 -81.58 69.61 4.97
N GLY A 17 -82.48 70.53 5.30
CA GLY A 17 -83.41 70.36 6.41
C GLY A 17 -82.80 70.18 7.80
N THR A 18 -81.51 70.48 7.96
CA THR A 18 -80.83 70.38 9.26
C THR A 18 -80.57 71.76 9.88
N GLN A 19 -81.16 72.80 9.28
CA GLN A 19 -80.85 74.18 9.63
C GLN A 19 -82.10 74.97 10.04
N PRO A 20 -81.98 75.78 11.10
CA PRO A 20 -83.08 76.61 11.59
C PRO A 20 -83.21 77.89 10.80
N PHE A 21 -84.14 78.75 11.18
CA PHE A 21 -84.25 80.08 10.60
C PHE A 21 -82.90 80.81 10.69
N THR A 22 -82.42 81.35 9.55
CA THR A 22 -81.07 81.92 9.46
C THR A 22 -81.08 83.38 9.02
N VAL A 23 -80.38 84.24 9.75
CA VAL A 23 -80.24 85.64 9.42
C VAL A 23 -78.79 85.92 9.06
N LEU A 24 -78.58 86.52 7.91
CA LEU A 24 -77.26 86.92 7.45
C LEU A 24 -77.04 88.41 7.63
N ILE A 25 -75.97 88.80 8.32
CA ILE A 25 -75.66 90.21 8.52
C ILE A 25 -74.71 90.65 7.42
N GLU A 26 -75.20 91.46 6.52
CA GLU A 26 -74.40 91.93 5.40
C GLU A 26 -74.00 93.39 5.59
N GLY A 27 -72.96 93.82 4.90
CA GLY A 27 -72.50 95.19 5.00
C GLY A 27 -71.05 95.35 4.59
N ASN A 28 -70.71 96.53 4.12
CA ASN A 28 -69.35 96.83 3.67
C ASN A 28 -68.35 96.66 4.81
N ILE A 29 -67.05 96.63 4.50
CA ILE A 29 -66.02 96.66 5.52
C ILE A 29 -66.20 97.98 6.25
N GLY A 30 -66.12 97.93 7.58
CA GLY A 30 -66.27 99.14 8.40
C GLY A 30 -67.68 99.66 8.50
N SER A 31 -68.69 98.82 8.29
CA SER A 31 -70.06 99.27 8.45
C SER A 31 -70.56 98.96 9.88
N GLY A 32 -69.63 98.57 10.75
CA GLY A 32 -69.95 98.28 12.12
C GLY A 32 -70.68 96.97 12.35
N LYS A 33 -70.31 95.92 11.61
CA LYS A 33 -70.94 94.62 11.78
C LYS A 33 -70.55 93.95 13.06
N THR A 34 -69.27 94.06 13.43
CA THR A 34 -68.78 93.45 14.67
C THR A 34 -69.49 94.07 15.85
N THR A 35 -69.62 95.41 15.84
CA THR A 35 -70.33 96.13 16.89
C THR A 35 -71.77 95.65 16.97
N TYR A 36 -72.45 95.67 15.84
CA TYR A 36 -73.83 95.26 15.80
C TYR A 36 -74.04 93.85 16.36
N LEU A 37 -73.08 92.96 16.14
CA LEU A 37 -73.24 91.59 16.52
C LEU A 37 -72.95 91.34 17.98
N ASN A 38 -72.17 92.21 18.60
CA ASN A 38 -71.91 92.14 20.03
C ASN A 38 -73.19 92.27 20.83
N HIS A 39 -74.17 92.98 20.28
CA HIS A 39 -75.45 93.13 20.94
C HIS A 39 -76.20 91.81 21.09
N PHE A 40 -75.82 90.78 20.35
CA PHE A 40 -76.51 89.51 20.39
C PHE A 40 -75.78 88.53 21.27
N GLU A 41 -74.59 88.91 21.70
CA GLU A 41 -73.76 88.10 22.57
C GLU A 41 -74.54 87.41 23.66
N LYS A 42 -75.27 88.18 24.47
CA LYS A 42 -75.96 87.64 25.65
C LYS A 42 -77.07 86.62 25.36
N TYR A 43 -77.33 86.36 24.09
CA TYR A 43 -78.38 85.42 23.72
C TYR A 43 -77.82 84.11 23.23
N LYS A 44 -76.51 83.93 23.43
CA LYS A 44 -75.78 82.75 23.01
C LYS A 44 -76.56 81.49 23.27
N ASN A 45 -77.32 81.46 24.37
CA ASN A 45 -78.03 80.27 24.79
C ASN A 45 -79.16 79.82 23.87
N ASP A 46 -79.80 80.78 23.20
CA ASP A 46 -80.96 80.46 22.36
C ASP A 46 -80.71 80.76 20.89
N ILE A 47 -79.58 81.40 20.62
CA ILE A 47 -79.23 81.88 19.30
C ILE A 47 -77.87 81.31 18.93
N CYS A 48 -77.79 80.68 17.76
CA CYS A 48 -76.50 80.26 17.22
C CYS A 48 -75.84 81.45 16.53
N LEU A 49 -74.72 81.90 17.08
CA LEU A 49 -74.14 83.20 16.72
C LEU A 49 -72.76 83.05 16.12
N LEU A 50 -72.68 83.06 14.80
CA LEU A 50 -71.44 82.82 14.08
C LEU A 50 -70.86 84.07 13.45
N THR A 51 -69.75 84.55 13.99
CA THR A 51 -69.11 85.73 13.44
C THR A 51 -68.27 85.33 12.23
N GLU A 52 -67.88 86.34 11.46
CA GLU A 52 -67.02 86.10 10.32
C GLU A 52 -65.78 85.36 10.77
N PRO A 53 -65.44 84.25 10.11
CA PRO A 53 -64.29 83.41 10.53
C PRO A 53 -62.93 84.05 10.23
N VAL A 54 -62.80 85.35 10.47
CA VAL A 54 -61.53 86.06 10.31
C VAL A 54 -60.40 85.26 10.95
N GLU A 55 -60.67 84.65 12.11
CA GLU A 55 -59.66 83.92 12.86
C GLU A 55 -59.05 82.78 12.08
N LYS A 56 -59.88 81.95 11.47
CA LYS A 56 -59.43 80.94 10.54
C LYS A 56 -58.60 81.53 9.39
N TRP A 57 -59.05 82.63 8.79
CA TRP A 57 -58.31 83.21 7.68
C TRP A 57 -56.96 83.78 8.09
N ARG A 58 -56.81 84.09 9.37
CA ARG A 58 -55.58 84.74 9.83
C ARG A 58 -54.54 83.69 10.15
N ASN A 59 -55.00 82.45 10.33
CA ASN A 59 -54.14 81.40 10.76
C ASN A 59 -54.55 80.06 10.18
N VAL A 60 -54.03 79.75 9.00
CA VAL A 60 -54.27 78.45 8.33
C VAL A 60 -53.00 77.64 8.49
N ASN A 61 -52.96 76.81 9.52
CA ASN A 61 -51.72 76.22 9.98
C ASN A 61 -50.55 77.17 9.86
N GLY A 62 -50.74 78.38 10.38
CA GLY A 62 -49.65 79.30 10.57
C GLY A 62 -49.58 80.34 9.51
N VAL A 63 -50.22 80.10 8.39
CA VAL A 63 -50.16 81.08 7.31
C VAL A 63 -51.30 82.07 7.49
N ASN A 64 -50.99 83.36 7.46
CA ASN A 64 -52.01 84.37 7.53
C ASN A 64 -52.46 84.76 6.13
N LEU A 65 -53.49 84.09 5.60
CA LEU A 65 -53.91 84.37 4.25
C LEU A 65 -54.45 85.77 4.06
N LEU A 66 -55.07 86.34 5.08
CA LEU A 66 -55.69 87.65 4.97
C LEU A 66 -54.65 88.73 4.76
N GLU A 67 -53.58 88.65 5.54
CA GLU A 67 -52.49 89.59 5.40
C GLU A 67 -51.86 89.47 4.04
N LEU A 68 -51.60 88.23 3.61
CA LEU A 68 -50.98 87.98 2.33
C LEU A 68 -51.83 88.46 1.16
N MET A 69 -53.12 88.23 1.24
CA MET A 69 -54.04 88.75 0.24
C MET A 69 -53.96 90.27 0.14
N TYR A 70 -53.92 90.97 1.26
CA TYR A 70 -53.88 92.44 1.22
C TYR A 70 -52.53 93.01 0.78
N LYS A 71 -51.47 92.30 1.14
CA LYS A 71 -50.13 92.72 0.80
C LYS A 71 -49.82 92.44 -0.66
N ASP A 72 -50.28 91.30 -1.20
CA ASP A 72 -50.01 90.93 -2.59
C ASP A 72 -51.23 90.30 -3.30
N PRO A 73 -52.22 91.13 -3.66
CA PRO A 73 -53.49 90.62 -4.18
C PRO A 73 -53.35 89.72 -5.42
N LYS A 74 -52.47 90.06 -6.35
CA LYS A 74 -52.37 89.28 -7.58
C LYS A 74 -51.95 87.83 -7.34
N LYS A 75 -51.27 87.59 -6.21
CA LYS A 75 -50.76 86.26 -5.91
C LYS A 75 -51.65 85.49 -4.96
N TRP A 76 -52.30 86.18 -4.02
CA TRP A 76 -53.01 85.47 -2.95
C TRP A 76 -54.54 85.58 -2.92
N ALA A 77 -55.12 86.43 -3.77
CA ALA A 77 -56.58 86.53 -3.80
C ALA A 77 -57.22 85.17 -4.04
N MET A 78 -56.74 84.45 -5.06
CA MET A 78 -57.29 83.16 -5.44
C MET A 78 -57.29 82.15 -4.29
N PRO A 79 -56.10 81.88 -3.70
CA PRO A 79 -56.18 80.96 -2.56
C PRO A 79 -56.99 81.51 -1.37
N PHE A 80 -56.81 82.78 -1.03
CA PHE A 80 -57.57 83.39 0.02
C PHE A 80 -59.10 83.26 -0.13
N GLN A 81 -59.62 83.71 -1.25
CA GLN A 81 -61.05 83.61 -1.52
C GLN A 81 -61.60 82.16 -1.55
N SER A 82 -60.76 81.23 -2.02
CA SER A 82 -61.12 79.84 -2.05
C SER A 82 -61.28 79.38 -0.65
N TYR A 83 -60.41 79.83 0.24
CA TYR A 83 -60.53 79.52 1.63
C TYR A 83 -61.71 80.21 2.29
N VAL A 84 -61.96 81.46 1.95
CA VAL A 84 -63.15 82.14 2.45
C VAL A 84 -64.37 81.29 2.14
N THR A 85 -64.56 80.97 0.88
CA THR A 85 -65.70 80.15 0.48
C THR A 85 -65.84 78.93 1.38
N LEU A 86 -64.75 78.26 1.67
CA LEU A 86 -64.83 77.03 2.42
C LEU A 86 -65.31 77.29 3.84
N THR A 87 -64.66 78.23 4.52
CA THR A 87 -65.09 78.65 5.85
C THR A 87 -66.54 79.11 5.88
N MET A 88 -66.98 79.80 4.84
CA MET A 88 -68.38 80.15 4.77
C MET A 88 -69.29 78.92 4.74
N LEU A 89 -68.91 77.92 3.97
CA LEU A 89 -69.67 76.67 3.92
C LEU A 89 -69.67 75.94 5.21
N GLN A 90 -68.53 75.97 5.90
CA GLN A 90 -68.47 75.37 7.22
C GLN A 90 -69.45 76.03 8.17
N SER A 91 -69.62 77.34 8.06
CA SER A 91 -70.59 78.07 8.87
C SER A 91 -72.00 77.78 8.42
N HIS A 92 -72.25 77.92 7.13
CA HIS A 92 -73.57 77.69 6.58
C HIS A 92 -74.14 76.29 6.87
N THR A 93 -73.32 75.36 7.34
CA THR A 93 -73.75 73.96 7.44
C THR A 93 -73.50 73.34 8.78
N ALA A 94 -72.76 74.04 9.64
CA ALA A 94 -72.50 73.58 10.99
C ALA A 94 -73.83 73.19 11.58
N PRO A 95 -73.88 72.05 12.31
CA PRO A 95 -75.21 71.63 12.79
C PRO A 95 -75.56 72.40 14.07
N THR A 96 -76.84 72.46 14.45
CA THR A 96 -77.23 73.21 15.65
C THR A 96 -78.60 72.88 16.24
N ASN A 97 -78.67 72.94 17.58
CA ASN A 97 -79.92 72.79 18.31
C ASN A 97 -80.83 73.99 18.16
N LYS A 98 -80.24 75.18 18.29
CA LYS A 98 -80.96 76.45 18.39
C LYS A 98 -81.99 76.71 17.28
N LYS A 99 -83.00 77.51 17.58
CA LYS A 99 -84.12 77.78 16.67
C LYS A 99 -83.91 79.00 15.76
N LEU A 100 -82.85 79.75 16.04
CA LEU A 100 -82.40 80.87 15.22
C LEU A 100 -80.88 80.81 15.00
N LYS A 101 -80.45 81.14 13.79
CA LYS A 101 -79.03 81.22 13.44
C LYS A 101 -78.68 82.58 12.84
N ILE A 102 -77.59 83.20 13.30
CA ILE A 102 -77.19 84.52 12.80
C ILE A 102 -75.73 84.48 12.36
N MET A 103 -75.49 84.77 11.09
CA MET A 103 -74.16 84.73 10.50
C MET A 103 -73.69 86.10 10.07
N GLU A 104 -72.48 86.47 10.43
CA GLU A 104 -71.84 87.66 9.90
C GLU A 104 -71.29 87.35 8.52
N ARG A 105 -71.78 88.06 7.52
CA ARG A 105 -71.48 87.78 6.10
C ARG A 105 -71.91 86.37 5.70
N SER A 106 -71.64 85.97 4.47
CA SER A 106 -72.18 84.76 3.92
C SER A 106 -71.43 84.36 2.69
N ILE A 107 -71.74 83.18 2.15
CA ILE A 107 -71.17 82.74 0.91
C ILE A 107 -71.55 83.67 -0.22
N PHE A 108 -72.71 84.31 -0.12
CA PHE A 108 -73.16 85.22 -1.15
C PHE A 108 -72.38 86.52 -1.21
N SER A 109 -72.09 87.14 -0.08
CA SER A 109 -71.28 88.34 -0.11
C SER A 109 -69.89 88.06 -0.64
N ALA A 110 -69.37 86.87 -0.36
CA ALA A 110 -68.09 86.47 -0.85
C ALA A 110 -68.15 86.38 -2.37
N ARG A 111 -69.20 85.76 -2.89
CA ARG A 111 -69.27 85.60 -4.32
C ARG A 111 -69.59 86.90 -5.03
N TYR A 112 -70.62 87.58 -4.58
CA TYR A 112 -71.22 88.66 -5.31
C TYR A 112 -70.53 90.00 -5.12
N CYS A 113 -69.82 90.16 -4.02
CA CYS A 113 -69.13 91.42 -3.79
C CYS A 113 -67.63 91.23 -3.87
N PHE A 114 -67.05 90.47 -2.97
CA PHE A 114 -65.61 90.44 -2.91
C PHE A 114 -64.96 89.77 -4.09
N VAL A 115 -65.41 88.58 -4.48
CA VAL A 115 -64.78 87.95 -5.62
C VAL A 115 -65.02 88.78 -6.87
N GLU A 116 -66.27 89.15 -7.13
CA GLU A 116 -66.61 90.03 -8.23
C GLU A 116 -65.74 91.29 -8.31
N ASN A 117 -65.49 91.96 -7.20
CA ASN A 117 -64.68 93.13 -7.22
C ASN A 117 -63.22 92.82 -7.49
N MET A 118 -62.73 91.70 -7.01
CA MET A 118 -61.35 91.30 -7.26
C MET A 118 -61.08 90.87 -8.69
N ARG A 119 -62.11 90.39 -9.38
CA ARG A 119 -62.02 90.23 -10.80
C ARG A 119 -61.85 91.58 -11.50
N ARG A 120 -62.71 92.54 -11.18
CA ARG A 120 -62.74 93.84 -11.85
C ARG A 120 -61.47 94.65 -11.71
N ASN A 121 -60.82 94.59 -10.56
CA ASN A 121 -59.64 95.40 -10.34
C ASN A 121 -58.36 94.65 -10.66
N GLY A 122 -58.48 93.55 -11.39
CA GLY A 122 -57.33 92.83 -11.91
C GLY A 122 -56.68 91.86 -10.97
N SER A 123 -57.12 91.80 -9.73
CA SER A 123 -56.50 90.94 -8.72
C SER A 123 -56.68 89.46 -9.03
N LEU A 124 -57.89 89.07 -9.40
CA LEU A 124 -58.14 87.75 -9.93
C LEU A 124 -58.11 87.74 -11.47
N GLU A 125 -57.23 86.94 -12.05
CA GLU A 125 -57.20 86.77 -13.48
C GLU A 125 -58.33 85.87 -13.93
N GLN A 126 -58.69 85.97 -15.20
CA GLN A 126 -59.86 85.24 -15.69
C GLN A 126 -59.87 83.76 -15.29
N GLY A 127 -58.73 83.10 -15.45
CA GLY A 127 -58.61 81.68 -15.11
C GLY A 127 -58.89 81.38 -13.66
N MET A 128 -58.42 82.25 -12.78
CA MET A 128 -58.66 82.13 -11.33
C MET A 128 -60.10 82.43 -10.97
N TYR A 129 -60.63 83.53 -11.46
CA TYR A 129 -62.04 83.82 -11.28
C TYR A 129 -62.94 82.67 -11.69
N ASN A 130 -62.72 82.12 -12.88
CA ASN A 130 -63.58 81.08 -13.40
C ASN A 130 -63.60 79.83 -12.57
N THR A 131 -62.45 79.52 -11.97
CA THR A 131 -62.32 78.39 -11.05
C THR A 131 -63.18 78.62 -9.84
N LEU A 132 -63.06 79.79 -9.22
CA LEU A 132 -63.96 80.13 -8.14
C LEU A 132 -65.42 80.00 -8.58
N GLU A 133 -65.83 80.61 -9.68
CA GLU A 133 -67.21 80.54 -10.12
C GLU A 133 -67.73 79.13 -10.32
N GLU A 134 -66.88 78.24 -10.85
CA GLU A 134 -67.30 76.87 -11.07
C GLU A 134 -67.62 76.22 -9.74
N TRP A 135 -66.78 76.46 -8.73
CA TRP A 135 -67.09 76.03 -7.36
C TRP A 135 -68.41 76.61 -6.86
N TYR A 136 -68.60 77.91 -6.96
CA TYR A 136 -69.87 78.45 -6.54
C TYR A 136 -71.00 77.77 -7.25
N LYS A 137 -70.87 77.56 -8.56
CA LYS A 137 -71.94 76.87 -9.31
C LYS A 137 -72.22 75.46 -8.79
N PHE A 138 -71.14 74.73 -8.50
CA PHE A 138 -71.27 73.40 -7.97
C PHE A 138 -71.88 73.42 -6.60
N ILE A 139 -71.41 74.34 -5.77
CA ILE A 139 -71.92 74.47 -4.40
C ILE A 139 -73.41 74.70 -4.43
N GLU A 140 -73.92 75.57 -5.30
CA GLU A 140 -75.33 75.87 -5.22
C GLU A 140 -76.22 74.71 -5.63
N GLU A 141 -75.71 73.86 -6.49
CA GLU A 141 -76.48 72.69 -6.93
C GLU A 141 -76.43 71.51 -5.97
N SER A 142 -75.53 71.55 -5.00
CA SER A 142 -75.25 70.35 -4.24
C SER A 142 -75.14 70.56 -2.73
N ILE A 143 -75.04 71.79 -2.27
CA ILE A 143 -75.00 72.05 -0.84
C ILE A 143 -76.09 73.04 -0.49
N HIS A 144 -76.78 72.79 0.62
CA HIS A 144 -77.92 73.60 1.06
C HIS A 144 -77.48 74.80 1.88
N VAL A 145 -77.86 76.00 1.42
CA VAL A 145 -77.49 77.24 2.10
C VAL A 145 -78.72 77.96 2.58
N GLN A 146 -79.01 77.82 3.87
CA GLN A 146 -80.18 78.41 4.49
C GLN A 146 -79.98 79.89 4.66
N ALA A 147 -80.92 80.65 4.15
CA ALA A 147 -80.90 82.10 4.23
C ALA A 147 -82.31 82.63 4.21
N ASP A 148 -82.80 83.08 5.36
CA ASP A 148 -84.18 83.54 5.46
C ASP A 148 -84.37 85.04 5.50
N LEU A 149 -83.42 85.75 6.09
CA LEU A 149 -83.46 87.18 6.18
C LEU A 149 -82.05 87.70 6.10
N ILE A 150 -81.83 88.79 5.39
CA ILE A 150 -80.55 89.48 5.41
C ILE A 150 -80.79 90.82 6.05
N ILE A 151 -79.94 91.18 6.99
CA ILE A 151 -79.95 92.51 7.52
C ILE A 151 -78.77 93.19 6.86
N TYR A 152 -79.09 94.17 6.02
CA TYR A 152 -78.09 95.03 5.40
C TYR A 152 -77.76 96.27 6.25
N LEU A 153 -76.58 96.31 6.82
CA LEU A 153 -76.06 97.53 7.44
C LEU A 153 -75.54 98.47 6.37
N ARG A 154 -76.44 99.28 5.83
CA ARG A 154 -76.12 100.20 4.76
C ARG A 154 -75.44 101.45 5.30
N THR A 155 -74.33 101.83 4.69
CA THR A 155 -73.57 103.02 5.08
C THR A 155 -72.97 103.64 3.83
N SER A 156 -72.40 104.83 3.96
CA SER A 156 -71.71 105.43 2.86
C SER A 156 -70.22 105.16 2.96
N PRO A 157 -69.55 104.90 1.82
CA PRO A 157 -68.12 104.66 1.74
C PRO A 157 -67.31 105.53 2.69
N GLU A 158 -67.67 106.82 2.77
CA GLU A 158 -66.89 107.82 3.51
C GLU A 158 -67.02 107.61 5.02
N VAL A 159 -68.23 107.33 5.48
CA VAL A 159 -68.46 106.97 6.88
C VAL A 159 -67.72 105.68 7.24
N ALA A 160 -67.80 104.69 6.36
CA ALA A 160 -67.06 103.44 6.51
C ALA A 160 -65.55 103.63 6.54
N TYR A 161 -65.03 104.42 5.60
CA TYR A 161 -63.61 104.74 5.59
C TYR A 161 -63.20 105.33 6.94
N GLU A 162 -64.05 106.21 7.48
CA GLU A 162 -63.79 106.84 8.75
C GLU A 162 -63.75 105.84 9.87
N ARG A 163 -64.73 104.97 9.94
CA ARG A 163 -64.74 103.98 10.99
C ARG A 163 -63.43 103.16 10.97
N ILE A 164 -62.98 102.69 9.80
CA ILE A 164 -61.73 101.91 9.72
C ILE A 164 -60.54 102.73 10.24
N ARG A 165 -60.52 104.00 9.89
CA ARG A 165 -59.41 104.93 10.24
C ARG A 165 -59.28 105.17 11.77
N GLN A 166 -60.39 104.98 12.49
CA GLN A 166 -60.52 105.20 13.94
C GLN A 166 -60.22 103.96 14.76
N ARG A 167 -59.78 102.90 14.10
CA ARG A 167 -59.59 101.60 14.74
C ARG A 167 -58.15 101.22 14.65
N ALA A 168 -57.70 100.35 15.55
CA ALA A 168 -56.35 99.83 15.47
C ALA A 168 -56.00 99.40 14.04
N ARG A 169 -54.74 99.60 13.65
CA ARG A 169 -54.26 99.21 12.32
C ARG A 169 -54.47 97.71 12.20
N SER A 170 -55.20 97.33 11.17
CA SER A 170 -55.56 95.95 10.95
C SER A 170 -54.91 95.66 9.59
N GLU A 171 -55.44 94.69 8.86
CA GLU A 171 -54.82 94.26 7.61
C GLU A 171 -55.59 94.92 6.52
N GLU A 172 -56.86 95.18 6.82
CA GLU A 172 -57.77 95.93 5.95
C GLU A 172 -57.52 97.42 5.97
N SER A 173 -56.88 97.91 7.01
CA SER A 173 -56.66 99.34 7.23
C SER A 173 -56.12 100.19 6.07
N CYS A 174 -55.45 99.55 5.14
CA CYS A 174 -54.84 100.34 4.07
C CYS A 174 -55.66 100.41 2.79
N VAL A 175 -56.83 99.79 2.81
CA VAL A 175 -57.67 99.79 1.65
C VAL A 175 -58.10 101.18 1.40
N PRO A 176 -57.94 101.61 0.17
CA PRO A 176 -58.24 102.93 -0.35
C PRO A 176 -59.74 103.18 -0.34
N LEU A 177 -60.14 104.43 -0.21
CA LEU A 177 -61.54 104.78 -0.30
C LEU A 177 -62.17 104.27 -1.60
N LYS A 178 -61.40 104.31 -2.69
CA LYS A 178 -61.82 103.74 -3.99
C LYS A 178 -62.35 102.29 -3.88
N TYR A 179 -61.65 101.45 -3.11
CA TYR A 179 -61.99 100.05 -2.87
C TYR A 179 -63.32 99.94 -2.15
N LEU A 180 -63.50 100.73 -1.09
CA LEU A 180 -64.74 100.74 -0.34
C LEU A 180 -65.91 101.24 -1.14
N GLN A 181 -65.67 102.12 -2.12
CA GLN A 181 -66.72 102.56 -3.04
C GLN A 181 -67.15 101.42 -3.94
N GLU A 182 -66.17 100.73 -4.52
CA GLU A 182 -66.40 99.61 -5.40
C GLU A 182 -67.25 98.57 -4.68
N LEU A 183 -66.86 98.26 -3.44
CA LEU A 183 -67.59 97.30 -2.60
C LEU A 183 -68.97 97.75 -2.24
N HIS A 184 -69.12 99.04 -1.96
CA HIS A 184 -70.43 99.62 -1.66
C HIS A 184 -71.40 99.45 -2.82
N GLU A 185 -70.97 99.81 -4.02
CA GLU A 185 -71.82 99.71 -5.19
C GLU A 185 -72.20 98.27 -5.43
N LEU A 186 -71.30 97.33 -5.14
CA LEU A 186 -71.60 95.91 -5.29
C LEU A 186 -72.65 95.38 -4.30
N HIS A 187 -72.63 95.86 -3.07
CA HIS A 187 -73.64 95.53 -2.08
C HIS A 187 -74.95 96.12 -2.46
N GLU A 188 -74.92 97.35 -2.97
CA GLU A 188 -76.14 98.04 -3.39
C GLU A 188 -76.80 97.29 -4.54
N ASP A 189 -75.99 96.86 -5.51
CA ASP A 189 -76.48 96.11 -6.66
C ASP A 189 -77.18 94.86 -6.25
N TRP A 190 -76.63 94.20 -5.23
CA TRP A 190 -77.10 92.91 -4.76
C TRP A 190 -78.31 93.08 -3.87
N LEU A 191 -78.27 94.04 -2.97
CA LEU A 191 -79.29 94.11 -1.92
C LEU A 191 -80.27 95.29 -2.02
N ILE A 192 -80.10 96.14 -3.02
CA ILE A 192 -81.02 97.23 -3.16
C ILE A 192 -81.57 97.13 -4.55
N HIS A 193 -80.69 97.09 -5.53
CA HIS A 193 -81.14 97.03 -6.90
C HIS A 193 -81.49 95.60 -7.32
N GLN A 194 -81.54 94.70 -6.34
CA GLN A 194 -81.82 93.28 -6.54
C GLN A 194 -81.24 92.62 -7.83
N ARG A 195 -80.12 93.14 -8.34
CA ARG A 195 -79.54 92.74 -9.61
C ARG A 195 -78.91 91.34 -9.68
N ARG A 196 -79.27 90.47 -8.72
CA ARG A 196 -78.53 89.26 -8.41
C ARG A 196 -79.43 88.13 -7.97
N PRO A 197 -79.11 86.88 -8.33
CA PRO A 197 -80.09 85.84 -8.06
C PRO A 197 -80.81 85.97 -6.74
N GLN A 198 -80.10 86.39 -5.70
CA GLN A 198 -80.62 86.30 -4.34
C GLN A 198 -82.13 86.45 -4.25
N SER A 199 -82.78 85.43 -3.70
CA SER A 199 -84.12 85.58 -3.17
C SER A 199 -84.18 85.31 -1.67
N CYS A 200 -84.71 86.32 -1.03
CA CYS A 200 -85.20 86.35 0.35
C CYS A 200 -85.25 87.81 0.76
N LYS A 201 -85.97 88.09 1.83
CA LYS A 201 -86.24 89.44 2.23
C LYS A 201 -84.99 90.12 2.76
N VAL A 202 -84.85 91.42 2.45
CA VAL A 202 -83.75 92.24 2.97
C VAL A 202 -84.27 93.34 3.87
N LEU A 203 -83.72 93.45 5.06
CA LEU A 203 -84.08 94.49 5.99
C LEU A 203 -82.93 95.49 6.04
N VAL A 204 -83.12 96.65 5.44
CA VAL A 204 -82.07 97.66 5.42
C VAL A 204 -82.07 98.50 6.69
N LEU A 205 -80.91 98.66 7.30
CA LEU A 205 -80.78 99.55 8.44
C LEU A 205 -79.78 100.66 8.11
N ASP A 206 -80.11 101.89 8.48
CA ASP A 206 -79.18 103.00 8.33
C ASP A 206 -78.17 103.04 9.48
N ALA A 207 -76.93 102.66 9.17
CA ALA A 207 -75.86 102.56 10.19
C ALA A 207 -74.97 103.81 10.29
N ASP A 208 -75.61 104.99 10.42
CA ASP A 208 -74.92 106.30 10.51
C ASP A 208 -75.43 107.11 11.71
N THR B 12 -76.47 61.36 5.60
CA THR B 12 -76.29 62.84 5.58
C THR B 12 -75.42 63.32 4.41
N LYS B 13 -74.29 62.65 4.19
CA LYS B 13 -73.34 63.01 3.11
C LYS B 13 -74.01 63.14 1.74
N TYR B 14 -73.55 64.11 0.96
CA TYR B 14 -74.09 64.33 -0.38
C TYR B 14 -73.76 63.14 -1.27
N ALA B 15 -74.75 62.78 -2.12
CA ALA B 15 -74.69 61.62 -3.03
C ALA B 15 -74.42 60.26 -2.34
N GLU B 16 -74.79 60.15 -1.05
CA GLU B 16 -74.65 58.91 -0.29
C GLU B 16 -75.70 57.90 -0.77
N GLY B 17 -75.28 56.64 -0.92
CA GLY B 17 -76.13 55.56 -1.42
C GLY B 17 -76.79 55.74 -2.79
N THR B 18 -76.27 56.66 -3.60
CA THR B 18 -76.80 56.93 -4.96
C THR B 18 -75.81 56.42 -6.03
N GLN B 19 -74.81 55.68 -5.58
CA GLN B 19 -73.69 55.24 -6.45
C GLN B 19 -73.53 53.71 -6.50
N PRO B 20 -73.28 53.18 -7.70
CA PRO B 20 -73.05 51.75 -7.87
C PRO B 20 -71.58 51.37 -7.54
N PHE B 21 -71.27 50.08 -7.69
CA PHE B 21 -69.91 49.59 -7.55
C PHE B 21 -68.98 50.43 -8.45
N THR B 22 -67.89 50.93 -7.87
CA THR B 22 -67.03 51.87 -8.60
C THR B 22 -65.59 51.40 -8.67
N VAL B 23 -65.02 51.43 -9.87
CA VAL B 23 -63.63 51.10 -10.07
C VAL B 23 -62.87 52.36 -10.49
N LEU B 24 -61.76 52.60 -9.81
CA LEU B 24 -60.91 53.73 -10.13
C LEU B 24 -59.65 53.24 -10.85
N ILE B 25 -59.40 53.76 -12.06
CA ILE B 25 -58.15 53.48 -12.77
C ILE B 25 -57.05 54.45 -12.35
N GLU B 26 -56.10 53.97 -11.56
CA GLU B 26 -54.97 54.80 -11.19
C GLU B 26 -53.71 54.47 -12.00
N GLY B 27 -52.79 55.42 -12.07
CA GLY B 27 -51.50 55.19 -12.70
C GLY B 27 -50.83 56.50 -13.04
N ASN B 28 -49.49 56.46 -13.14
CA ASN B 28 -48.69 57.63 -13.52
C ASN B 28 -49.11 58.19 -14.87
N ILE B 29 -48.67 59.42 -15.18
CA ILE B 29 -48.86 60.00 -16.51
C ILE B 29 -48.09 59.12 -17.49
N GLY B 30 -48.74 58.73 -18.58
CA GLY B 30 -48.08 57.91 -19.59
C GLY B 30 -47.98 56.45 -19.19
N SER B 31 -48.87 55.99 -18.31
CA SER B 31 -48.93 54.57 -17.98
C SER B 31 -49.97 53.83 -18.86
N GLY B 32 -50.41 54.50 -19.93
CA GLY B 32 -51.40 53.94 -20.85
C GLY B 32 -52.81 53.76 -20.28
N LYS B 33 -53.28 54.74 -19.52
CA LYS B 33 -54.62 54.68 -18.95
C LYS B 33 -55.68 54.91 -20.02
N THR B 34 -55.44 55.86 -20.92
CA THR B 34 -56.40 56.16 -21.98
C THR B 34 -56.61 54.92 -22.85
N THR B 35 -55.48 54.32 -23.26
CA THR B 35 -55.49 53.07 -24.01
C THR B 35 -56.28 52.00 -23.26
N TYR B 36 -55.90 51.76 -22.01
CA TYR B 36 -56.59 50.74 -21.23
C TYR B 36 -58.11 50.97 -21.16
N LEU B 37 -58.53 52.23 -21.13
CA LEU B 37 -59.94 52.54 -21.00
C LEU B 37 -60.73 52.41 -22.29
N ASN B 38 -60.06 52.56 -23.43
CA ASN B 38 -60.72 52.38 -24.71
C ASN B 38 -61.29 50.98 -24.85
N HIS B 39 -60.67 50.02 -24.16
CA HIS B 39 -61.16 48.63 -24.19
C HIS B 39 -62.54 48.49 -23.57
N PHE B 40 -62.98 49.49 -22.82
CA PHE B 40 -64.28 49.41 -22.16
C PHE B 40 -65.34 50.16 -22.94
N GLU B 41 -64.88 50.88 -23.96
CA GLU B 41 -65.74 51.70 -24.81
C GLU B 41 -67.02 50.98 -25.19
N LYS B 42 -66.90 49.80 -25.79
CA LYS B 42 -68.07 49.07 -26.27
C LYS B 42 -69.10 48.65 -25.20
N TYR B 43 -68.80 48.90 -23.92
CA TYR B 43 -69.71 48.51 -22.86
C TYR B 43 -70.48 49.67 -22.30
N LYS B 44 -70.42 50.80 -23.02
CA LYS B 44 -71.09 52.04 -22.63
C LYS B 44 -72.50 51.80 -22.09
N ASN B 45 -73.21 50.85 -22.67
CA ASN B 45 -74.61 50.58 -22.31
C ASN B 45 -74.85 50.03 -20.90
N ASP B 46 -73.88 49.33 -20.34
CA ASP B 46 -74.07 48.71 -19.04
C ASP B 46 -73.06 49.21 -18.02
N ILE B 47 -72.11 50.00 -18.50
CA ILE B 47 -71.00 50.52 -17.71
C ILE B 47 -70.96 52.05 -17.81
N CYS B 48 -70.96 52.71 -16.66
CA CYS B 48 -70.75 54.15 -16.61
C CYS B 48 -69.26 54.40 -16.71
N LEU B 49 -68.86 55.04 -17.80
CA LEU B 49 -67.45 55.12 -18.18
C LEU B 49 -66.97 56.59 -18.23
N LEU B 50 -66.29 57.02 -17.17
CA LEU B 50 -65.91 58.43 -17.04
C LEU B 50 -64.41 58.63 -17.15
N THR B 51 -63.98 59.18 -18.28
CA THR B 51 -62.57 59.43 -18.46
C THR B 51 -62.14 60.68 -17.66
N GLU B 52 -60.83 60.87 -17.52
CA GLU B 52 -60.30 62.03 -16.84
C GLU B 52 -60.83 63.25 -17.57
N PRO B 53 -61.38 64.23 -16.83
CA PRO B 53 -62.01 65.40 -17.41
C PRO B 53 -61.00 66.41 -17.99
N VAL B 54 -59.96 65.91 -18.64
CA VAL B 54 -58.97 66.75 -19.30
C VAL B 54 -59.67 67.86 -20.09
N GLU B 55 -60.77 67.51 -20.73
CA GLU B 55 -61.45 68.44 -21.58
C GLU B 55 -61.90 69.67 -20.85
N LYS B 56 -62.58 69.47 -19.72
CA LYS B 56 -62.91 70.55 -18.81
C LYS B 56 -61.67 71.38 -18.44
N TRP B 57 -60.57 70.74 -18.07
CA TRP B 57 -59.39 71.46 -17.61
C TRP B 57 -58.75 72.25 -18.71
N ARG B 58 -59.03 71.88 -19.95
CA ARG B 58 -58.40 72.52 -21.10
C ARG B 58 -59.16 73.76 -21.47
N ASN B 59 -60.40 73.82 -21.02
CA ASN B 59 -61.32 74.85 -21.45
C ASN B 59 -62.32 75.20 -20.35
N VAL B 60 -61.92 76.15 -19.51
CA VAL B 60 -62.77 76.70 -18.45
C VAL B 60 -63.22 78.07 -18.87
N ASN B 61 -64.33 78.13 -19.60
CA ASN B 61 -64.76 79.33 -20.30
C ASN B 61 -63.63 79.98 -21.04
N GLY B 62 -62.88 79.17 -21.78
CA GLY B 62 -61.88 79.68 -22.69
C GLY B 62 -60.47 79.69 -22.15
N VAL B 63 -60.32 79.63 -20.83
CA VAL B 63 -59.00 79.54 -20.23
C VAL B 63 -58.56 78.08 -20.20
N ASN B 64 -57.35 77.83 -20.70
CA ASN B 64 -56.77 76.50 -20.62
C ASN B 64 -55.92 76.39 -19.36
N LEU B 65 -56.52 75.91 -18.28
CA LEU B 65 -55.80 75.82 -17.02
C LEU B 65 -54.63 74.85 -17.04
N LEU B 66 -54.77 73.74 -17.77
CA LEU B 66 -53.72 72.72 -17.86
C LEU B 66 -52.46 73.28 -18.49
N GLU B 67 -52.62 73.97 -19.60
CA GLU B 67 -51.47 74.58 -20.25
C GLU B 67 -50.79 75.57 -19.33
N LEU B 68 -51.59 76.43 -18.70
CA LEU B 68 -51.09 77.46 -17.82
C LEU B 68 -50.33 76.89 -16.63
N MET B 69 -50.86 75.81 -16.07
CA MET B 69 -50.22 75.17 -14.95
C MET B 69 -48.86 74.66 -15.37
N TYR B 70 -48.77 73.98 -16.51
CA TYR B 70 -47.47 73.45 -16.96
C TYR B 70 -46.48 74.54 -17.34
N LYS B 71 -46.99 75.61 -17.94
CA LYS B 71 -46.13 76.70 -18.37
C LYS B 71 -45.63 77.52 -17.19
N ASP B 72 -46.48 77.76 -16.21
CA ASP B 72 -46.11 78.57 -15.04
C ASP B 72 -46.65 77.99 -13.71
N PRO B 73 -46.00 76.92 -13.20
CA PRO B 73 -46.52 76.20 -12.03
C PRO B 73 -46.72 77.06 -10.80
N LYS B 74 -45.79 77.95 -10.48
CA LYS B 74 -45.88 78.73 -9.24
C LYS B 74 -47.11 79.65 -9.17
N LYS B 75 -47.67 79.98 -10.34
CA LYS B 75 -48.82 80.86 -10.46
C LYS B 75 -50.13 80.13 -10.61
N TRP B 76 -50.13 79.01 -11.31
CA TRP B 76 -51.38 78.32 -11.70
C TRP B 76 -51.66 76.95 -11.08
N ALA B 77 -50.73 76.39 -10.32
CA ALA B 77 -51.00 75.08 -9.74
C ALA B 77 -52.21 75.14 -8.85
N MET B 78 -52.20 76.09 -7.90
CA MET B 78 -53.30 76.31 -6.96
C MET B 78 -54.65 76.37 -7.65
N PRO B 79 -54.88 77.35 -8.56
CA PRO B 79 -56.19 77.31 -9.15
C PRO B 79 -56.46 76.03 -9.92
N PHE B 80 -55.47 75.55 -10.70
CA PHE B 80 -55.65 74.34 -11.51
C PHE B 80 -56.04 73.14 -10.69
N GLN B 81 -55.26 72.86 -9.66
CA GLN B 81 -55.60 71.78 -8.76
C GLN B 81 -56.95 71.93 -8.05
N SER B 82 -57.31 73.16 -7.70
CA SER B 82 -58.59 73.45 -7.11
C SER B 82 -59.66 73.03 -8.08
N TYR B 83 -59.45 73.36 -9.34
CA TYR B 83 -60.38 72.95 -10.38
C TYR B 83 -60.42 71.44 -10.60
N VAL B 84 -59.25 70.80 -10.60
CA VAL B 84 -59.22 69.36 -10.74
C VAL B 84 -60.10 68.75 -9.67
N THR B 85 -59.90 69.13 -8.42
CA THR B 85 -60.69 68.59 -7.32
C THR B 85 -62.18 68.68 -7.60
N LEU B 86 -62.60 69.81 -8.15
CA LEU B 86 -64.01 70.00 -8.38
C LEU B 86 -64.51 69.05 -9.47
N THR B 87 -63.79 68.97 -10.58
CA THR B 87 -64.18 68.05 -11.65
C THR B 87 -64.17 66.59 -11.19
N MET B 88 -63.26 66.27 -10.29
CA MET B 88 -63.27 64.94 -9.70
C MET B 88 -64.53 64.67 -8.91
N LEU B 89 -64.94 65.63 -8.08
CA LEU B 89 -66.20 65.54 -7.35
C LEU B 89 -67.41 65.46 -8.27
N GLN B 90 -67.38 66.23 -9.35
CA GLN B 90 -68.47 66.13 -10.29
C GLN B 90 -68.60 64.72 -10.85
N SER B 91 -67.47 64.07 -11.11
CA SER B 91 -67.49 62.68 -11.60
C SER B 91 -67.88 61.74 -10.46
N HIS B 92 -67.19 61.84 -9.33
CA HIS B 92 -67.48 60.97 -8.20
C HIS B 92 -68.94 60.95 -7.74
N THR B 93 -69.76 61.87 -8.24
CA THR B 93 -71.10 62.07 -7.67
C THR B 93 -72.16 62.16 -8.74
N ALA B 94 -71.76 62.26 -10.01
CA ALA B 94 -72.71 62.22 -11.11
C ALA B 94 -73.69 61.06 -10.89
N PRO B 95 -74.99 61.27 -11.14
CA PRO B 95 -75.89 60.15 -10.83
C PRO B 95 -75.88 59.15 -12.01
N THR B 96 -76.29 57.91 -11.75
CA THR B 96 -76.31 56.90 -12.82
C THR B 96 -77.22 55.70 -12.61
N ASN B 97 -77.78 55.21 -13.71
CA ASN B 97 -78.55 53.96 -13.73
C ASN B 97 -77.66 52.72 -13.54
N LYS B 98 -76.57 52.69 -14.31
CA LYS B 98 -75.71 51.52 -14.47
C LYS B 98 -75.24 50.88 -13.16
N LYS B 99 -74.93 49.58 -13.22
CA LYS B 99 -74.58 48.79 -12.02
C LYS B 99 -73.08 48.78 -11.72
N LEU B 100 -72.30 49.26 -12.68
CA LEU B 100 -70.86 49.43 -12.52
C LEU B 100 -70.41 50.81 -13.02
N LYS B 101 -69.45 51.41 -12.28
CA LYS B 101 -68.89 52.73 -12.65
C LYS B 101 -67.39 52.63 -12.68
N ILE B 102 -66.80 53.14 -13.77
CA ILE B 102 -65.34 53.17 -13.91
C ILE B 102 -64.83 54.59 -14.20
N MET B 103 -63.91 55.03 -13.35
CA MET B 103 -63.38 56.38 -13.43
C MET B 103 -61.89 56.35 -13.73
N GLU B 104 -61.46 57.13 -14.72
CA GLU B 104 -60.02 57.38 -14.88
C GLU B 104 -59.52 58.38 -13.80
N ARG B 105 -58.61 57.94 -12.95
CA ARG B 105 -58.08 58.77 -11.84
C ARG B 105 -59.20 59.09 -10.88
N SER B 106 -58.91 59.84 -9.81
CA SER B 106 -59.88 60.06 -8.76
C SER B 106 -59.50 61.26 -7.92
N ILE B 107 -60.37 61.65 -7.00
CA ILE B 107 -60.02 62.71 -6.06
C ILE B 107 -58.78 62.34 -5.24
N PHE B 108 -58.60 61.04 -4.99
CA PHE B 108 -57.48 60.57 -4.18
C PHE B 108 -56.13 60.74 -4.88
N SER B 109 -56.05 60.37 -6.16
CA SER B 109 -54.80 60.58 -6.87
C SER B 109 -54.45 62.05 -6.91
N ALA B 110 -55.47 62.89 -7.07
CA ALA B 110 -55.28 64.33 -7.07
C ALA B 110 -54.69 64.80 -5.72
N ARG B 111 -55.22 64.26 -4.64
CA ARG B 111 -54.75 64.71 -3.36
C ARG B 111 -53.39 64.13 -3.04
N TYR B 112 -53.31 62.80 -3.08
CA TYR B 112 -52.15 62.09 -2.56
C TYR B 112 -50.95 62.13 -3.46
N CYS B 113 -51.14 62.27 -4.77
CA CYS B 113 -49.99 62.29 -5.68
C CYS B 113 -49.69 63.70 -6.19
N PHE B 114 -50.59 64.26 -6.98
CA PHE B 114 -50.27 65.49 -7.66
C PHE B 114 -50.16 66.70 -6.73
N VAL B 115 -51.11 66.87 -5.81
CA VAL B 115 -51.03 68.02 -4.96
C VAL B 115 -49.80 67.86 -4.09
N GLU B 116 -49.68 66.69 -3.46
CA GLU B 116 -48.54 66.38 -2.62
C GLU B 116 -47.20 66.62 -3.33
N ASN B 117 -47.08 66.20 -4.58
CA ASN B 117 -45.86 66.45 -5.30
C ASN B 117 -45.59 67.90 -5.59
N MET B 118 -46.64 68.66 -5.91
CA MET B 118 -46.53 70.08 -6.21
C MET B 118 -46.13 70.91 -5.01
N ARG B 119 -46.49 70.43 -3.82
CA ARG B 119 -45.99 71.01 -2.59
C ARG B 119 -44.48 70.82 -2.51
N ARG B 120 -44.04 69.57 -2.67
CA ARG B 120 -42.63 69.20 -2.50
C ARG B 120 -41.69 69.93 -3.44
N ASN B 121 -42.08 70.13 -4.68
CA ASN B 121 -41.20 70.80 -5.62
C ASN B 121 -41.37 72.31 -5.68
N GLY B 122 -42.03 72.87 -4.66
CA GLY B 122 -42.15 74.32 -4.49
C GLY B 122 -43.19 75.02 -5.32
N SER B 123 -43.90 74.27 -6.18
CA SER B 123 -44.94 74.85 -7.03
C SER B 123 -46.11 75.41 -6.24
N LEU B 124 -46.56 74.67 -5.23
CA LEU B 124 -47.55 75.13 -4.25
C LEU B 124 -46.83 75.63 -2.99
N GLU B 125 -47.02 76.89 -2.65
CA GLU B 125 -46.56 77.39 -1.36
C GLU B 125 -47.43 76.90 -0.24
N GLN B 126 -46.91 76.95 0.97
CA GLN B 126 -47.58 76.39 2.14
C GLN B 126 -49.01 76.91 2.31
N GLY B 127 -49.20 78.23 2.13
CA GLY B 127 -50.53 78.82 2.18
C GLY B 127 -51.50 78.21 1.18
N MET B 128 -51.05 78.04 -0.07
CA MET B 128 -51.85 77.42 -1.11
C MET B 128 -52.12 75.96 -0.83
N TYR B 129 -51.09 75.22 -0.46
CA TYR B 129 -51.25 73.83 -0.16
C TYR B 129 -52.30 73.60 0.93
N ASN B 130 -52.19 74.36 2.02
CA ASN B 130 -53.08 74.21 3.15
C ASN B 130 -54.53 74.47 2.81
N THR B 131 -54.75 75.47 1.94
CA THR B 131 -56.08 75.76 1.44
C THR B 131 -56.65 74.55 0.77
N LEU B 132 -55.86 73.90 -0.09
CA LEU B 132 -56.31 72.71 -0.76
C LEU B 132 -56.63 71.62 0.22
N GLU B 133 -55.73 71.38 1.15
CA GLU B 133 -55.94 70.34 2.16
C GLU B 133 -57.16 70.56 3.01
N GLU B 134 -57.44 71.82 3.36
CA GLU B 134 -58.66 72.12 4.11
C GLU B 134 -59.93 71.72 3.34
N TRP B 135 -59.97 72.01 2.04
CA TRP B 135 -61.02 71.51 1.17
C TRP B 135 -61.10 69.98 1.15
N TYR B 136 -59.99 69.31 0.90
CA TYR B 136 -60.00 67.87 0.97
C TYR B 136 -60.57 67.35 2.30
N LYS B 137 -60.11 67.92 3.42
CA LYS B 137 -60.65 67.56 4.73
C LYS B 137 -62.16 67.74 4.80
N PHE B 138 -62.64 68.89 4.29
CA PHE B 138 -64.06 69.18 4.34
C PHE B 138 -64.79 68.20 3.47
N ILE B 139 -64.27 67.97 2.27
CA ILE B 139 -64.91 67.08 1.32
C ILE B 139 -65.08 65.67 1.88
N GLU B 140 -64.05 65.16 2.56
CA GLU B 140 -64.18 63.79 3.05
C GLU B 140 -65.25 63.63 4.13
N GLU B 141 -65.46 64.67 4.94
CA GLU B 141 -66.44 64.63 6.02
C GLU B 141 -67.87 64.91 5.57
N SER B 142 -68.05 65.32 4.32
CA SER B 142 -69.33 65.85 3.93
C SER B 142 -69.83 65.42 2.55
N ILE B 143 -68.96 64.84 1.73
CA ILE B 143 -69.39 64.33 0.43
C ILE B 143 -68.96 62.88 0.34
N HIS B 144 -69.85 62.04 -0.18
CA HIS B 144 -69.60 60.60 -0.32
C HIS B 144 -68.83 60.25 -1.59
N VAL B 145 -67.70 59.57 -1.41
CA VAL B 145 -66.83 59.15 -2.53
C VAL B 145 -66.75 57.63 -2.60
N GLN B 146 -67.55 57.06 -3.50
CA GLN B 146 -67.60 55.63 -3.72
C GLN B 146 -66.35 55.16 -4.40
N ALA B 147 -65.68 54.20 -3.76
CA ALA B 147 -64.48 53.62 -4.31
C ALA B 147 -64.34 52.17 -3.85
N ASP B 148 -64.67 51.23 -4.73
CA ASP B 148 -64.66 49.80 -4.34
C ASP B 148 -63.40 49.04 -4.75
N LEU B 149 -62.83 49.41 -5.89
CA LEU B 149 -61.65 48.73 -6.39
C LEU B 149 -60.85 49.75 -7.16
N ILE B 150 -59.54 49.68 -6.96
CA ILE B 150 -58.60 50.48 -7.73
C ILE B 150 -57.74 49.56 -8.59
N ILE B 151 -57.72 49.83 -9.89
CA ILE B 151 -56.80 49.13 -10.74
C ILE B 151 -55.56 50.03 -10.91
N TYR B 152 -54.44 49.58 -10.36
CA TYR B 152 -53.19 50.30 -10.52
C TYR B 152 -52.44 49.84 -11.78
N LEU B 153 -52.39 50.67 -12.81
CA LEU B 153 -51.49 50.42 -13.90
C LEU B 153 -50.08 50.84 -13.51
N ARG B 154 -49.36 49.88 -12.92
CA ARG B 154 -47.98 50.08 -12.48
C ARG B 154 -46.99 49.99 -13.62
N THR B 155 -46.09 50.97 -13.70
CA THR B 155 -45.06 51.01 -14.73
C THR B 155 -43.85 51.66 -14.15
N SER B 156 -42.75 51.67 -14.90
CA SER B 156 -41.54 52.35 -14.43
C SER B 156 -41.48 53.70 -15.11
N PRO B 157 -41.02 54.73 -14.36
CA PRO B 157 -40.79 56.08 -14.85
C PRO B 157 -40.27 56.13 -16.27
N GLU B 158 -39.29 55.28 -16.59
CA GLU B 158 -38.59 55.30 -17.86
C GLU B 158 -39.51 54.87 -19.00
N VAL B 159 -40.23 53.78 -18.79
CA VAL B 159 -41.18 53.27 -19.78
C VAL B 159 -42.23 54.33 -20.03
N ALA B 160 -42.69 54.96 -18.94
CA ALA B 160 -43.69 56.02 -18.99
C ALA B 160 -43.17 57.22 -19.76
N TYR B 161 -41.96 57.68 -19.42
CA TYR B 161 -41.32 58.78 -20.15
C TYR B 161 -41.23 58.54 -21.65
N GLU B 162 -40.71 57.37 -22.06
CA GLU B 162 -40.62 56.99 -23.49
C GLU B 162 -41.98 57.13 -24.18
N ARG B 163 -43.01 56.60 -23.50
CA ARG B 163 -44.39 56.62 -23.96
C ARG B 163 -44.88 58.03 -24.31
N ILE B 164 -44.77 58.94 -23.33
CA ILE B 164 -45.10 60.37 -23.47
C ILE B 164 -44.42 60.94 -24.71
N ARG B 165 -43.17 60.59 -24.91
CA ARG B 165 -42.42 61.03 -26.09
C ARG B 165 -42.98 60.58 -27.46
N GLN B 166 -43.31 59.29 -27.62
CA GLN B 166 -43.93 58.82 -28.86
C GLN B 166 -45.13 59.69 -29.18
N ARG B 167 -46.14 59.57 -28.33
CA ARG B 167 -47.47 60.19 -28.50
C ARG B 167 -47.50 61.63 -29.00
N ALA B 168 -48.69 62.00 -29.47
CA ALA B 168 -49.05 63.38 -29.77
C ALA B 168 -48.61 64.34 -28.65
N ARG B 169 -47.62 65.18 -28.95
CA ARG B 169 -47.20 66.27 -28.06
C ARG B 169 -48.42 66.98 -27.48
N SER B 170 -48.50 66.99 -26.14
CA SER B 170 -49.55 67.74 -25.41
C SER B 170 -48.87 68.85 -24.59
N GLU B 171 -49.50 69.23 -23.48
CA GLU B 171 -48.89 70.18 -22.54
C GLU B 171 -47.97 69.37 -21.63
N GLU B 172 -48.40 68.12 -21.38
CA GLU B 172 -47.69 67.16 -20.55
C GLU B 172 -46.40 66.65 -21.20
N SER B 173 -46.07 67.18 -22.38
CA SER B 173 -44.83 66.85 -23.10
C SER B 173 -43.66 67.27 -22.25
N CYS B 174 -43.46 68.58 -22.13
CA CYS B 174 -42.27 69.13 -21.55
C CYS B 174 -41.82 68.48 -20.22
N VAL B 175 -42.71 67.81 -19.51
CA VAL B 175 -42.35 67.19 -18.20
C VAL B 175 -41.03 66.43 -18.24
N PRO B 176 -40.17 66.64 -17.22
CA PRO B 176 -38.89 65.93 -17.02
C PRO B 176 -39.05 64.54 -16.42
N LEU B 177 -38.07 63.67 -16.66
CA LEU B 177 -38.12 62.32 -16.08
C LEU B 177 -38.17 62.41 -14.54
N LYS B 178 -37.48 63.41 -14.00
CA LYS B 178 -37.47 63.67 -12.56
C LYS B 178 -38.89 63.76 -11.94
N TYR B 179 -39.77 64.50 -12.63
CA TYR B 179 -41.18 64.63 -12.26
C TYR B 179 -41.90 63.29 -12.25
N LEU B 180 -41.74 62.50 -13.30
CA LEU B 180 -42.40 61.20 -13.39
C LEU B 180 -41.92 60.23 -12.34
N GLN B 181 -40.67 60.40 -11.90
CA GLN B 181 -40.09 59.61 -10.80
C GLN B 181 -40.73 59.94 -9.47
N GLU B 182 -40.80 61.24 -9.19
CA GLU B 182 -41.49 61.77 -8.02
C GLU B 182 -42.94 61.24 -7.98
N LEU B 183 -43.66 61.37 -9.09
CA LEU B 183 -45.02 60.87 -9.16
C LEU B 183 -45.10 59.39 -8.95
N HIS B 184 -44.14 58.66 -9.50
CA HIS B 184 -44.13 57.21 -9.43
C HIS B 184 -44.06 56.76 -7.98
N GLU B 185 -43.08 57.31 -7.26
CA GLU B 185 -42.86 56.99 -5.85
C GLU B 185 -44.10 57.30 -5.02
N LEU B 186 -44.83 58.36 -5.38
CA LEU B 186 -46.05 58.78 -4.66
C LEU B 186 -47.19 57.79 -4.86
N HIS B 187 -47.31 57.27 -6.08
CA HIS B 187 -48.31 56.25 -6.35
C HIS B 187 -47.96 54.97 -5.61
N GLU B 188 -46.66 54.65 -5.60
CA GLU B 188 -46.18 53.44 -4.92
C GLU B 188 -46.48 53.52 -3.43
N ASP B 189 -46.22 54.68 -2.84
CA ASP B 189 -46.47 54.93 -1.41
C ASP B 189 -47.93 54.74 -1.08
N TRP B 190 -48.79 55.26 -1.96
CA TRP B 190 -50.22 55.19 -1.76
C TRP B 190 -50.78 53.79 -2.02
N LEU B 191 -50.34 53.14 -3.09
CA LEU B 191 -51.01 51.93 -3.56
C LEU B 191 -50.37 50.59 -3.18
N ILE B 192 -49.08 50.60 -2.84
CA ILE B 192 -48.34 49.39 -2.43
C ILE B 192 -47.84 49.41 -0.99
N HIS B 193 -47.18 50.50 -0.60
CA HIS B 193 -46.58 50.63 0.73
C HIS B 193 -47.53 51.27 1.77
N GLN B 194 -48.81 50.84 1.79
CA GLN B 194 -49.83 51.37 2.74
C GLN B 194 -50.07 52.91 2.66
N CYS B 200 -59.60 50.29 0.58
CA CYS B 200 -60.19 49.29 -0.33
C CYS B 200 -59.12 48.54 -1.15
N LYS B 201 -59.56 47.50 -1.87
CA LYS B 201 -58.65 46.57 -2.56
C LYS B 201 -57.98 47.19 -3.78
N VAL B 202 -56.68 46.91 -3.94
CA VAL B 202 -55.93 47.34 -5.10
C VAL B 202 -55.50 46.15 -5.98
N LEU B 203 -55.81 46.24 -7.27
CA LEU B 203 -55.44 45.22 -8.25
C LEU B 203 -54.34 45.76 -9.12
N VAL B 204 -53.11 45.33 -8.86
CA VAL B 204 -51.96 45.83 -9.61
C VAL B 204 -51.80 45.08 -10.93
N LEU B 205 -51.62 45.83 -12.01
CA LEU B 205 -51.36 45.24 -13.32
C LEU B 205 -50.04 45.76 -13.84
N ASP B 206 -49.23 44.87 -14.39
CA ASP B 206 -47.95 45.26 -14.98
C ASP B 206 -48.17 45.75 -16.42
N ALA B 207 -48.06 47.07 -16.59
CA ALA B 207 -48.34 47.71 -17.88
C ALA B 207 -47.09 47.95 -18.73
N ASP B 208 -46.28 46.89 -18.92
CA ASP B 208 -45.04 46.91 -19.74
C ASP B 208 -45.01 45.80 -20.78
N THR C 12 28.08 39.01 -7.19
CA THR C 12 26.87 39.68 -6.63
C THR C 12 26.02 38.76 -5.75
N LYS C 13 25.79 37.52 -6.21
CA LYS C 13 24.95 36.55 -5.50
C LYS C 13 25.37 36.32 -4.05
N TYR C 14 24.38 36.15 -3.17
CA TYR C 14 24.65 35.90 -1.76
C TYR C 14 25.44 34.59 -1.56
N ALA C 15 26.43 34.63 -0.66
CA ALA C 15 27.29 33.47 -0.37
C ALA C 15 28.10 32.94 -1.58
N GLU C 16 28.32 33.79 -2.57
CA GLU C 16 29.11 33.41 -3.74
C GLU C 16 30.58 33.30 -3.35
N GLY C 17 31.26 32.28 -3.87
CA GLY C 17 32.66 32.01 -3.59
C GLY C 17 33.04 31.80 -2.11
N THR C 18 32.05 31.52 -1.25
CA THR C 18 32.30 31.28 0.17
C THR C 18 32.09 29.81 0.52
N GLN C 19 31.94 28.98 -0.52
CA GLN C 19 31.60 27.57 -0.36
C GLN C 19 32.63 26.62 -0.97
N PRO C 20 32.96 25.52 -0.26
CA PRO C 20 33.91 24.54 -0.74
C PRO C 20 33.20 23.52 -1.62
N PHE C 21 33.95 22.55 -2.14
CA PHE C 21 33.39 21.45 -2.90
C PHE C 21 32.18 20.84 -2.15
N THR C 22 31.04 20.70 -2.82
CA THR C 22 29.83 20.25 -2.16
C THR C 22 29.22 19.01 -2.80
N VAL C 23 28.86 18.04 -1.98
CA VAL C 23 28.27 16.82 -2.45
C VAL C 23 26.87 16.72 -1.90
N LEU C 24 25.90 16.51 -2.76
CA LEU C 24 24.49 16.38 -2.37
C LEU C 24 24.06 14.94 -2.37
N ILE C 25 23.59 14.44 -1.25
CA ILE C 25 23.07 13.06 -1.21
C ILE C 25 21.59 13.05 -1.57
N GLU C 26 21.28 12.57 -2.76
CA GLU C 26 19.88 12.47 -3.15
C GLU C 26 19.29 11.06 -3.00
N GLY C 27 17.98 10.95 -2.96
CA GLY C 27 17.37 9.62 -2.89
C GLY C 27 15.97 9.71 -2.34
N ASN C 28 15.09 8.79 -2.77
CA ASN C 28 13.72 8.68 -2.28
C ASN C 28 13.66 8.53 -0.74
N ILE C 29 12.50 8.77 -0.16
CA ILE C 29 12.28 8.48 1.26
C ILE C 29 12.49 6.99 1.47
N GLY C 30 13.25 6.63 2.50
CA GLY C 30 13.53 5.24 2.82
C GLY C 30 14.53 4.57 1.87
N SER C 31 15.41 5.37 1.25
CA SER C 31 16.46 4.82 0.41
C SER C 31 17.74 4.67 1.20
N GLY C 32 17.61 4.71 2.53
CA GLY C 32 18.76 4.59 3.45
C GLY C 32 19.77 5.72 3.42
N LYS C 33 19.31 6.97 3.34
CA LYS C 33 20.21 8.11 3.29
C LYS C 33 20.82 8.42 4.65
N THR C 34 20.02 8.27 5.71
CA THR C 34 20.49 8.51 7.08
C THR C 34 21.61 7.52 7.41
N THR C 35 21.35 6.24 7.15
CA THR C 35 22.33 5.16 7.26
C THR C 35 23.62 5.48 6.51
N TYR C 36 23.49 5.78 5.22
CA TYR C 36 24.63 6.10 4.38
C TYR C 36 25.43 7.28 4.94
N LEU C 37 24.76 8.22 5.58
CA LEU C 37 25.43 9.41 6.07
C LEU C 37 26.16 9.21 7.37
N ASN C 38 25.69 8.24 8.15
CA ASN C 38 26.34 7.86 9.41
C ASN C 38 27.78 7.40 9.20
N HIS C 39 28.04 6.81 8.03
CA HIS C 39 29.41 6.39 7.71
C HIS C 39 30.40 7.56 7.60
N PHE C 40 29.88 8.77 7.50
CA PHE C 40 30.74 9.96 7.35
C PHE C 40 30.95 10.64 8.68
N GLU C 41 30.18 10.22 9.67
CA GLU C 41 30.22 10.77 11.02
C GLU C 41 31.64 11.04 11.51
N LYS C 42 32.46 10.00 11.53
CA LYS C 42 33.84 10.11 12.03
C LYS C 42 34.76 11.10 11.29
N TYR C 43 34.27 11.74 10.24
CA TYR C 43 35.11 12.69 9.52
C TYR C 43 34.71 14.12 9.78
N LYS C 44 33.81 14.31 10.76
CA LYS C 44 33.33 15.62 11.18
C LYS C 44 34.40 16.71 11.15
N ASN C 45 35.64 16.34 11.49
CA ASN C 45 36.73 17.30 11.63
C ASN C 45 37.22 17.91 10.32
N ASP C 46 37.09 17.18 9.21
CA ASP C 46 37.59 17.68 7.92
C ASP C 46 36.48 17.83 6.88
N ILE C 47 35.28 17.35 7.25
CA ILE C 47 34.10 17.34 6.40
C ILE C 47 32.96 18.08 7.10
N CYS C 48 32.37 19.05 6.40
CA CYS C 48 31.15 19.72 6.84
C CYS C 48 29.98 18.83 6.49
N LEU C 49 29.29 18.33 7.52
CA LEU C 49 28.35 17.25 7.35
C LEU C 49 26.96 17.69 7.82
N LEU C 50 26.14 18.13 6.87
CA LEU C 50 24.79 18.62 7.15
C LEU C 50 23.68 17.64 6.79
N THR C 51 23.05 17.07 7.79
CA THR C 51 21.91 16.19 7.53
C THR C 51 20.66 17.00 7.20
N GLU C 52 19.64 16.32 6.66
CA GLU C 52 18.36 16.92 6.36
C GLU C 52 17.81 17.57 7.63
N PRO C 53 17.44 18.86 7.58
CA PRO C 53 17.02 19.59 8.80
C PRO C 53 15.63 19.15 9.33
N VAL C 54 15.35 17.85 9.29
CA VAL C 54 14.10 17.31 9.81
C VAL C 54 13.78 17.94 11.17
N GLU C 55 14.82 18.13 12.00
CA GLU C 55 14.64 18.67 13.36
C GLU C 55 13.96 20.01 13.35
N LYS C 56 14.49 20.94 12.54
CA LYS C 56 13.84 22.22 12.34
C LYS C 56 12.39 22.04 11.89
N TRP C 57 12.11 21.14 10.96
CA TRP C 57 10.76 21.02 10.43
C TRP C 57 9.78 20.45 11.44
N ARG C 58 10.33 19.79 12.46
CA ARG C 58 9.50 19.10 13.46
C ARG C 58 9.11 20.06 14.55
N ASN C 59 9.88 21.12 14.68
CA ASN C 59 9.73 22.07 15.77
C ASN C 59 10.07 23.50 15.35
N VAL C 60 9.06 24.20 14.83
CA VAL C 60 9.19 25.60 14.43
C VAL C 60 8.47 26.39 15.49
N ASN C 61 9.24 26.81 16.51
CA ASN C 61 8.69 27.35 17.74
C ASN C 61 7.48 26.56 18.21
N GLY C 62 7.66 25.24 18.25
CA GLY C 62 6.66 24.36 18.84
C GLY C 62 5.71 23.72 17.87
N VAL C 63 5.58 24.30 16.70
CA VAL C 63 4.69 23.72 15.70
C VAL C 63 5.44 22.63 14.92
N ASN C 64 4.85 21.45 14.83
CA ASN C 64 5.46 20.37 14.02
C ASN C 64 4.94 20.38 12.58
N LEU C 65 5.61 21.11 11.71
CA LEU C 65 5.12 21.27 10.33
C LEU C 65 5.03 19.96 9.55
N LEU C 66 6.00 19.08 9.78
CA LEU C 66 6.07 17.81 9.06
C LEU C 66 4.85 16.95 9.36
N GLU C 67 4.51 16.86 10.64
CA GLU C 67 3.35 16.05 11.03
C GLU C 67 2.09 16.63 10.41
N LEU C 68 1.95 17.94 10.49
CA LEU C 68 0.78 18.62 10.00
C LEU C 68 0.63 18.46 8.51
N MET C 69 1.77 18.53 7.81
CA MET C 69 1.76 18.36 6.37
C MET C 69 1.25 16.98 6.01
N TYR C 70 1.74 15.96 6.71
CA TYR C 70 1.34 14.58 6.40
C TYR C 70 -0.10 14.27 6.81
N LYS C 71 -0.53 14.87 7.91
CA LYS C 71 -1.88 14.65 8.40
C LYS C 71 -2.89 15.40 7.55
N ASP C 72 -2.56 16.63 7.13
CA ASP C 72 -3.50 17.47 6.31
C ASP C 72 -2.79 18.19 5.13
N PRO C 73 -2.48 17.45 4.05
CA PRO C 73 -1.67 18.01 2.98
C PRO C 73 -2.24 19.26 2.33
N LYS C 74 -3.55 19.29 2.07
CA LYS C 74 -4.15 20.42 1.33
C LYS C 74 -4.01 21.75 2.08
N LYS C 75 -3.82 21.66 3.40
CA LYS C 75 -3.75 22.82 4.26
C LYS C 75 -2.30 23.23 4.56
N TRP C 76 -1.41 22.24 4.73
CA TRP C 76 -0.06 22.53 5.25
C TRP C 76 1.13 22.35 4.28
N ALA C 77 0.90 21.72 3.14
CA ALA C 77 1.98 21.56 2.18
C ALA C 77 2.65 22.89 1.89
N MET C 78 1.86 23.88 1.47
CA MET C 78 2.38 25.19 1.13
C MET C 78 3.29 25.76 2.23
N PRO C 79 2.77 25.89 3.47
CA PRO C 79 3.72 26.48 4.44
C PRO C 79 4.89 25.53 4.74
N PHE C 80 4.60 24.24 4.86
CA PHE C 80 5.66 23.27 5.08
C PHE C 80 6.80 23.39 4.06
N GLN C 81 6.46 23.31 2.77
CA GLN C 81 7.46 23.37 1.70
C GLN C 81 8.19 24.70 1.67
N SER C 82 7.47 25.76 2.07
CA SER C 82 8.04 27.08 2.08
C SER C 82 9.16 27.07 3.07
N TYR C 83 8.87 26.40 4.19
CA TYR C 83 9.85 26.26 5.25
C TYR C 83 11.03 25.34 4.89
N VAL C 84 10.71 24.22 4.25
CA VAL C 84 11.76 23.36 3.72
C VAL C 84 12.73 24.19 2.86
N THR C 85 12.20 24.91 1.87
CA THR C 85 13.07 25.69 1.03
C THR C 85 14.01 26.55 1.85
N LEU C 86 13.48 27.17 2.88
CA LEU C 86 14.26 28.11 3.66
C LEU C 86 15.38 27.36 4.37
N THR C 87 15.02 26.27 5.04
CA THR C 87 16.04 25.48 5.75
C THR C 87 17.12 24.96 4.83
N MET C 88 16.72 24.63 3.59
CA MET C 88 17.65 24.20 2.56
C MET C 88 18.64 25.31 2.22
N LEU C 89 18.14 26.53 2.07
CA LEU C 89 18.99 27.67 1.81
C LEU C 89 19.94 27.91 2.95
N GLN C 90 19.44 27.68 4.17
CA GLN C 90 20.26 27.92 5.32
C GLN C 90 21.46 26.98 5.29
N SER C 91 21.21 25.73 4.92
CA SER C 91 22.27 24.76 4.73
C SER C 91 23.18 25.11 3.54
N HIS C 92 22.58 25.33 2.37
CA HIS C 92 23.35 25.66 1.17
C HIS C 92 24.24 26.88 1.31
N THR C 93 24.14 27.62 2.41
CA THR C 93 24.87 28.89 2.50
C THR C 93 25.60 29.08 3.80
N ALA C 94 25.33 28.21 4.78
CA ALA C 94 26.06 28.21 6.04
C ALA C 94 27.56 28.33 5.75
N PRO C 95 28.27 29.20 6.49
CA PRO C 95 29.68 29.37 6.11
C PRO C 95 30.50 28.22 6.72
N THR C 96 31.68 27.94 6.16
CA THR C 96 32.52 26.83 6.66
C THR C 96 34.00 26.91 6.32
N ASN C 97 34.83 26.46 7.26
CA ASN C 97 36.27 26.26 7.06
C ASN C 97 36.58 25.09 6.13
N LYS C 98 35.90 23.97 6.35
CA LYS C 98 36.20 22.67 5.74
C LYS C 98 36.29 22.69 4.21
N LYS C 99 37.08 21.78 3.67
CA LYS C 99 37.38 21.76 2.23
C LYS C 99 36.35 20.93 1.43
N LEU C 100 35.51 20.18 2.14
CA LEU C 100 34.44 19.40 1.53
C LEU C 100 33.16 19.59 2.31
N LYS C 101 32.02 19.69 1.61
CA LYS C 101 30.72 19.81 2.26
C LYS C 101 29.79 18.73 1.74
N ILE C 102 29.06 18.07 2.63
CA ILE C 102 28.12 17.03 2.21
C ILE C 102 26.74 17.30 2.80
N MET C 103 25.73 17.41 1.94
CA MET C 103 24.36 17.71 2.35
C MET C 103 23.39 16.59 2.04
N GLU C 104 22.58 16.20 3.01
CA GLU C 104 21.52 15.25 2.73
C GLU C 104 20.37 16.01 2.08
N ARG C 105 20.03 15.64 0.86
CA ARG C 105 18.99 16.34 0.08
C ARG C 105 19.40 17.76 -0.20
N SER C 106 18.59 18.52 -0.93
CA SER C 106 19.02 19.83 -1.39
C SER C 106 17.81 20.67 -1.73
N ILE C 107 18.06 21.92 -2.14
CA ILE C 107 16.99 22.78 -2.61
C ILE C 107 16.36 22.23 -3.88
N PHE C 108 17.16 21.50 -4.66
CA PHE C 108 16.71 20.94 -5.93
C PHE C 108 15.77 19.78 -5.73
N SER C 109 16.07 18.89 -4.82
CA SER C 109 15.15 17.77 -4.62
C SER C 109 13.83 18.29 -4.12
N ALA C 110 13.88 19.36 -3.32
CA ALA C 110 12.67 20.00 -2.80
C ALA C 110 11.83 20.54 -3.98
N ARG C 111 12.50 21.25 -4.87
CA ARG C 111 11.79 21.82 -5.97
C ARG C 111 11.30 20.77 -6.94
N TYR C 112 12.22 19.96 -7.44
CA TYR C 112 11.97 19.08 -8.59
C TYR C 112 11.23 17.80 -8.27
N CYS C 113 11.27 17.35 -7.03
CA CYS C 113 10.56 16.13 -6.67
C CYS C 113 9.37 16.46 -5.79
N PHE C 114 9.62 16.94 -4.58
CA PHE C 114 8.53 17.03 -3.63
C PHE C 114 7.50 18.08 -4.05
N VAL C 115 7.93 19.29 -4.36
CA VAL C 115 6.94 20.32 -4.66
C VAL C 115 6.17 19.89 -5.89
N GLU C 116 6.92 19.45 -6.90
CA GLU C 116 6.34 19.03 -8.15
C GLU C 116 5.32 17.92 -7.94
N ASN C 117 5.65 16.95 -7.07
CA ASN C 117 4.70 15.87 -6.82
C ASN C 117 3.44 16.34 -6.08
N MET C 118 3.62 17.31 -5.18
CA MET C 118 2.52 17.85 -4.39
C MET C 118 1.56 18.66 -5.26
N ARG C 119 2.09 19.24 -6.31
CA ARG C 119 1.24 19.88 -7.29
C ARG C 119 0.36 18.85 -7.99
N ARG C 120 1.00 17.81 -8.55
CA ARG C 120 0.31 16.76 -9.29
C ARG C 120 -0.78 16.03 -8.51
N ASN C 121 -0.56 15.74 -7.23
CA ASN C 121 -1.56 14.99 -6.46
C ASN C 121 -2.55 15.90 -5.71
N GLY C 122 -2.63 17.15 -6.17
CA GLY C 122 -3.64 18.10 -5.71
C GLY C 122 -3.38 18.78 -4.38
N SER C 123 -2.34 18.34 -3.68
CA SER C 123 -2.01 18.89 -2.36
C SER C 123 -1.71 20.40 -2.41
N LEU C 124 -0.92 20.83 -3.40
CA LEU C 124 -0.68 22.25 -3.66
C LEU C 124 -1.57 22.71 -4.81
N GLU C 125 -2.41 23.71 -4.55
CA GLU C 125 -3.22 24.29 -5.60
C GLU C 125 -2.36 25.21 -6.43
N GLN C 126 -2.80 25.47 -7.67
CA GLN C 126 -2.02 26.25 -8.61
C GLN C 126 -1.45 27.53 -7.97
N GLY C 127 -2.29 28.29 -7.25
CA GLY C 127 -1.83 29.53 -6.65
C GLY C 127 -0.67 29.32 -5.69
N MET C 128 -0.77 28.24 -4.92
CA MET C 128 0.27 27.92 -3.93
C MET C 128 1.53 27.51 -4.65
N TYR C 129 1.38 26.57 -5.57
CA TYR C 129 2.51 26.10 -6.34
C TYR C 129 3.25 27.27 -6.97
N ASN C 130 2.53 28.18 -7.63
CA ASN C 130 3.17 29.29 -8.36
C ASN C 130 3.98 30.23 -7.48
N THR C 131 3.50 30.38 -6.24
CA THR C 131 4.19 31.17 -5.23
C THR C 131 5.51 30.53 -4.88
N LEU C 132 5.49 29.23 -4.68
CA LEU C 132 6.73 28.49 -4.44
C LEU C 132 7.67 28.63 -5.61
N GLU C 133 7.17 28.40 -6.82
CA GLU C 133 8.00 28.53 -8.00
C GLU C 133 8.60 29.91 -8.14
N GLU C 134 7.85 30.95 -7.84
CA GLU C 134 8.41 32.32 -7.97
C GLU C 134 9.60 32.49 -7.05
N TRP C 135 9.49 31.91 -5.85
CA TRP C 135 10.61 31.90 -4.90
C TRP C 135 11.82 31.18 -5.44
N TYR C 136 11.63 29.95 -5.88
CA TYR C 136 12.73 29.23 -6.51
C TYR C 136 13.38 30.03 -7.62
N LYS C 137 12.58 30.64 -8.51
CA LYS C 137 13.10 31.47 -9.60
C LYS C 137 13.93 32.63 -9.08
N PHE C 138 13.44 33.26 -8.01
CA PHE C 138 14.16 34.38 -7.44
C PHE C 138 15.39 33.91 -6.76
N ILE C 139 15.30 32.78 -6.07
CA ILE C 139 16.47 32.23 -5.38
C ILE C 139 17.58 31.91 -6.35
N GLU C 140 17.26 31.30 -7.50
CA GLU C 140 18.32 30.89 -8.41
C GLU C 140 19.05 32.06 -9.05
N GLU C 141 18.37 33.20 -9.21
CA GLU C 141 18.98 34.39 -9.79
C GLU C 141 19.77 35.24 -8.79
N SER C 142 19.64 34.93 -7.51
CA SER C 142 20.12 35.85 -6.50
C SER C 142 20.90 35.21 -5.34
N ILE C 143 20.75 33.91 -5.18
CA ILE C 143 21.50 33.22 -4.14
C ILE C 143 22.32 32.10 -4.77
N HIS C 144 23.57 31.96 -4.32
CA HIS C 144 24.50 30.97 -4.87
C HIS C 144 24.32 29.59 -4.23
N VAL C 145 24.04 28.57 -5.05
CA VAL C 145 23.87 27.20 -4.55
C VAL C 145 24.95 26.28 -5.11
N GLN C 146 25.98 26.05 -4.29
CA GLN C 146 27.10 25.20 -4.67
C GLN C 146 26.66 23.75 -4.71
N ALA C 147 26.93 23.11 -5.84
CA ALA C 147 26.58 21.69 -6.05
C ALA C 147 27.52 21.08 -7.07
N ASP C 148 28.51 20.32 -6.62
CA ASP C 148 29.53 19.78 -7.52
C ASP C 148 29.31 18.33 -7.90
N LEU C 149 28.75 17.55 -7.00
CA LEU C 149 28.49 16.16 -7.25
C LEU C 149 27.26 15.78 -6.50
N ILE C 150 26.42 14.99 -7.13
CA ILE C 150 25.26 14.40 -6.48
C ILE C 150 25.45 12.91 -6.42
N ILE C 151 25.30 12.32 -5.24
CA ILE C 151 25.28 10.87 -5.10
C ILE C 151 23.83 10.45 -5.00
N TYR C 152 23.33 9.80 -6.05
CA TYR C 152 21.95 9.32 -6.07
C TYR C 152 21.86 7.91 -5.53
N LEU C 153 21.28 7.76 -4.33
CA LEU C 153 20.97 6.42 -3.78
C LEU C 153 19.73 5.88 -4.44
N ARG C 154 19.93 5.22 -5.58
CA ARG C 154 18.83 4.71 -6.39
C ARG C 154 18.29 3.42 -5.79
N THR C 155 16.98 3.33 -5.66
CA THR C 155 16.34 2.11 -5.15
C THR C 155 15.03 1.90 -5.88
N SER C 156 14.35 0.79 -5.58
CA SER C 156 13.02 0.60 -6.12
C SER C 156 11.98 0.94 -5.05
N PRO C 157 10.85 1.58 -5.45
CA PRO C 157 9.73 1.91 -4.57
C PRO C 157 9.45 0.84 -3.55
N GLU C 158 9.44 -0.42 -3.98
CA GLU C 158 9.05 -1.56 -3.13
C GLU C 158 10.06 -1.78 -2.02
N VAL C 159 11.34 -1.73 -2.37
CA VAL C 159 12.44 -1.87 -1.39
C VAL C 159 12.36 -0.73 -0.37
N ALA C 160 12.12 0.46 -0.89
CA ALA C 160 11.98 1.67 -0.08
C ALA C 160 10.79 1.59 0.86
N TYR C 161 9.63 1.19 0.32
CA TYR C 161 8.43 0.95 1.13
C TYR C 161 8.70 -0.01 2.29
N GLU C 162 9.41 -1.10 1.99
CA GLU C 162 9.76 -2.08 3.00
C GLU C 162 10.56 -1.46 4.17
N ARG C 163 11.66 -0.79 3.84
CA ARG C 163 12.55 -0.14 4.83
C ARG C 163 11.84 0.84 5.80
N ILE C 164 10.66 1.34 5.44
CA ILE C 164 9.85 2.18 6.36
C ILE C 164 9.04 1.36 7.39
N ARG C 165 8.37 0.29 6.92
CA ARG C 165 7.60 -0.63 7.77
C ARG C 165 8.45 -1.36 8.84
N GLN C 166 9.77 -1.45 8.60
CA GLN C 166 10.70 -2.04 9.57
C GLN C 166 11.26 -0.97 10.52
N ARG C 167 11.47 0.24 10.01
CA ARG C 167 11.94 1.35 10.85
C ARG C 167 10.85 1.75 11.86
N ALA C 168 11.26 2.11 13.07
CA ALA C 168 10.35 2.26 14.22
C ALA C 168 9.02 3.02 14.03
N ARG C 169 8.92 3.83 12.97
CA ARG C 169 7.66 4.48 12.54
C ARG C 169 7.71 5.97 12.90
N SER C 170 7.61 6.81 11.87
CA SER C 170 7.70 8.28 11.96
C SER C 170 6.44 8.95 11.37
N GLU C 171 6.50 10.27 11.20
CA GLU C 171 5.47 11.02 10.50
C GLU C 171 5.21 10.40 9.13
N GLU C 172 6.32 10.08 8.44
CA GLU C 172 6.32 9.52 7.09
C GLU C 172 5.80 8.09 7.01
N SER C 173 5.88 7.36 8.12
CA SER C 173 5.51 5.93 8.12
C SER C 173 4.20 5.64 7.41
N CYS C 174 3.32 6.63 7.36
CA CYS C 174 1.99 6.40 6.81
C CYS C 174 1.85 6.36 5.29
N VAL C 175 2.85 6.89 4.59
CA VAL C 175 2.79 7.05 3.13
C VAL C 175 2.49 5.77 2.36
N PRO C 176 1.64 5.88 1.33
CA PRO C 176 1.28 4.76 0.46
C PRO C 176 2.40 4.48 -0.52
N LEU C 177 2.49 3.24 -0.99
CA LEU C 177 3.45 2.87 -2.04
C LEU C 177 3.29 3.74 -3.31
N LYS C 178 2.06 4.09 -3.66
CA LYS C 178 1.76 4.98 -4.77
C LYS C 178 2.60 6.28 -4.73
N TYR C 179 2.67 6.87 -3.53
CA TYR C 179 3.44 8.10 -3.26
C TYR C 179 4.92 7.89 -3.53
N LEU C 180 5.47 6.80 -3.01
CA LEU C 180 6.86 6.49 -3.22
C LEU C 180 7.18 6.21 -4.68
N GLN C 181 6.18 5.75 -5.44
CA GLN C 181 6.35 5.49 -6.86
C GLN C 181 6.50 6.81 -7.58
N GLU C 182 5.57 7.71 -7.29
CA GLU C 182 5.53 9.03 -7.87
C GLU C 182 6.86 9.73 -7.59
N LEU C 183 7.33 9.65 -6.36
CA LEU C 183 8.60 10.26 -5.99
C LEU C 183 9.78 9.66 -6.71
N HIS C 184 9.72 8.34 -6.87
CA HIS C 184 10.79 7.60 -7.54
C HIS C 184 10.92 8.05 -8.99
N GLU C 185 9.80 8.08 -9.70
CA GLU C 185 9.81 8.54 -11.09
C GLU C 185 10.34 9.95 -11.23
N LEU C 186 10.03 10.80 -10.24
CA LEU C 186 10.50 12.18 -10.26
C LEU C 186 12.02 12.32 -10.03
N HIS C 187 12.58 11.45 -9.19
CA HIS C 187 14.02 11.39 -9.03
C HIS C 187 14.71 10.87 -10.28
N GLU C 188 14.11 9.86 -10.88
CA GLU C 188 14.62 9.26 -12.11
C GLU C 188 14.66 10.30 -13.23
N ASP C 189 13.57 11.06 -13.39
CA ASP C 189 13.47 12.12 -14.38
C ASP C 189 14.59 13.16 -14.23
N TRP C 190 14.86 13.50 -12.98
CA TRP C 190 15.82 14.53 -12.68
C TRP C 190 17.24 13.98 -12.80
N LEU C 191 17.44 12.77 -12.32
CA LEU C 191 18.79 12.25 -12.16
C LEU C 191 19.30 11.25 -13.19
N ILE C 192 18.44 10.37 -13.68
CA ILE C 192 18.83 9.42 -14.72
C ILE C 192 18.46 9.99 -16.08
N HIS C 193 17.18 10.07 -16.39
CA HIS C 193 16.74 10.68 -17.66
C HIS C 193 17.25 12.11 -17.92
N GLN C 194 18.11 12.64 -17.05
CA GLN C 194 18.59 14.05 -17.02
C GLN C 194 17.59 15.14 -17.51
N ARG C 195 16.31 15.05 -17.09
CA ARG C 195 15.22 15.88 -17.62
C ARG C 195 14.93 17.24 -16.95
N ARG C 196 15.81 17.73 -16.07
CA ARG C 196 15.68 19.08 -15.46
C ARG C 196 17.00 19.87 -15.59
N PRO C 197 16.93 21.22 -15.54
CA PRO C 197 18.07 22.09 -15.83
C PRO C 197 19.37 21.71 -15.16
N GLN C 198 19.33 20.65 -14.36
CA GLN C 198 20.48 20.19 -13.55
C GLN C 198 21.79 20.04 -14.31
N SER C 199 22.72 20.95 -14.04
CA SER C 199 24.10 20.75 -14.50
C SER C 199 25.07 20.48 -13.33
N CYS C 200 25.44 19.19 -13.23
CA CYS C 200 26.65 18.67 -12.58
C CYS C 200 26.58 17.13 -12.59
N LYS C 201 27.71 16.48 -12.27
CA LYS C 201 27.84 15.04 -12.40
C LYS C 201 27.03 14.29 -11.36
N VAL C 202 26.41 13.19 -11.77
CA VAL C 202 25.65 12.32 -10.86
C VAL C 202 26.29 10.94 -10.74
N LEU C 203 26.53 10.52 -9.52
CA LEU C 203 27.11 9.23 -9.23
C LEU C 203 26.01 8.32 -8.68
N VAL C 204 25.53 7.40 -9.49
CA VAL C 204 24.43 6.53 -9.08
C VAL C 204 24.97 5.33 -8.31
N LEU C 205 24.37 5.04 -7.15
CA LEU C 205 24.73 3.86 -6.37
C LEU C 205 23.51 2.99 -6.19
N ASP C 206 23.67 1.69 -6.36
CA ASP C 206 22.57 0.76 -6.16
C ASP C 206 22.45 0.42 -4.69
N ALA C 207 21.42 0.97 -4.05
CA ALA C 207 21.19 0.80 -2.62
C ALA C 207 20.22 -0.35 -2.28
N ASP C 208 20.52 -1.55 -2.80
CA ASP C 208 19.73 -2.78 -2.54
C ASP C 208 20.62 -3.95 -2.10
N THR D 12 29.04 41.22 2.75
CA THR D 12 28.53 39.84 2.49
C THR D 12 27.07 39.84 2.01
N LYS D 13 26.22 40.61 2.68
CA LYS D 13 24.77 40.66 2.35
C LYS D 13 24.50 40.92 0.86
N TYR D 14 23.47 40.26 0.32
CA TYR D 14 23.07 40.46 -1.08
C TYR D 14 22.64 41.90 -1.33
N ALA D 15 23.05 42.46 -2.48
CA ALA D 15 22.76 43.84 -2.90
C ALA D 15 23.26 44.93 -1.91
N GLU D 16 24.30 44.58 -1.13
CA GLU D 16 24.91 45.52 -0.19
C GLU D 16 25.70 46.57 -0.96
N GLY D 17 25.57 47.85 -0.53
CA GLY D 17 26.24 48.99 -1.16
C GLY D 17 25.96 49.20 -2.66
N THR D 18 24.88 48.60 -3.17
CA THR D 18 24.47 48.76 -4.58
C THR D 18 23.20 49.66 -4.71
N GLN D 19 22.84 50.29 -3.60
CA GLN D 19 21.57 51.03 -3.49
C GLN D 19 21.77 52.50 -3.11
N PRO D 20 21.03 53.42 -3.78
CA PRO D 20 21.08 54.85 -3.43
C PRO D 20 20.21 55.18 -2.23
N PHE D 21 20.20 56.46 -1.85
CA PHE D 21 19.29 56.97 -0.82
C PHE D 21 17.87 56.54 -1.14
N THR D 22 17.21 55.90 -0.15
CA THR D 22 15.89 55.31 -0.38
C THR D 22 14.81 55.88 0.55
N VAL D 23 13.69 56.28 -0.04
CA VAL D 23 12.54 56.73 0.71
C VAL D 23 11.40 55.71 0.57
N LEU D 24 10.81 55.30 1.70
CA LEU D 24 9.68 54.40 1.71
C LEU D 24 8.40 55.18 2.03
N ILE D 25 7.42 55.11 1.13
CA ILE D 25 6.11 55.67 1.42
C ILE D 25 5.23 54.67 2.21
N GLU D 26 5.04 54.96 3.48
CA GLU D 26 4.14 54.16 4.29
C GLU D 26 2.77 54.81 4.52
N GLY D 27 1.76 53.99 4.81
CA GLY D 27 0.42 54.47 5.12
C GLY D 27 -0.59 53.36 4.95
N ASN D 28 -1.72 53.50 5.66
CA ASN D 28 -2.81 52.56 5.60
C ASN D 28 -3.40 52.45 4.17
N ILE D 29 -4.19 51.40 3.94
CA ILE D 29 -4.93 51.28 2.69
C ILE D 29 -5.83 52.49 2.62
N GLY D 30 -5.89 53.11 1.44
CA GLY D 30 -6.74 54.27 1.23
C GLY D 30 -6.26 55.55 1.90
N SER D 31 -4.96 55.63 2.23
CA SER D 31 -4.39 56.88 2.73
C SER D 31 -3.85 57.76 1.57
N GLY D 32 -4.26 57.45 0.34
CA GLY D 32 -3.87 58.20 -0.85
C GLY D 32 -2.39 58.13 -1.20
N LYS D 33 -1.82 56.94 -1.14
CA LYS D 33 -0.41 56.73 -1.51
C LYS D 33 -0.23 56.78 -3.02
N THR D 34 -1.15 56.16 -3.76
CA THR D 34 -1.07 56.18 -5.21
C THR D 34 -1.06 57.61 -5.74
N THR D 35 -2.03 58.40 -5.25
CA THR D 35 -2.16 59.82 -5.57
C THR D 35 -0.86 60.54 -5.23
N TYR D 36 -0.40 60.39 -4.00
CA TYR D 36 0.81 61.08 -3.58
C TYR D 36 2.01 60.74 -4.46
N LEU D 37 2.06 59.51 -4.97
CA LEU D 37 3.19 59.09 -5.77
C LEU D 37 3.16 59.56 -7.21
N ASN D 38 1.96 59.80 -7.74
CA ASN D 38 1.79 60.37 -9.07
C ASN D 38 2.47 61.72 -9.19
N HIS D 39 2.60 62.43 -8.08
CA HIS D 39 3.30 63.69 -8.08
C HIS D 39 4.79 63.57 -8.40
N PHE D 40 5.34 62.37 -8.27
CA PHE D 40 6.75 62.16 -8.57
C PHE D 40 6.99 61.63 -10.00
N GLU D 41 5.89 61.25 -10.65
CA GLU D 41 5.91 60.74 -12.00
C GLU D 41 6.89 61.48 -12.89
N LYS D 42 6.75 62.80 -13.01
CA LYS D 42 7.57 63.59 -13.95
C LYS D 42 9.07 63.62 -13.64
N TYR D 43 9.50 62.97 -12.56
CA TYR D 43 10.92 62.93 -12.22
C TYR D 43 11.57 61.58 -12.49
N LYS D 44 10.83 60.73 -13.21
CA LYS D 44 11.27 59.39 -13.62
C LYS D 44 12.74 59.36 -14.02
N ASN D 45 13.20 60.42 -14.68
CA ASN D 45 14.58 60.49 -15.18
C ASN D 45 15.69 60.54 -14.13
N ASP D 46 15.40 61.10 -12.95
CA ASP D 46 16.43 61.24 -11.92
C ASP D 46 16.07 60.50 -10.62
N ILE D 47 14.87 59.94 -10.62
CA ILE D 47 14.31 59.26 -9.45
C ILE D 47 13.85 57.88 -9.85
N CYS D 48 14.31 56.87 -9.10
CA CYS D 48 13.86 55.51 -9.31
C CYS D 48 12.56 55.40 -8.55
N LEU D 49 11.47 55.16 -9.28
CA LEU D 49 10.14 55.27 -8.73
C LEU D 49 9.35 53.96 -8.77
N LEU D 50 9.36 53.23 -7.66
CA LEU D 50 8.74 51.89 -7.61
C LEU D 50 7.43 51.86 -6.83
N THR D 51 6.33 51.71 -7.55
CA THR D 51 5.02 51.60 -6.91
C THR D 51 4.82 50.21 -6.31
N GLU D 52 3.83 50.05 -5.45
CA GLU D 52 3.50 48.76 -4.89
C GLU D 52 3.25 47.80 -6.04
N PRO D 53 3.87 46.60 -6.01
CA PRO D 53 3.74 45.64 -7.11
C PRO D 53 2.38 44.92 -7.13
N VAL D 54 1.31 45.68 -6.90
CA VAL D 54 -0.05 45.15 -6.99
C VAL D 54 -0.21 44.33 -8.27
N GLU D 55 0.35 44.82 -9.37
CA GLU D 55 0.24 44.13 -10.64
C GLU D 55 0.70 42.68 -10.60
N LYS D 56 1.91 42.48 -10.08
CA LYS D 56 2.43 41.15 -9.84
C LYS D 56 1.47 40.30 -9.02
N TRP D 57 0.94 40.85 -7.92
CA TRP D 57 0.07 40.09 -7.02
C TRP D 57 -1.25 39.74 -7.67
N ARG D 58 -1.63 40.52 -8.68
CA ARG D 58 -2.91 40.30 -9.32
C ARG D 58 -2.84 39.20 -10.36
N ASN D 59 -1.62 38.91 -10.79
CA ASN D 59 -1.38 38.00 -11.89
C ASN D 59 -0.06 37.27 -11.72
N VAL D 60 -0.13 36.12 -11.07
CA VAL D 60 1.05 35.25 -10.88
C VAL D 60 0.85 34.06 -11.79
N ASN D 61 1.34 34.17 -13.02
CA ASN D 61 1.01 33.23 -14.09
C ASN D 61 -0.48 32.93 -14.14
N GLY D 62 -1.29 33.98 -14.09
CA GLY D 62 -2.73 33.79 -14.26
C GLY D 62 -3.55 33.71 -13.00
N VAL D 63 -2.92 33.38 -11.87
CA VAL D 63 -3.64 33.36 -10.61
C VAL D 63 -3.62 34.75 -9.98
N ASN D 64 -4.80 35.23 -9.60
CA ASN D 64 -4.91 36.49 -8.87
C ASN D 64 -4.87 36.24 -7.38
N LEU D 65 -3.68 36.35 -6.78
CA LEU D 65 -3.51 36.05 -5.35
C LEU D 65 -4.23 37.04 -4.45
N LEU D 66 -4.24 38.31 -4.84
CA LEU D 66 -4.84 39.38 -4.06
C LEU D 66 -6.33 39.15 -3.89
N GLU D 67 -6.99 38.82 -5.00
CA GLU D 67 -8.42 38.49 -4.94
C GLU D 67 -8.68 37.30 -4.03
N LEU D 68 -7.91 36.24 -4.22
CA LEU D 68 -8.09 34.99 -3.48
C LEU D 68 -7.87 35.20 -1.99
N MET D 69 -6.89 36.05 -1.65
CA MET D 69 -6.61 36.34 -0.27
C MET D 69 -7.81 37.04 0.36
N TYR D 70 -8.35 38.06 -0.30
CA TYR D 70 -9.52 38.79 0.24
C TYR D 70 -10.78 37.94 0.32
N LYS D 71 -10.99 37.10 -0.70
CA LYS D 71 -12.16 36.26 -0.76
C LYS D 71 -12.11 35.13 0.27
N ASP D 72 -10.91 34.58 0.53
CA ASP D 72 -10.76 33.42 1.44
C ASP D 72 -9.47 33.51 2.25
N PRO D 73 -9.45 34.39 3.25
CA PRO D 73 -8.21 34.66 3.99
C PRO D 73 -7.55 33.44 4.64
N LYS D 74 -8.35 32.52 5.16
CA LYS D 74 -7.77 31.43 5.93
C LYS D 74 -6.94 30.49 5.05
N LYS D 75 -7.25 30.49 3.75
CA LYS D 75 -6.62 29.59 2.80
C LYS D 75 -5.47 30.25 2.08
N TRP D 76 -5.60 31.52 1.73
CA TRP D 76 -4.62 32.16 0.86
C TRP D 76 -3.74 33.25 1.47
N ALA D 77 -3.90 33.55 2.75
CA ALA D 77 -3.09 34.63 3.32
C ALA D 77 -1.61 34.25 3.26
N MET D 78 -1.33 33.05 3.75
CA MET D 78 0.00 32.49 3.74
C MET D 78 0.70 32.56 2.38
N PRO D 79 0.13 31.91 1.35
CA PRO D 79 0.83 32.07 0.09
C PRO D 79 0.92 33.52 -0.40
N PHE D 80 -0.19 34.26 -0.32
CA PHE D 80 -0.21 35.65 -0.75
C PHE D 80 0.87 36.50 -0.07
N GLN D 81 0.92 36.47 1.25
CA GLN D 81 1.93 37.21 1.98
C GLN D 81 3.38 36.77 1.66
N SER D 82 3.53 35.46 1.41
CA SER D 82 4.85 34.94 1.06
C SER D 82 5.27 35.61 -0.22
N TYR D 83 4.32 35.65 -1.17
CA TYR D 83 4.55 36.33 -2.42
C TYR D 83 4.83 37.85 -2.28
N VAL D 84 4.06 38.52 -1.41
CA VAL D 84 4.29 39.90 -1.16
C VAL D 84 5.73 40.08 -0.74
N THR D 85 6.15 39.31 0.26
CA THR D 85 7.50 39.46 0.76
C THR D 85 8.53 39.39 -0.37
N LEU D 86 8.32 38.45 -1.28
CA LEU D 86 9.26 38.26 -2.38
C LEU D 86 9.26 39.47 -3.30
N THR D 87 8.09 39.93 -3.73
CA THR D 87 8.03 41.10 -4.58
C THR D 87 8.62 42.35 -3.91
N MET D 88 8.51 42.42 -2.58
CA MET D 88 9.12 43.51 -1.86
C MET D 88 10.61 43.43 -1.98
N LEU D 89 11.15 42.22 -1.80
CA LEU D 89 12.59 41.99 -1.96
C LEU D 89 13.10 42.31 -3.35
N GLN D 90 12.35 41.92 -4.36
CA GLN D 90 12.69 42.29 -5.72
C GLN D 90 12.82 43.80 -5.87
N SER D 91 11.90 44.56 -5.27
CA SER D 91 11.98 46.00 -5.33
C SER D 91 13.14 46.52 -4.47
N HIS D 92 13.20 46.10 -3.22
CA HIS D 92 14.28 46.54 -2.33
C HIS D 92 15.69 46.34 -2.89
N THR D 93 15.83 45.54 -3.95
CA THR D 93 17.16 45.11 -4.38
C THR D 93 17.40 45.32 -5.84
N ALA D 94 16.35 45.59 -6.61
CA ALA D 94 16.51 45.96 -8.03
C ALA D 94 17.67 46.93 -8.16
N PRO D 95 18.53 46.75 -9.18
CA PRO D 95 19.70 47.64 -9.25
C PRO D 95 19.28 48.96 -9.92
N THR D 96 20.05 50.03 -9.71
CA THR D 96 19.71 51.33 -10.33
C THR D 96 20.84 52.34 -10.42
N ASN D 97 20.81 53.10 -11.52
CA ASN D 97 21.69 54.26 -11.72
C ASN D 97 21.39 55.42 -10.77
N LYS D 98 20.11 55.77 -10.69
CA LYS D 98 19.61 56.99 -10.04
C LYS D 98 20.11 57.21 -8.61
N LYS D 99 20.15 58.48 -8.20
CA LYS D 99 20.72 58.89 -6.88
C LYS D 99 19.70 58.86 -5.74
N LEU D 100 18.42 58.80 -6.12
CA LEU D 100 17.31 58.66 -5.17
C LEU D 100 16.33 57.54 -5.59
N LYS D 101 15.87 56.75 -4.62
CA LYS D 101 14.91 55.66 -4.86
C LYS D 101 13.69 55.83 -3.95
N ILE D 102 12.49 55.72 -4.52
CA ILE D 102 11.26 55.88 -3.73
C ILE D 102 10.31 54.70 -3.94
N MET D 103 9.99 54.03 -2.84
CA MET D 103 9.20 52.79 -2.84
C MET D 103 7.85 52.97 -2.13
N GLU D 104 6.76 52.61 -2.80
CA GLU D 104 5.47 52.55 -2.13
C GLU D 104 5.40 51.31 -1.28
N ARG D 105 5.31 51.50 0.04
CA ARG D 105 5.30 50.38 1.00
C ARG D 105 6.66 49.69 0.99
N SER D 106 6.83 48.66 1.80
CA SER D 106 8.15 48.06 1.99
C SER D 106 7.99 46.68 2.57
N ILE D 107 9.12 45.99 2.74
CA ILE D 107 9.11 44.70 3.38
C ILE D 107 8.65 44.87 4.82
N PHE D 108 8.97 46.02 5.41
CA PHE D 108 8.61 46.29 6.82
C PHE D 108 7.11 46.44 7.04
N SER D 109 6.43 47.20 6.20
CA SER D 109 5.00 47.30 6.39
C SER D 109 4.37 45.93 6.25
N ALA D 110 4.91 45.11 5.33
CA ALA D 110 4.41 43.76 5.11
C ALA D 110 4.53 42.97 6.41
N ARG D 111 5.70 43.06 7.03
CA ARG D 111 5.95 42.25 8.18
C ARG D 111 5.17 42.76 9.36
N TYR D 112 5.39 44.03 9.69
CA TYR D 112 4.92 44.61 10.94
C TYR D 112 3.42 44.95 10.99
N CYS D 113 2.82 45.27 9.84
CA CYS D 113 1.38 45.61 9.83
C CYS D 113 0.54 44.43 9.31
N PHE D 114 0.66 44.13 8.02
CA PHE D 114 -0.25 43.19 7.43
C PHE D 114 -0.10 41.75 7.97
N VAL D 115 1.13 41.23 8.03
CA VAL D 115 1.27 39.85 8.47
C VAL D 115 0.83 39.78 9.93
N GLU D 116 1.38 40.68 10.73
CA GLU D 116 0.99 40.82 12.14
C GLU D 116 -0.54 40.86 12.32
N ASN D 117 -1.22 41.69 11.53
CA ASN D 117 -2.64 41.76 11.68
C ASN D 117 -3.38 40.48 11.29
N MET D 118 -2.87 39.82 10.26
CA MET D 118 -3.47 38.58 9.80
C MET D 118 -3.31 37.42 10.77
N ARG D 119 -2.26 37.50 11.58
CA ARG D 119 -2.11 36.57 12.67
C ARG D 119 -3.24 36.83 13.68
N ARG D 120 -3.37 38.07 14.11
CA ARG D 120 -4.32 38.44 15.18
C ARG D 120 -5.76 38.14 14.85
N ASN D 121 -6.18 38.30 13.59
CA ASN D 121 -7.57 38.02 13.26
C ASN D 121 -7.83 36.57 12.81
N GLY D 122 -6.90 35.69 13.12
CA GLY D 122 -7.05 34.26 12.83
C GLY D 122 -6.81 33.80 11.40
N SER D 123 -6.53 34.75 10.49
CA SER D 123 -6.32 34.43 9.07
C SER D 123 -5.07 33.56 8.87
N LEU D 124 -3.96 33.95 9.48
CA LEU D 124 -2.77 33.11 9.52
C LEU D 124 -2.75 32.30 10.80
N GLU D 125 -2.73 30.96 10.68
CA GLU D 125 -2.51 30.11 11.86
C GLU D 125 -1.07 30.20 12.34
N GLN D 126 -0.84 29.83 13.59
CA GLN D 126 0.49 29.90 14.16
C GLN D 126 1.59 29.28 13.25
N GLY D 127 1.34 28.06 12.75
CA GLY D 127 2.27 27.38 11.84
C GLY D 127 2.63 28.24 10.64
N MET D 128 1.61 28.81 10.00
CA MET D 128 1.82 29.69 8.87
C MET D 128 2.59 30.98 9.22
N TYR D 129 2.17 31.62 10.31
CA TYR D 129 2.80 32.84 10.74
C TYR D 129 4.30 32.61 10.97
N ASN D 130 4.60 31.56 11.72
CA ASN D 130 5.98 31.28 12.09
C ASN D 130 6.89 31.05 10.89
N THR D 131 6.36 30.35 9.89
CA THR D 131 7.05 30.18 8.63
C THR D 131 7.41 31.53 8.04
N LEU D 132 6.45 32.44 7.95
CA LEU D 132 6.74 33.76 7.41
C LEU D 132 7.81 34.46 8.25
N GLU D 133 7.65 34.41 9.58
CA GLU D 133 8.60 35.07 10.45
C GLU D 133 10.01 34.49 10.30
N GLU D 134 10.12 33.19 10.11
CA GLU D 134 11.45 32.61 9.92
C GLU D 134 12.12 33.16 8.67
N TRP D 135 11.35 33.31 7.59
CA TRP D 135 11.83 34.01 6.38
C TRP D 135 12.27 35.45 6.66
N TYR D 136 11.41 36.23 7.32
CA TYR D 136 11.80 37.58 7.66
C TYR D 136 13.12 37.57 8.41
N LYS D 137 13.22 36.71 9.42
CA LYS D 137 14.45 36.63 10.22
C LYS D 137 15.66 36.33 9.34
N PHE D 138 15.48 35.39 8.41
CA PHE D 138 16.57 35.01 7.54
C PHE D 138 16.90 36.17 6.62
N ILE D 139 15.85 36.79 6.09
CA ILE D 139 16.06 37.90 5.16
C ILE D 139 16.88 39.01 5.79
N GLU D 140 16.57 39.37 7.04
CA GLU D 140 17.25 40.53 7.62
C GLU D 140 18.74 40.28 7.89
N GLU D 141 19.09 39.01 8.16
CA GLU D 141 20.48 38.63 8.39
C GLU D 141 21.29 38.41 7.11
N SER D 142 20.62 38.37 5.96
CA SER D 142 21.32 37.93 4.77
C SER D 142 21.09 38.78 3.53
N ILE D 143 20.07 39.63 3.55
CA ILE D 143 19.81 40.51 2.40
C ILE D 143 19.77 41.94 2.91
N HIS D 144 20.36 42.85 2.12
CA HIS D 144 20.44 44.27 2.48
C HIS D 144 19.18 45.05 2.05
N VAL D 145 18.55 45.70 3.04
CA VAL D 145 17.34 46.50 2.78
C VAL D 145 17.58 47.96 3.12
N GLN D 146 17.84 48.74 2.07
CA GLN D 146 18.17 50.17 2.19
C GLN D 146 16.91 50.94 2.51
N ALA D 147 16.96 51.71 3.59
CA ALA D 147 15.82 52.48 4.05
C ALA D 147 16.33 53.66 4.84
N ASP D 148 16.37 54.83 4.18
CA ASP D 148 16.89 56.07 4.80
C ASP D 148 15.83 56.98 5.42
N LEU D 149 14.65 57.02 4.82
CA LEU D 149 13.59 57.91 5.26
C LEU D 149 12.25 57.28 4.94
N ILE D 150 11.35 57.36 5.90
CA ILE D 150 9.99 56.89 5.69
C ILE D 150 9.04 58.07 5.74
N ILE D 151 8.19 58.19 4.74
CA ILE D 151 7.19 59.21 4.76
C ILE D 151 5.91 58.51 5.17
N TYR D 152 5.40 58.85 6.35
CA TYR D 152 4.17 58.26 6.82
C TYR D 152 2.97 59.13 6.46
N LEU D 153 2.13 58.65 5.55
CA LEU D 153 0.88 59.32 5.22
C LEU D 153 -0.12 58.91 6.28
N ARG D 154 -0.08 59.64 7.38
CA ARG D 154 -0.98 59.42 8.51
C ARG D 154 -2.40 59.91 8.22
N THR D 155 -3.39 59.05 8.49
CA THR D 155 -4.79 59.41 8.32
C THR D 155 -5.60 58.70 9.37
N SER D 156 -6.89 59.04 9.45
CA SER D 156 -7.78 58.33 10.36
C SER D 156 -8.54 57.26 9.59
N PRO D 157 -8.75 56.09 10.23
CA PRO D 157 -9.52 54.97 9.69
C PRO D 157 -10.73 55.39 8.89
N GLU D 158 -11.47 56.34 9.44
CA GLU D 158 -12.76 56.79 8.88
C GLU D 158 -12.54 57.51 7.55
N VAL D 159 -11.56 58.42 7.53
CA VAL D 159 -11.23 59.13 6.30
C VAL D 159 -10.79 58.15 5.22
N ALA D 160 -9.92 57.22 5.63
CA ALA D 160 -9.44 56.16 4.77
C ALA D 160 -10.60 55.34 4.22
N TYR D 161 -11.49 54.88 5.10
CA TYR D 161 -12.66 54.09 4.67
C TYR D 161 -13.46 54.82 3.58
N GLU D 162 -13.48 56.15 3.71
CA GLU D 162 -14.12 57.04 2.76
C GLU D 162 -13.51 56.96 1.35
N ARG D 163 -12.25 57.40 1.24
CA ARG D 163 -11.51 57.41 -0.04
C ARG D 163 -11.69 56.09 -0.81
N ILE D 164 -11.55 54.98 -0.06
CA ILE D 164 -11.83 53.60 -0.53
C ILE D 164 -13.20 53.43 -1.24
N ARG D 165 -14.29 53.76 -0.56
CA ARG D 165 -15.65 53.66 -1.14
C ARG D 165 -15.84 54.56 -2.35
N GLN D 166 -15.13 55.69 -2.39
CA GLN D 166 -15.30 56.68 -3.46
C GLN D 166 -14.61 56.32 -4.80
N ARG D 167 -13.74 55.30 -4.80
CA ARG D 167 -12.99 54.91 -5.99
C ARG D 167 -13.52 53.62 -6.63
N ALA D 168 -13.03 53.33 -7.83
CA ALA D 168 -13.44 52.16 -8.59
C ALA D 168 -13.22 50.85 -7.82
N ARG D 169 -14.30 50.10 -7.61
CA ARG D 169 -14.27 48.83 -6.85
C ARG D 169 -13.25 47.80 -7.32
N SER D 170 -12.22 47.58 -6.51
CA SER D 170 -11.33 46.42 -6.65
C SER D 170 -11.90 45.30 -5.77
N GLU D 171 -11.11 44.25 -5.58
CA GLU D 171 -11.40 43.18 -4.61
C GLU D 171 -11.21 43.76 -3.21
N GLU D 172 -10.23 44.66 -3.12
CA GLU D 172 -9.80 45.29 -1.87
C GLU D 172 -10.59 46.53 -1.52
N SER D 173 -11.69 46.78 -2.23
CA SER D 173 -12.65 47.81 -1.81
C SER D 173 -13.68 47.23 -0.83
N CYS D 174 -13.74 45.90 -0.77
CA CYS D 174 -14.74 45.21 0.04
C CYS D 174 -14.39 45.04 1.53
N VAL D 175 -13.86 46.07 2.17
CA VAL D 175 -13.17 45.86 3.44
C VAL D 175 -13.90 46.50 4.64
N PRO D 176 -13.89 45.82 5.83
CA PRO D 176 -14.58 46.47 6.96
C PRO D 176 -13.74 47.57 7.65
N LEU D 177 -14.43 48.58 8.16
CA LEU D 177 -13.76 49.63 8.93
C LEU D 177 -12.93 49.04 10.08
N LYS D 178 -13.42 47.95 10.69
CA LYS D 178 -12.71 47.26 11.76
C LYS D 178 -11.27 46.89 11.35
N TYR D 179 -11.16 46.38 10.13
CA TYR D 179 -9.86 46.02 9.51
C TYR D 179 -8.92 47.22 9.39
N LEU D 180 -9.41 48.31 8.79
CA LEU D 180 -8.64 49.54 8.66
C LEU D 180 -8.22 50.12 10.00
N GLN D 181 -9.04 49.92 11.03
CA GLN D 181 -8.68 50.37 12.38
C GLN D 181 -7.48 49.57 12.88
N GLU D 182 -7.60 48.24 12.80
CA GLU D 182 -6.52 47.32 13.20
C GLU D 182 -5.19 47.72 12.52
N LEU D 183 -5.26 47.92 11.19
CA LEU D 183 -4.11 48.35 10.41
C LEU D 183 -3.54 49.69 10.84
N HIS D 184 -4.47 50.61 11.15
CA HIS D 184 -4.09 51.96 11.53
C HIS D 184 -3.27 51.92 12.80
N GLU D 185 -3.77 51.22 13.82
CA GLU D 185 -3.08 51.05 15.11
C GLU D 185 -1.69 50.41 14.96
N LEU D 186 -1.60 49.46 14.02
CA LEU D 186 -0.33 48.80 13.72
C LEU D 186 0.69 49.71 13.05
N HIS D 187 0.25 50.61 12.18
CA HIS D 187 1.16 51.59 11.62
C HIS D 187 1.62 52.57 12.66
N GLU D 188 0.68 52.99 13.53
CA GLU D 188 0.94 53.96 14.60
C GLU D 188 1.99 53.39 15.56
N ASP D 189 1.82 52.09 15.90
CA ASP D 189 2.76 51.38 16.79
C ASP D 189 4.17 51.39 16.23
N TRP D 190 4.24 51.15 14.92
CA TRP D 190 5.50 51.02 14.25
C TRP D 190 6.15 52.38 13.97
N LEU D 191 5.37 53.32 13.44
CA LEU D 191 5.94 54.62 13.02
C LEU D 191 5.98 55.73 14.08
N ILE D 192 4.91 55.94 14.88
CA ILE D 192 4.96 57.04 15.86
C ILE D 192 5.51 56.63 17.22
N HIS D 193 4.78 55.73 17.88
CA HIS D 193 4.99 55.40 19.31
C HIS D 193 6.40 54.90 19.67
N CYS D 200 15.45 54.32 11.47
CA CYS D 200 15.65 55.53 10.65
C CYS D 200 14.51 56.58 10.84
N LYS D 201 14.74 57.78 10.31
CA LYS D 201 13.84 58.93 10.49
C LYS D 201 12.47 58.74 9.82
N VAL D 202 11.42 59.16 10.53
CA VAL D 202 10.06 59.16 9.99
C VAL D 202 9.53 60.59 9.82
N LEU D 203 9.04 60.91 8.63
CA LEU D 203 8.48 62.19 8.34
C LEU D 203 6.97 62.02 8.23
N VAL D 204 6.24 62.47 9.25
CA VAL D 204 4.78 62.30 9.25
C VAL D 204 4.08 63.42 8.47
N LEU D 205 3.17 63.06 7.59
CA LEU D 205 2.36 64.05 6.90
C LEU D 205 0.90 63.81 7.18
N ASP D 206 0.16 64.89 7.43
CA ASP D 206 -1.26 64.78 7.65
C ASP D 206 -2.03 64.74 6.32
N ALA D 207 -2.54 63.56 5.98
CA ALA D 207 -3.17 63.35 4.68
C ALA D 207 -4.71 63.48 4.72
N ASP D 208 -5.19 64.60 5.27
CA ASP D 208 -6.64 64.88 5.37
C ASP D 208 -6.99 66.28 4.84
N THR E 12 -22.29 -45.75 -0.99
CA THR E 12 -20.99 -46.22 -1.54
C THR E 12 -19.83 -45.26 -1.24
N LYS E 13 -20.06 -43.96 -1.43
CA LYS E 13 -19.01 -42.93 -1.21
C LYS E 13 -18.36 -43.00 0.17
N TYR E 14 -17.05 -42.73 0.22
CA TYR E 14 -16.31 -42.77 1.49
C TYR E 14 -16.84 -41.70 2.43
N ALA E 15 -16.95 -42.05 3.71
CA ALA E 15 -17.44 -41.16 4.78
C ALA E 15 -18.87 -40.63 4.56
N GLU E 16 -19.67 -41.37 3.79
CA GLU E 16 -21.06 -41.00 3.55
C GLU E 16 -21.87 -41.27 4.79
N GLY E 17 -22.78 -40.35 5.09
CA GLY E 17 -23.64 -40.43 6.28
C GLY E 17 -22.95 -40.51 7.64
N THR E 18 -21.66 -40.17 7.70
CA THR E 18 -20.88 -40.21 8.94
C THR E 18 -20.59 -38.79 9.45
N GLN E 19 -21.24 -37.81 8.83
CA GLN E 19 -20.93 -36.40 9.06
C GLN E 19 -22.16 -35.62 9.51
N PRO E 20 -21.99 -34.73 10.51
CA PRO E 20 -23.07 -33.89 11.00
C PRO E 20 -23.22 -32.65 10.13
N PHE E 21 -24.20 -31.81 10.45
CA PHE E 21 -24.36 -30.50 9.84
C PHE E 21 -23.00 -29.75 9.79
N THR E 22 -22.63 -29.28 8.61
CA THR E 22 -21.30 -28.71 8.39
C THR E 22 -21.36 -27.29 7.88
N VAL E 23 -20.61 -26.40 8.50
CA VAL E 23 -20.55 -25.02 8.06
C VAL E 23 -19.15 -24.74 7.55
N LEU E 24 -19.04 -24.17 6.36
CA LEU E 24 -17.75 -23.82 5.80
C LEU E 24 -17.52 -22.33 5.89
N ILE E 25 -16.43 -21.91 6.50
CA ILE E 25 -16.10 -20.49 6.52
C ILE E 25 -15.25 -20.15 5.32
N GLU E 26 -15.84 -19.40 4.38
CA GLU E 26 -15.11 -18.93 3.21
C GLU E 26 -14.72 -17.46 3.27
N GLY E 27 -13.78 -17.04 2.42
CA GLY E 27 -13.32 -15.65 2.43
C GLY E 27 -11.90 -15.52 1.92
N ASN E 28 -11.60 -14.37 1.34
CA ASN E 28 -10.26 -14.08 0.84
C ASN E 28 -9.19 -14.17 1.93
N ILE E 29 -7.91 -14.24 1.54
CA ILE E 29 -6.81 -14.12 2.49
C ILE E 29 -6.91 -12.74 3.14
N GLY E 30 -6.81 -12.69 4.47
CA GLY E 30 -6.90 -11.43 5.19
C GLY E 30 -8.31 -10.89 5.33
N SER E 31 -9.32 -11.76 5.23
CA SER E 31 -10.69 -11.34 5.49
C SER E 31 -11.07 -11.57 6.97
N GLY E 32 -10.07 -11.83 7.82
CA GLY E 32 -10.29 -12.06 9.24
C GLY E 32 -11.01 -13.35 9.58
N LYS E 33 -10.72 -14.42 8.85
CA LYS E 33 -11.29 -15.74 9.15
C LYS E 33 -10.77 -16.35 10.46
N THR E 34 -9.46 -16.21 10.70
CA THR E 34 -8.88 -16.67 11.97
C THR E 34 -9.57 -15.98 13.16
N THR E 35 -9.62 -14.66 13.10
CA THR E 35 -10.32 -13.88 14.11
C THR E 35 -11.74 -14.37 14.31
N TYR E 36 -12.49 -14.48 13.22
CA TYR E 36 -13.89 -14.89 13.29
C TYR E 36 -14.02 -16.26 13.95
N LEU E 37 -13.05 -17.12 13.74
CA LEU E 37 -13.15 -18.48 14.24
C LEU E 37 -12.78 -18.63 15.71
N ASN E 38 -11.95 -17.72 16.21
CA ASN E 38 -11.64 -17.68 17.63
C ASN E 38 -12.87 -17.46 18.50
N HIS E 39 -13.89 -16.84 17.94
CA HIS E 39 -15.13 -16.67 18.68
C HIS E 39 -15.85 -17.98 18.95
N PHE E 40 -15.44 -19.05 18.28
CA PHE E 40 -16.10 -20.34 18.42
C PHE E 40 -15.32 -21.27 19.33
N GLU E 41 -14.09 -20.87 19.61
CA GLU E 41 -13.21 -21.59 20.52
C GLU E 41 -13.93 -22.20 21.73
N LYS E 42 -14.57 -21.37 22.55
CA LYS E 42 -15.19 -21.83 23.78
C LYS E 42 -16.27 -22.91 23.63
N TYR E 43 -16.63 -23.23 22.40
CA TYR E 43 -17.69 -24.21 22.17
C TYR E 43 -17.15 -25.56 21.75
N LYS E 44 -15.84 -25.69 21.86
CA LYS E 44 -15.11 -26.90 21.48
C LYS E 44 -15.82 -28.17 21.89
N ASN E 45 -16.52 -28.13 23.03
CA ASN E 45 -17.19 -29.31 23.55
C ASN E 45 -18.39 -29.81 22.75
N ASP E 46 -19.09 -28.92 22.06
CA ASP E 46 -20.29 -29.31 21.34
C ASP E 46 -20.17 -29.06 19.84
N ILE E 47 -19.07 -28.41 19.46
CA ILE E 47 -18.78 -28.02 18.09
C ILE E 47 -17.42 -28.60 17.67
N CYS E 48 -17.42 -29.33 16.56
CA CYS E 48 -16.19 -29.77 15.93
C CYS E 48 -15.63 -28.62 15.13
N LEU E 49 -14.48 -28.13 15.56
CA LEU E 49 -13.94 -26.85 15.09
C LEU E 49 -12.57 -27.06 14.42
N LEU E 50 -12.59 -27.13 13.09
CA LEU E 50 -11.39 -27.39 12.31
C LEU E 50 -10.90 -26.16 11.58
N THR E 51 -9.78 -25.62 12.03
CA THR E 51 -9.17 -24.49 11.32
C THR E 51 -8.45 -24.95 10.05
N GLU E 52 -8.11 -24.00 9.19
CA GLU E 52 -7.31 -24.27 8.02
C GLU E 52 -6.01 -24.99 8.44
N PRO E 53 -5.70 -26.14 7.83
CA PRO E 53 -4.52 -26.91 8.21
C PRO E 53 -3.19 -26.27 7.77
N VAL E 54 -3.08 -24.96 7.92
CA VAL E 54 -1.82 -24.26 7.67
C VAL E 54 -0.65 -25.00 8.29
N GLU E 55 -0.83 -25.52 9.51
CA GLU E 55 0.24 -26.20 10.23
C GLU E 55 0.81 -27.37 9.46
N LYS E 56 -0.07 -28.23 8.97
CA LYS E 56 0.32 -29.30 8.06
C LYS E 56 1.11 -28.78 6.87
N TRP E 57 0.62 -27.74 6.19
CA TRP E 57 1.28 -27.25 4.99
C TRP E 57 2.63 -26.61 5.27
N ARG E 58 2.87 -26.22 6.51
CA ARG E 58 4.11 -25.54 6.87
C ARG E 58 5.19 -26.54 7.20
N ASN E 59 4.77 -27.77 7.47
CA ASN E 59 5.68 -28.79 7.93
C ASN E 59 5.22 -30.18 7.48
N VAL E 60 5.69 -30.58 6.32
CA VAL E 60 5.41 -31.89 5.77
C VAL E 60 6.70 -32.69 5.89
N ASN E 61 6.86 -33.39 7.00
CA ASN E 61 8.14 -33.98 7.40
C ASN E 61 9.30 -33.04 7.17
N GLY E 62 9.14 -31.79 7.58
CA GLY E 62 10.25 -30.85 7.58
C GLY E 62 10.25 -29.89 6.43
N VAL E 63 9.54 -30.22 5.38
CA VAL E 63 9.44 -29.31 4.24
C VAL E 63 8.28 -28.34 4.44
N ASN E 64 8.57 -27.05 4.30
CA ASN E 64 7.52 -26.03 4.36
C ASN E 64 6.99 -25.75 2.97
N LEU E 65 5.92 -26.45 2.60
CA LEU E 65 5.39 -26.30 1.24
C LEU E 65 4.83 -24.91 0.97
N LEU E 66 4.24 -24.29 2.00
CA LEU E 66 3.60 -22.99 1.83
C LEU E 66 4.64 -21.92 1.48
N GLU E 67 5.74 -21.91 2.23
CA GLU E 67 6.81 -20.97 1.93
C GLU E 67 7.34 -21.15 0.52
N LEU E 68 7.59 -22.42 0.16
CA LEU E 68 8.16 -22.78 -1.14
C LEU E 68 7.24 -22.36 -2.25
N MET E 69 5.94 -22.54 -2.04
CA MET E 69 4.97 -22.17 -3.05
C MET E 69 5.02 -20.67 -3.32
N TYR E 70 5.06 -19.88 -2.25
CA TYR E 70 5.08 -18.43 -2.39
C TYR E 70 6.40 -17.89 -2.93
N LYS E 71 7.48 -18.56 -2.56
CA LYS E 71 8.82 -18.16 -3.02
C LYS E 71 9.04 -18.52 -4.50
N ASP E 72 8.55 -19.69 -4.92
CA ASP E 72 8.76 -20.16 -6.29
C ASP E 72 7.49 -20.86 -6.87
N PRO E 73 6.48 -20.05 -7.24
CA PRO E 73 5.18 -20.62 -7.62
C PRO E 73 5.26 -21.60 -8.80
N LYS E 74 6.06 -21.32 -9.82
CA LYS E 74 6.07 -22.19 -11.00
C LYS E 74 6.52 -23.62 -10.68
N LYS E 75 7.27 -23.77 -9.59
CA LYS E 75 7.87 -25.06 -9.22
C LYS E 75 7.06 -25.81 -8.18
N TRP E 76 6.46 -25.07 -7.24
CA TRP E 76 5.81 -25.68 -6.07
C TRP E 76 4.28 -25.59 -5.95
N ALA E 77 3.64 -24.81 -6.83
CA ALA E 77 2.19 -24.70 -6.75
C ALA E 77 1.55 -26.08 -6.88
N MET E 78 1.95 -26.83 -7.91
CA MET E 78 1.42 -28.17 -8.15
C MET E 78 1.52 -29.11 -6.93
N PRO E 79 2.72 -29.34 -6.39
CA PRO E 79 2.71 -30.23 -5.24
C PRO E 79 1.96 -29.57 -4.06
N PHE E 80 2.18 -28.28 -3.84
CA PHE E 80 1.51 -27.60 -2.72
C PHE E 80 -0.02 -27.77 -2.75
N GLN E 81 -0.62 -27.39 -3.87
CA GLN E 81 -2.05 -27.52 -4.05
C GLN E 81 -2.55 -28.95 -3.96
N SER E 82 -1.76 -29.89 -4.45
CA SER E 82 -2.10 -31.30 -4.31
C SER E 82 -2.19 -31.65 -2.82
N TYR E 83 -1.21 -31.19 -2.07
CA TYR E 83 -1.24 -31.41 -0.64
C TYR E 83 -2.42 -30.71 0.04
N VAL E 84 -2.68 -29.45 -0.33
CA VAL E 84 -3.84 -28.76 0.20
C VAL E 84 -5.09 -29.62 0.01
N THR E 85 -5.35 -30.07 -1.21
CA THR E 85 -6.51 -30.87 -1.48
C THR E 85 -6.59 -32.02 -0.50
N LEU E 86 -5.46 -32.68 -0.27
CA LEU E 86 -5.46 -33.82 0.61
C LEU E 86 -5.85 -33.41 2.04
N THR E 87 -5.20 -32.38 2.56
CA THR E 87 -5.52 -31.96 3.93
C THR E 87 -6.99 -31.52 4.07
N MET E 88 -7.55 -30.99 2.99
CA MET E 88 -8.94 -30.64 3.00
C MET E 88 -9.79 -31.89 3.11
N LEU E 89 -9.44 -32.93 2.38
CA LEU E 89 -10.19 -34.16 2.44
C LEU E 89 -10.10 -34.79 3.80
N GLN E 90 -8.93 -34.66 4.43
CA GLN E 90 -8.76 -35.21 5.77
C GLN E 90 -9.69 -34.51 6.74
N SER E 91 -9.90 -33.22 6.54
CA SER E 91 -10.84 -32.46 7.38
C SER E 91 -12.26 -32.81 7.01
N HIS E 92 -12.61 -32.69 5.74
CA HIS E 92 -13.96 -33.01 5.30
C HIS E 92 -14.47 -34.39 5.72
N THR E 93 -13.60 -35.27 6.20
CA THR E 93 -13.99 -36.69 6.43
C THR E 93 -13.62 -37.23 7.78
N ALA E 94 -12.82 -36.48 8.53
CA ALA E 94 -12.51 -36.81 9.92
C ALA E 94 -13.81 -37.17 10.64
N PRO E 95 -13.79 -38.24 11.45
CA PRO E 95 -15.07 -38.66 12.02
C PRO E 95 -15.33 -37.80 13.26
N THR E 96 -16.59 -37.72 13.71
CA THR E 96 -16.90 -36.91 14.89
C THR E 96 -18.22 -37.23 15.59
N ASN E 97 -18.21 -37.09 16.91
CA ASN E 97 -19.42 -37.23 17.74
C ASN E 97 -20.37 -36.05 17.55
N LYS E 98 -19.79 -34.83 17.56
CA LYS E 98 -20.51 -33.55 17.63
C LYS E 98 -21.60 -33.37 16.58
N LYS E 99 -22.59 -32.52 16.88
CA LYS E 99 -23.79 -32.38 16.05
C LYS E 99 -23.66 -31.23 15.03
N LEU E 100 -22.62 -30.41 15.23
CA LEU E 100 -22.26 -29.36 14.29
C LEU E 100 -20.77 -29.42 13.96
N LYS E 101 -20.40 -29.20 12.70
CA LYS E 101 -18.99 -29.11 12.31
C LYS E 101 -18.75 -27.77 11.64
N ILE E 102 -17.64 -27.12 11.96
CA ILE E 102 -17.26 -25.86 11.30
C ILE E 102 -15.81 -25.90 10.78
N MET E 103 -15.66 -25.69 9.47
CA MET E 103 -14.37 -25.76 8.79
C MET E 103 -13.96 -24.41 8.22
N GLU E 104 -12.74 -23.98 8.51
CA GLU E 104 -12.18 -22.82 7.84
C GLU E 104 -11.70 -23.24 6.45
N ARG E 105 -12.30 -22.64 5.41
CA ARG E 105 -12.02 -22.98 4.01
C ARG E 105 -12.47 -24.40 3.73
N SER E 106 -12.29 -24.86 2.50
CA SER E 106 -12.84 -26.15 2.09
C SER E 106 -12.13 -26.63 0.84
N ILE E 107 -12.48 -27.85 0.41
CA ILE E 107 -11.97 -28.37 -0.84
C ILE E 107 -12.44 -27.52 -2.00
N PHE E 108 -13.61 -26.89 -1.85
CA PHE E 108 -14.18 -26.05 -2.90
C PHE E 108 -13.45 -24.75 -3.12
N SER E 109 -13.05 -24.08 -2.05
CA SER E 109 -12.30 -22.85 -2.21
C SER E 109 -10.96 -23.17 -2.86
N ALA E 110 -10.39 -24.30 -2.48
CA ALA E 110 -9.12 -24.74 -3.05
C ALA E 110 -9.27 -24.92 -4.55
N ARG E 111 -10.34 -25.59 -4.94
CA ARG E 111 -10.53 -25.85 -6.37
C ARG E 111 -10.88 -24.59 -7.18
N TYR E 112 -11.93 -23.92 -6.73
CA TYR E 112 -12.58 -22.87 -7.48
C TYR E 112 -11.86 -21.56 -7.40
N CYS E 113 -11.13 -21.30 -6.32
CA CYS E 113 -10.45 -20.01 -6.23
C CYS E 113 -8.96 -20.16 -6.43
N PHE E 114 -8.27 -20.83 -5.52
CA PHE E 114 -6.83 -20.85 -5.58
C PHE E 114 -6.27 -21.62 -6.76
N VAL E 115 -6.78 -22.81 -7.04
CA VAL E 115 -6.19 -23.54 -8.13
C VAL E 115 -6.47 -22.76 -9.39
N GLU E 116 -7.74 -22.39 -9.56
CA GLU E 116 -8.17 -21.66 -10.73
C GLU E 116 -7.30 -20.41 -10.97
N ASN E 117 -7.01 -19.68 -9.90
CA ASN E 117 -6.23 -18.49 -10.08
C ASN E 117 -4.78 -18.77 -10.45
N MET E 118 -4.23 -19.84 -9.89
CA MET E 118 -2.87 -20.26 -10.18
C MET E 118 -2.69 -20.73 -11.61
N ARG E 119 -3.74 -21.30 -12.18
CA ARG E 119 -3.79 -21.56 -13.61
C ARG E 119 -3.68 -20.24 -14.37
N ARG E 120 -4.57 -19.30 -14.09
CA ARG E 120 -4.64 -18.03 -14.84
C ARG E 120 -3.37 -17.20 -14.84
N ASN E 121 -2.67 -17.14 -13.71
CA ASN E 121 -1.46 -16.31 -13.65
C ASN E 121 -0.18 -17.08 -14.03
N GLY E 122 -0.35 -18.23 -14.69
CA GLY E 122 0.80 -18.99 -15.20
C GLY E 122 1.52 -19.90 -14.23
N SER E 123 1.23 -19.77 -12.95
CA SER E 123 1.86 -20.61 -11.92
C SER E 123 1.68 -22.12 -12.13
N LEU E 124 0.47 -22.56 -12.45
CA LEU E 124 0.22 -23.94 -12.85
C LEU E 124 0.19 -24.03 -14.37
N GLU E 125 1.03 -24.87 -14.95
CA GLU E 125 0.91 -25.13 -16.38
C GLU E 125 -0.25 -26.07 -16.67
N GLN E 126 -0.65 -26.13 -17.94
CA GLN E 126 -1.83 -26.89 -18.31
C GLN E 126 -1.78 -28.33 -17.80
N GLY E 127 -0.62 -28.95 -17.99
CA GLY E 127 -0.41 -30.35 -17.57
C GLY E 127 -0.66 -30.55 -16.08
N MET E 128 -0.12 -29.62 -15.30
CA MET E 128 -0.29 -29.65 -13.85
C MET E 128 -1.74 -29.39 -13.46
N TYR E 129 -2.32 -28.34 -14.04
CA TYR E 129 -3.69 -28.01 -13.72
C TYR E 129 -4.60 -29.17 -13.96
N ASN E 130 -4.47 -29.80 -15.14
CA ASN E 130 -5.35 -30.91 -15.51
C ASN E 130 -5.27 -32.11 -14.58
N THR E 131 -4.06 -32.36 -14.06
CA THR E 131 -3.86 -33.43 -13.11
C THR E 131 -4.61 -33.13 -11.86
N LEU E 132 -4.52 -31.88 -11.37
CA LEU E 132 -5.35 -31.49 -10.22
C LEU E 132 -6.84 -31.68 -10.52
N GLU E 133 -7.29 -31.17 -11.66
CA GLU E 133 -8.71 -31.27 -11.97
C GLU E 133 -9.18 -32.73 -12.01
N GLU E 134 -8.34 -33.60 -12.54
CA GLU E 134 -8.73 -34.99 -12.63
C GLU E 134 -8.96 -35.55 -11.24
N TRP E 135 -8.08 -35.19 -10.30
CA TRP E 135 -8.30 -35.53 -8.89
C TRP E 135 -9.63 -34.99 -8.34
N TYR E 136 -9.84 -33.69 -8.51
CA TYR E 136 -11.09 -33.16 -8.06
C TYR E 136 -12.26 -33.94 -8.65
N LYS E 137 -12.20 -34.23 -9.96
CA LYS E 137 -13.31 -34.95 -10.60
C LYS E 137 -13.53 -36.31 -9.96
N PHE E 138 -12.42 -37.00 -9.70
CA PHE E 138 -12.49 -38.30 -9.07
C PHE E 138 -13.02 -38.18 -7.67
N ILE E 139 -12.48 -37.21 -6.92
CA ILE E 139 -12.92 -36.99 -5.54
C ILE E 139 -14.44 -36.76 -5.42
N GLU E 140 -15.00 -35.95 -6.31
CA GLU E 140 -16.42 -35.65 -6.18
C GLU E 140 -17.30 -36.88 -6.43
N GLU E 141 -16.85 -37.78 -7.29
CA GLU E 141 -17.63 -38.98 -7.62
C GLU E 141 -17.46 -40.11 -6.59
N SER E 142 -16.50 -39.98 -5.68
CA SER E 142 -16.16 -41.12 -4.87
C SER E 142 -15.97 -40.82 -3.38
N ILE E 143 -15.83 -39.56 -3.01
CA ILE E 143 -15.72 -39.21 -1.59
C ILE E 143 -16.81 -38.22 -1.25
N HIS E 144 -17.42 -38.41 -0.08
CA HIS E 144 -18.55 -37.57 0.39
C HIS E 144 -18.11 -36.28 1.11
N VAL E 145 -18.50 -35.12 0.56
CA VAL E 145 -18.13 -33.83 1.13
C VAL E 145 -19.34 -33.09 1.64
N GLN E 146 -19.56 -33.18 2.94
CA GLN E 146 -20.70 -32.54 3.60
C GLN E 146 -20.50 -31.05 3.62
N ALA E 147 -21.50 -30.32 3.14
CA ALA E 147 -21.46 -28.86 3.14
C ALA E 147 -22.86 -28.31 3.15
N ASP E 148 -23.31 -27.86 4.32
CA ASP E 148 -24.71 -27.41 4.51
C ASP E 148 -24.91 -25.89 4.46
N LEU E 149 -23.91 -25.15 4.95
CA LEU E 149 -23.99 -23.72 4.94
C LEU E 149 -22.60 -23.17 4.79
N ILE E 150 -22.46 -22.15 3.97
CA ILE E 150 -21.20 -21.45 3.83
C ILE E 150 -21.41 -20.07 4.38
N ILE E 151 -20.49 -19.64 5.24
CA ILE E 151 -20.50 -18.26 5.68
C ILE E 151 -19.39 -17.57 4.91
N TYR E 152 -19.79 -16.62 4.07
CA TYR E 152 -18.84 -15.88 3.26
C TYR E 152 -18.48 -14.61 3.95
N LEU E 153 -17.24 -14.51 4.44
CA LEU E 153 -16.73 -13.24 4.99
C LEU E 153 -16.31 -12.34 3.84
N ARG E 154 -17.28 -11.59 3.30
CA ARG E 154 -17.05 -10.72 2.15
C ARG E 154 -16.32 -9.45 2.54
N THR E 155 -15.24 -9.12 1.82
CA THR E 155 -14.46 -7.90 2.05
C THR E 155 -13.96 -7.35 0.73
N SER E 156 -13.38 -6.16 0.76
CA SER E 156 -12.80 -5.60 -0.44
C SER E 156 -11.30 -5.84 -0.39
N PRO E 157 -10.69 -6.20 -1.54
CA PRO E 157 -9.28 -6.43 -1.71
C PRO E 157 -8.41 -5.48 -0.89
N GLU E 158 -8.78 -4.19 -0.88
CA GLU E 158 -7.98 -3.13 -0.27
C GLU E 158 -7.98 -3.27 1.24
N VAL E 159 -9.16 -3.50 1.80
CA VAL E 159 -9.31 -3.74 3.24
C VAL E 159 -8.50 -4.97 3.65
N ALA E 160 -8.61 -6.02 2.84
CA ALA E 160 -7.88 -7.26 3.07
C ALA E 160 -6.37 -7.03 2.98
N TYR E 161 -5.92 -6.34 1.94
CA TYR E 161 -4.50 -5.99 1.80
C TYR E 161 -4.00 -5.28 3.04
N GLU E 162 -4.82 -4.34 3.53
CA GLU E 162 -4.52 -3.54 4.72
C GLU E 162 -4.19 -4.41 5.96
N ARG E 163 -5.11 -5.31 6.26
CA ARG E 163 -5.01 -6.21 7.40
C ARG E 163 -3.79 -7.14 7.28
N ILE E 164 -3.09 -7.09 6.15
CA ILE E 164 -1.91 -7.97 5.87
C ILE E 164 -0.55 -7.25 6.02
N ARG E 165 -0.53 -5.94 5.74
CA ARG E 165 0.63 -5.10 6.04
C ARG E 165 0.67 -4.78 7.56
N GLN E 166 -0.50 -4.80 8.22
CA GLN E 166 -0.56 -4.55 9.67
C GLN E 166 -0.23 -5.78 10.52
N ARG E 167 -0.69 -6.97 10.11
CA ARG E 167 -0.41 -8.22 10.83
C ARG E 167 1.07 -8.63 10.77
N ALA E 168 1.45 -9.57 11.63
CA ALA E 168 2.85 -9.94 11.85
C ALA E 168 3.43 -10.83 10.74
N ARG E 169 4.61 -10.48 10.23
CA ARG E 169 5.21 -11.13 9.04
C ARG E 169 4.97 -12.67 8.91
N SER E 170 4.45 -13.09 7.77
CA SER E 170 4.11 -14.49 7.46
C SER E 170 4.75 -14.84 6.12
N GLU E 171 4.65 -16.10 5.70
CA GLU E 171 5.18 -16.47 4.38
C GLU E 171 4.28 -15.91 3.26
N GLU E 172 2.99 -15.80 3.59
CA GLU E 172 1.98 -15.24 2.68
C GLU E 172 2.01 -13.72 2.57
N SER E 173 2.67 -13.06 3.52
CA SER E 173 2.57 -11.61 3.68
C SER E 173 3.24 -10.87 2.52
N CYS E 174 3.60 -11.66 1.52
CA CYS E 174 4.30 -11.19 0.37
C CYS E 174 3.37 -10.83 -0.79
N VAL E 175 2.11 -11.29 -0.75
CA VAL E 175 1.20 -11.10 -1.91
C VAL E 175 0.98 -9.64 -2.34
N PRO E 176 0.90 -9.41 -3.67
CA PRO E 176 0.51 -8.13 -4.26
C PRO E 176 -1.00 -7.92 -4.21
N LEU E 177 -1.43 -6.67 -4.13
CA LEU E 177 -2.86 -6.35 -4.19
C LEU E 177 -3.56 -7.01 -5.41
N LYS E 178 -2.84 -7.04 -6.53
CA LYS E 178 -3.32 -7.66 -7.77
C LYS E 178 -3.83 -9.10 -7.54
N TYR E 179 -3.08 -9.85 -6.72
CA TYR E 179 -3.39 -11.25 -6.37
C TYR E 179 -4.66 -11.33 -5.56
N LEU E 180 -4.78 -10.46 -4.57
CA LEU E 180 -5.99 -10.41 -3.75
C LEU E 180 -7.23 -9.98 -4.51
N GLN E 181 -7.04 -9.17 -5.56
CA GLN E 181 -8.14 -8.78 -6.47
C GLN E 181 -8.63 -10.00 -7.24
N GLU E 182 -7.68 -10.72 -7.84
CA GLU E 182 -7.96 -11.92 -8.61
C GLU E 182 -8.71 -12.92 -7.74
N LEU E 183 -8.21 -13.14 -6.54
CA LEU E 183 -8.87 -14.03 -5.58
C LEU E 183 -10.27 -13.57 -5.18
N HIS E 184 -10.41 -12.26 -5.02
CA HIS E 184 -11.68 -11.68 -4.60
C HIS E 184 -12.74 -11.97 -5.65
N GLU E 185 -12.43 -11.62 -6.91
CA GLU E 185 -13.35 -11.85 -8.01
C GLU E 185 -13.75 -13.33 -8.11
N LEU E 186 -12.81 -14.24 -7.82
CA LEU E 186 -13.08 -15.66 -7.90
C LEU E 186 -14.05 -16.14 -6.82
N HIS E 187 -13.94 -15.55 -5.63
CA HIS E 187 -14.87 -15.84 -4.55
C HIS E 187 -16.26 -15.28 -4.84
N GLU E 188 -16.28 -14.06 -5.37
CA GLU E 188 -17.52 -13.45 -5.82
C GLU E 188 -18.23 -14.31 -6.88
N ASP E 189 -17.48 -14.79 -7.88
CA ASP E 189 -18.04 -15.63 -8.95
C ASP E 189 -18.68 -16.86 -8.34
N TRP E 190 -18.00 -17.41 -7.34
CA TRP E 190 -18.42 -18.68 -6.77
C TRP E 190 -19.60 -18.53 -5.80
N LEU E 191 -19.56 -17.48 -5.00
CA LEU E 191 -20.48 -17.37 -3.88
C LEU E 191 -21.70 -16.46 -4.11
N ILE E 192 -21.51 -15.37 -4.84
CA ILE E 192 -22.56 -14.39 -5.19
C ILE E 192 -23.24 -14.70 -6.56
N HIS E 193 -22.50 -14.52 -7.66
CA HIS E 193 -22.95 -14.90 -9.01
C HIS E 193 -22.97 -16.44 -9.24
N GLN E 194 -23.91 -17.09 -8.55
CA GLN E 194 -24.08 -18.55 -8.45
C GLN E 194 -24.21 -18.87 -6.94
N CYS E 200 -25.65 -25.26 -2.12
CA CYS E 200 -26.16 -24.99 -0.79
C CYS E 200 -26.16 -23.50 -0.44
N LYS E 201 -26.86 -23.15 0.64
CA LYS E 201 -27.10 -21.76 1.05
C LYS E 201 -25.82 -21.03 1.45
N VAL E 202 -25.70 -19.77 1.02
CA VAL E 202 -24.58 -18.92 1.40
C VAL E 202 -25.05 -17.74 2.25
N LEU E 203 -24.41 -17.53 3.39
CA LEU E 203 -24.73 -16.44 4.29
C LEU E 203 -23.60 -15.43 4.21
N VAL E 204 -23.86 -14.31 3.55
CA VAL E 204 -22.83 -13.30 3.36
C VAL E 204 -22.76 -12.40 4.58
N LEU E 205 -21.55 -12.15 5.09
CA LEU E 205 -21.34 -11.19 6.17
C LEU E 205 -20.36 -10.11 5.72
N ASP E 206 -20.69 -8.87 6.03
CA ASP E 206 -19.81 -7.75 5.68
C ASP E 206 -18.74 -7.61 6.76
N ALA E 207 -17.52 -8.01 6.40
CA ALA E 207 -16.39 -8.01 7.36
C ALA E 207 -15.51 -6.74 7.31
N ASP E 208 -16.14 -5.57 7.41
CA ASP E 208 -15.47 -4.27 7.37
C ASP E 208 -15.90 -3.40 8.54
N THR F 12 -17.01 -48.86 5.27
CA THR F 12 -16.83 -47.40 5.09
C THR F 12 -16.00 -47.03 3.84
N LYS F 13 -14.89 -47.76 3.62
CA LYS F 13 -13.97 -47.48 2.50
C LYS F 13 -14.65 -47.46 1.12
N TYR F 14 -14.23 -46.53 0.25
CA TYR F 14 -14.82 -46.44 -1.08
C TYR F 14 -14.58 -47.72 -1.87
N ALA F 15 -15.61 -48.14 -2.62
CA ALA F 15 -15.56 -49.37 -3.43
C ALA F 15 -15.30 -50.68 -2.65
N GLU F 16 -15.57 -50.66 -1.35
CA GLU F 16 -15.40 -51.85 -0.51
C GLU F 16 -16.45 -52.88 -0.86
N GLY F 17 -16.03 -54.16 -0.89
CA GLY F 17 -16.91 -55.27 -1.23
C GLY F 17 -17.62 -55.19 -2.59
N THR F 18 -17.13 -54.32 -3.49
CA THR F 18 -17.71 -54.18 -4.84
C THR F 18 -16.80 -54.79 -5.91
N GLN F 19 -15.78 -55.52 -5.45
CA GLN F 19 -14.69 -56.03 -6.31
C GLN F 19 -14.53 -57.55 -6.24
N PRO F 20 -14.34 -58.20 -7.41
CA PRO F 20 -14.12 -59.63 -7.45
C PRO F 20 -12.66 -60.00 -7.15
N PHE F 21 -12.35 -61.30 -7.17
CA PHE F 21 -10.96 -61.78 -7.08
C PHE F 21 -10.06 -61.03 -8.09
N THR F 22 -8.96 -60.46 -7.59
CA THR F 22 -8.14 -59.57 -8.43
C THR F 22 -6.70 -60.05 -8.52
N VAL F 23 -6.17 -60.05 -9.74
CA VAL F 23 -4.79 -60.45 -9.96
C VAL F 23 -4.05 -59.24 -10.52
N LEU F 24 -2.89 -58.95 -9.91
CA LEU F 24 -2.01 -57.88 -10.36
C LEU F 24 -0.76 -58.42 -11.05
N ILE F 25 -0.57 -58.02 -12.31
CA ILE F 25 0.63 -58.39 -13.05
C ILE F 25 1.72 -57.36 -12.80
N GLU F 26 2.68 -57.74 -11.97
CA GLU F 26 3.85 -56.92 -11.74
C GLU F 26 5.07 -57.37 -12.56
N GLY F 27 6.05 -56.46 -12.69
CA GLY F 27 7.28 -56.72 -13.42
C GLY F 27 7.94 -55.43 -13.87
N ASN F 28 9.26 -55.49 -14.07
CA ASN F 28 10.03 -54.36 -14.54
C ASN F 28 9.56 -53.92 -15.93
N ILE F 29 9.98 -52.72 -16.36
CA ILE F 29 9.76 -52.25 -17.72
C ILE F 29 10.45 -53.25 -18.64
N GLY F 30 9.75 -53.70 -19.66
CA GLY F 30 10.38 -54.61 -20.61
C GLY F 30 10.49 -56.04 -20.07
N SER F 31 9.62 -56.40 -19.14
CA SER F 31 9.57 -57.78 -18.69
C SER F 31 8.48 -58.56 -19.41
N GLY F 32 8.02 -58.00 -20.54
CA GLY F 32 7.02 -58.65 -21.40
C GLY F 32 5.66 -58.82 -20.74
N LYS F 33 5.18 -57.75 -20.08
CA LYS F 33 3.85 -57.77 -19.47
C LYS F 33 2.75 -57.59 -20.50
N THR F 34 2.95 -56.69 -21.46
CA THR F 34 1.99 -56.51 -22.53
C THR F 34 1.76 -57.83 -23.24
N THR F 35 2.86 -58.46 -23.66
CA THR F 35 2.83 -59.77 -24.33
C THR F 35 2.04 -60.78 -23.49
N TYR F 36 2.43 -60.90 -22.22
CA TYR F 36 1.80 -61.86 -21.34
C TYR F 36 0.30 -61.62 -21.22
N LEU F 37 -0.12 -60.37 -21.29
CA LEU F 37 -1.53 -60.02 -21.12
C LEU F 37 -2.39 -60.24 -22.32
N ASN F 38 -1.78 -60.17 -23.51
CA ASN F 38 -2.45 -60.50 -24.75
C ASN F 38 -3.00 -61.92 -24.76
N HIS F 39 -2.36 -62.82 -24.01
CA HIS F 39 -2.84 -64.19 -23.90
C HIS F 39 -4.20 -64.28 -23.21
N PHE F 40 -4.60 -63.22 -22.51
CA PHE F 40 -5.88 -63.22 -21.80
C PHE F 40 -6.98 -62.54 -22.60
N GLU F 41 -6.59 -61.87 -23.66
CA GLU F 41 -7.48 -61.18 -24.57
C GLU F 41 -8.80 -61.94 -24.84
N LYS F 42 -8.70 -63.16 -25.36
CA LYS F 42 -9.88 -63.92 -25.75
C LYS F 42 -10.84 -64.26 -24.59
N TYR F 43 -10.50 -63.90 -23.36
CA TYR F 43 -11.37 -64.20 -22.22
C TYR F 43 -12.12 -62.98 -21.71
N LYS F 44 -12.07 -61.91 -22.51
CA LYS F 44 -12.74 -60.63 -22.24
C LYS F 44 -14.14 -60.79 -21.64
N ASN F 45 -14.87 -61.79 -22.12
CA ASN F 45 -16.25 -62.04 -21.68
C ASN F 45 -16.41 -62.47 -20.22
N ASP F 46 -15.40 -63.13 -19.64
CA ASP F 46 -15.55 -63.64 -18.25
C ASP F 46 -14.49 -63.07 -17.32
N ILE F 47 -13.57 -62.32 -17.92
CA ILE F 47 -12.45 -61.73 -17.21
C ILE F 47 -12.42 -60.23 -17.46
N CYS F 48 -12.41 -59.47 -16.37
CA CYS F 48 -12.19 -58.03 -16.45
C CYS F 48 -10.69 -57.79 -16.63
N LEU F 49 -10.33 -57.28 -17.82
CA LEU F 49 -8.94 -57.21 -18.26
C LEU F 49 -8.44 -55.77 -18.46
N LEU F 50 -7.76 -55.23 -17.45
CA LEU F 50 -7.32 -53.82 -17.46
C LEU F 50 -5.83 -53.66 -17.63
N THR F 51 -5.44 -53.20 -18.81
CA THR F 51 -4.03 -52.95 -19.06
C THR F 51 -3.58 -51.65 -18.37
N GLU F 52 -2.27 -51.47 -18.24
CA GLU F 52 -1.70 -50.24 -17.77
C GLU F 52 -2.28 -49.06 -18.59
N PRO F 53 -2.79 -48.01 -17.91
CA PRO F 53 -3.44 -46.88 -18.57
C PRO F 53 -2.47 -45.95 -19.28
N VAL F 54 -1.46 -46.53 -19.93
CA VAL F 54 -0.47 -45.74 -20.65
C VAL F 54 -1.18 -44.70 -21.51
N GLU F 55 -2.31 -45.09 -22.12
CA GLU F 55 -3.04 -44.21 -23.03
C GLU F 55 -3.47 -42.90 -22.40
N LYS F 56 -4.12 -42.99 -21.23
CA LYS F 56 -4.42 -41.84 -20.41
C LYS F 56 -3.18 -40.96 -20.14
N TRP F 57 -2.05 -41.58 -19.76
CA TRP F 57 -0.83 -40.82 -19.40
C TRP F 57 -0.24 -40.12 -20.61
N ARG F 58 -0.52 -40.66 -21.80
CA ARG F 58 0.08 -40.12 -23.01
C ARG F 58 -0.72 -38.94 -23.48
N ASN F 59 -1.98 -38.87 -23.01
CA ASN F 59 -2.89 -37.85 -23.50
C ASN F 59 -3.83 -37.37 -22.38
N VAL F 60 -3.38 -36.35 -21.66
CA VAL F 60 -4.22 -35.73 -20.63
C VAL F 60 -4.67 -34.38 -21.18
N ASN F 61 -5.87 -34.38 -21.78
CA ASN F 61 -6.33 -33.26 -22.58
C ASN F 61 -5.18 -32.66 -23.43
N GLY F 62 -4.51 -33.54 -24.16
CA GLY F 62 -3.52 -33.10 -25.13
C GLY F 62 -2.07 -33.13 -24.66
N VAL F 63 -1.88 -33.06 -23.34
CA VAL F 63 -0.52 -33.08 -22.79
C VAL F 63 -0.09 -34.54 -22.64
N ASN F 64 1.10 -34.85 -23.16
CA ASN F 64 1.67 -36.19 -22.97
C ASN F 64 2.60 -36.21 -21.76
N LEU F 65 2.05 -36.58 -20.61
CA LEU F 65 2.81 -36.52 -19.35
C LEU F 65 3.99 -37.49 -19.35
N LEU F 66 3.79 -38.66 -19.97
CA LEU F 66 4.81 -39.70 -20.00
C LEU F 66 6.05 -39.19 -20.69
N GLU F 67 5.86 -38.58 -21.84
CA GLU F 67 6.98 -38.04 -22.60
C GLU F 67 7.69 -36.97 -21.82
N LEU F 68 6.92 -36.07 -21.23
CA LEU F 68 7.48 -34.95 -20.48
C LEU F 68 8.25 -35.43 -19.26
N MET F 69 7.73 -36.45 -18.59
CA MET F 69 8.40 -36.99 -17.43
C MET F 69 9.77 -37.53 -17.83
N TYR F 70 9.83 -38.31 -18.92
CA TYR F 70 11.09 -38.89 -19.40
C TYR F 70 12.06 -37.86 -19.91
N LYS F 71 11.54 -36.83 -20.58
CA LYS F 71 12.40 -35.78 -21.15
C LYS F 71 12.94 -34.85 -20.07
N ASP F 72 12.12 -34.55 -19.05
CA ASP F 72 12.52 -33.62 -17.98
C ASP F 72 12.02 -34.08 -16.61
N PRO F 73 12.69 -35.10 -16.04
CA PRO F 73 12.22 -35.71 -14.80
C PRO F 73 12.10 -34.74 -13.62
N LYS F 74 13.06 -33.83 -13.46
CA LYS F 74 13.01 -32.93 -12.29
C LYS F 74 11.78 -32.01 -12.27
N LYS F 75 11.17 -31.82 -13.43
CA LYS F 75 10.04 -30.94 -13.56
C LYS F 75 8.71 -31.69 -13.57
N TRP F 76 8.68 -32.87 -14.19
CA TRP F 76 7.39 -33.53 -14.46
C TRP F 76 7.10 -34.82 -13.70
N ALA F 77 8.08 -35.33 -12.93
CA ALA F 77 7.87 -36.59 -12.22
C ALA F 77 6.71 -36.45 -11.26
N MET F 78 6.76 -35.41 -10.44
CA MET F 78 5.68 -35.09 -9.50
C MET F 78 4.26 -35.07 -10.12
N PRO F 79 4.01 -34.18 -11.11
CA PRO F 79 2.68 -34.28 -11.66
C PRO F 79 2.41 -35.65 -12.30
N PHE F 80 3.34 -36.14 -13.12
CA PHE F 80 3.15 -37.44 -13.80
C PHE F 80 2.74 -38.59 -12.83
N GLN F 81 3.54 -38.76 -11.77
CA GLN F 81 3.29 -39.82 -10.78
C GLN F 81 1.96 -39.61 -10.05
N SER F 82 1.60 -38.33 -9.86
CA SER F 82 0.36 -38.00 -9.18
C SER F 82 -0.73 -38.54 -10.06
N TYR F 83 -0.60 -38.26 -11.35
CA TYR F 83 -1.57 -38.75 -12.31
C TYR F 83 -1.60 -40.29 -12.42
N VAL F 84 -0.42 -40.92 -12.36
CA VAL F 84 -0.37 -42.38 -12.39
C VAL F 84 -1.19 -42.95 -11.20
N THR F 85 -0.99 -42.36 -10.04
CA THR F 85 -1.70 -42.85 -8.88
C THR F 85 -3.19 -42.81 -9.12
N LEU F 86 -3.64 -41.71 -9.74
CA LEU F 86 -5.06 -41.50 -9.93
C LEU F 86 -5.62 -42.57 -10.88
N THR F 87 -5.02 -42.69 -12.06
CA THR F 87 -5.42 -43.72 -13.01
C THR F 87 -5.34 -45.15 -12.42
N MET F 88 -4.42 -45.38 -11.49
CA MET F 88 -4.40 -46.65 -10.83
C MET F 88 -5.67 -46.83 -10.01
N LEU F 89 -6.07 -45.76 -9.33
CA LEU F 89 -7.24 -45.82 -8.47
C LEU F 89 -8.48 -46.04 -9.30
N GLN F 90 -8.53 -45.35 -10.43
CA GLN F 90 -9.65 -45.52 -11.33
C GLN F 90 -9.80 -46.98 -11.78
N SER F 91 -8.67 -47.66 -12.06
CA SER F 91 -8.68 -49.08 -12.36
C SER F 91 -9.02 -49.90 -11.13
N HIS F 92 -8.32 -49.68 -10.03
CA HIS F 92 -8.54 -50.47 -8.82
C HIS F 92 -9.99 -50.47 -8.30
N THR F 93 -10.83 -49.55 -8.83
CA THR F 93 -12.16 -49.32 -8.25
C THR F 93 -13.27 -49.30 -9.28
N ALA F 94 -12.91 -49.29 -10.57
CA ALA F 94 -13.90 -49.48 -11.65
C ALA F 94 -14.85 -50.63 -11.28
N PRO F 95 -16.16 -50.45 -11.52
CA PRO F 95 -17.07 -51.51 -11.07
C PRO F 95 -17.09 -52.60 -12.13
N THR F 96 -17.51 -53.81 -11.75
CA THR F 96 -17.54 -54.91 -12.71
C THR F 96 -18.43 -56.11 -12.35
N ASN F 97 -19.05 -56.69 -13.38
CA ASN F 97 -19.83 -57.93 -13.26
C ASN F 97 -18.95 -59.16 -13.02
N LYS F 98 -17.88 -59.25 -13.81
CA LYS F 98 -17.02 -60.44 -13.91
C LYS F 98 -16.51 -60.97 -12.56
N LYS F 99 -16.18 -62.26 -12.53
CA LYS F 99 -15.80 -62.94 -11.28
C LYS F 99 -14.29 -62.91 -11.04
N LEU F 100 -13.54 -62.53 -12.08
CA LEU F 100 -12.10 -62.33 -12.01
C LEU F 100 -11.66 -61.00 -12.61
N LYS F 101 -10.74 -60.32 -11.93
CA LYS F 101 -10.17 -59.09 -12.44
C LYS F 101 -8.64 -59.21 -12.56
N ILE F 102 -8.10 -58.80 -13.71
CA ILE F 102 -6.63 -58.79 -13.91
C ILE F 102 -6.13 -57.41 -14.35
N MET F 103 -5.20 -56.85 -13.57
CA MET F 103 -4.66 -55.52 -13.80
C MET F 103 -3.17 -55.56 -14.11
N GLU F 104 -2.76 -54.88 -15.16
CA GLU F 104 -1.33 -54.70 -15.40
C GLU F 104 -0.80 -53.62 -14.48
N ARG F 105 0.15 -53.98 -13.61
CA ARG F 105 0.73 -53.07 -12.60
C ARG F 105 -0.37 -52.67 -11.63
N SER F 106 -0.05 -51.80 -10.67
CA SER F 106 -0.98 -51.47 -9.59
C SER F 106 -0.55 -50.20 -8.90
N ILE F 107 -1.33 -49.76 -7.93
CA ILE F 107 -0.98 -48.60 -7.13
C ILE F 107 0.30 -48.90 -6.32
N PHE F 108 0.48 -50.18 -5.97
CA PHE F 108 1.64 -50.58 -5.18
C PHE F 108 2.96 -50.48 -5.93
N SER F 109 2.99 -50.96 -7.18
CA SER F 109 4.23 -50.82 -7.95
C SER F 109 4.59 -49.34 -8.16
N ALA F 110 3.55 -48.53 -8.40
CA ALA F 110 3.69 -47.08 -8.49
C ALA F 110 4.34 -46.52 -7.23
N ARG F 111 3.88 -46.96 -6.06
CA ARG F 111 4.38 -46.36 -4.84
C ARG F 111 5.76 -46.90 -4.51
N TYR F 112 5.86 -48.22 -4.48
CA TYR F 112 7.02 -48.91 -3.91
C TYR F 112 8.21 -48.99 -4.85
N CYS F 113 7.95 -49.00 -6.16
CA CYS F 113 9.06 -49.05 -7.13
C CYS F 113 9.34 -47.70 -7.75
N PHE F 114 8.43 -47.21 -8.58
CA PHE F 114 8.71 -46.02 -9.37
C PHE F 114 8.85 -44.75 -8.56
N VAL F 115 7.90 -44.46 -7.65
CA VAL F 115 8.02 -43.24 -6.87
C VAL F 115 9.28 -43.30 -6.03
N GLU F 116 9.46 -44.41 -5.33
CA GLU F 116 10.62 -44.64 -4.50
C GLU F 116 11.93 -44.46 -5.25
N ASN F 117 12.00 -44.96 -6.47
CA ASN F 117 13.22 -44.82 -7.23
C ASN F 117 13.47 -43.41 -7.70
N MET F 118 12.39 -42.71 -8.02
CA MET F 118 12.47 -41.31 -8.44
C MET F 118 12.90 -40.37 -7.33
N ARG F 119 12.59 -40.76 -6.10
CA ARG F 119 13.14 -40.07 -4.94
C ARG F 119 14.65 -40.23 -4.90
N ARG F 120 15.12 -41.48 -4.95
CA ARG F 120 16.53 -41.83 -4.80
C ARG F 120 17.42 -41.22 -5.87
N ASN F 121 16.94 -41.09 -7.10
CA ASN F 121 17.80 -40.53 -8.15
C ASN F 121 17.64 -39.03 -8.35
N GLY F 122 17.05 -38.37 -7.35
CA GLY F 122 16.95 -36.92 -7.32
C GLY F 122 15.82 -36.31 -8.13
N SER F 123 15.07 -37.15 -8.86
CA SER F 123 14.00 -36.64 -9.73
C SER F 123 12.88 -36.01 -8.92
N LEU F 124 12.45 -36.68 -7.86
CA LEU F 124 11.48 -36.10 -6.95
C LEU F 124 12.24 -35.50 -5.76
N GLU F 125 12.07 -34.21 -5.52
CA GLU F 125 12.60 -33.58 -4.28
C GLU F 125 11.78 -33.96 -3.06
N GLN F 126 12.37 -33.84 -1.89
CA GLN F 126 11.73 -34.28 -0.67
C GLN F 126 10.27 -33.74 -0.52
N GLY F 127 10.10 -32.45 -0.80
CA GLY F 127 8.78 -31.84 -0.75
C GLY F 127 7.77 -32.53 -1.66
N MET F 128 8.20 -32.82 -2.90
CA MET F 128 7.35 -33.53 -3.83
C MET F 128 7.07 -34.96 -3.43
N TYR F 129 8.11 -35.68 -2.99
CA TYR F 129 7.95 -37.06 -2.55
C TYR F 129 6.97 -37.19 -1.40
N ASN F 130 7.15 -36.35 -0.39
CA ASN F 130 6.26 -36.35 0.78
C ASN F 130 4.79 -36.12 0.48
N THR F 131 4.52 -35.17 -0.42
CA THR F 131 3.17 -34.95 -0.90
C THR F 131 2.61 -36.24 -1.44
N LEU F 132 3.34 -36.92 -2.34
CA LEU F 132 2.88 -38.18 -2.88
C LEU F 132 2.62 -39.21 -1.77
N GLU F 133 3.57 -39.32 -0.83
CA GLU F 133 3.41 -40.28 0.26
C GLU F 133 2.20 -39.98 1.11
N GLU F 134 1.89 -38.70 1.31
CA GLU F 134 0.73 -38.36 2.11
C GLU F 134 -0.53 -38.82 1.43
N TRP F 135 -0.61 -38.65 0.13
CA TRP F 135 -1.72 -39.22 -0.65
C TRP F 135 -1.81 -40.73 -0.50
N TYR F 136 -0.68 -41.42 -0.65
CA TYR F 136 -0.74 -42.87 -0.55
C TYR F 136 -1.27 -43.24 0.81
N LYS F 137 -0.74 -42.61 1.86
CA LYS F 137 -1.19 -42.87 3.22
C LYS F 137 -2.70 -42.65 3.37
N PHE F 138 -3.20 -41.54 2.81
CA PHE F 138 -4.61 -41.28 2.88
C PHE F 138 -5.37 -42.31 2.11
N ILE F 139 -4.89 -42.63 0.91
CA ILE F 139 -5.58 -43.58 0.03
C ILE F 139 -5.76 -44.93 0.73
N GLU F 140 -4.72 -45.41 1.41
CA GLU F 140 -4.82 -46.74 1.99
C GLU F 140 -5.84 -46.80 3.14
N GLU F 141 -5.99 -45.69 3.87
CA GLU F 141 -6.96 -45.62 4.99
C GLU F 141 -8.41 -45.42 4.56
N SER F 142 -8.65 -45.11 3.28
CA SER F 142 -9.94 -44.58 2.88
C SER F 142 -10.48 -45.13 1.57
N ILE F 143 -9.61 -45.74 0.78
CA ILE F 143 -10.09 -46.38 -0.46
C ILE F 143 -9.68 -47.83 -0.47
N HIS F 144 -10.59 -48.71 -0.88
CA HIS F 144 -10.37 -50.17 -0.89
C HIS F 144 -9.64 -50.64 -2.15
N VAL F 145 -8.50 -51.31 -1.94
CA VAL F 145 -7.69 -51.82 -3.08
C VAL F 145 -7.62 -53.34 -2.99
N GLN F 146 -8.42 -53.97 -3.85
CA GLN F 146 -8.52 -55.43 -3.91
C GLN F 146 -7.29 -55.99 -4.59
N ALA F 147 -6.61 -56.90 -3.90
CA ALA F 147 -5.39 -57.51 -4.43
C ALA F 147 -5.23 -58.91 -3.82
N ASP F 148 -5.58 -59.93 -4.60
CA ASP F 148 -5.57 -61.29 -4.09
C ASP F 148 -4.33 -62.11 -4.48
N LEU F 149 -3.82 -61.86 -5.69
CA LEU F 149 -2.66 -62.57 -6.16
C LEU F 149 -1.88 -61.64 -7.05
N ILE F 150 -0.57 -61.66 -6.90
CA ILE F 150 0.30 -60.92 -7.78
C ILE F 150 1.10 -61.95 -8.58
N ILE F 151 1.14 -61.75 -9.89
CA ILE F 151 2.00 -62.54 -10.69
C ILE F 151 3.21 -61.67 -10.99
N TYR F 152 4.37 -62.05 -10.44
CA TYR F 152 5.62 -61.37 -10.73
C TYR F 152 6.35 -61.97 -11.94
N LEU F 153 6.37 -61.23 -13.06
CA LEU F 153 7.21 -61.58 -14.19
C LEU F 153 8.64 -61.15 -13.89
N ARG F 154 9.37 -62.05 -13.24
CA ARG F 154 10.76 -61.80 -12.86
C ARG F 154 11.72 -61.99 -14.02
N THR F 155 12.59 -61.01 -14.24
CA THR F 155 13.58 -61.07 -15.32
C THR F 155 14.84 -60.38 -14.83
N SER F 156 15.89 -60.46 -15.64
CA SER F 156 17.10 -59.74 -15.30
C SER F 156 17.18 -58.44 -16.08
N PRO F 157 17.67 -57.36 -15.44
CA PRO F 157 17.86 -56.06 -16.07
C PRO F 157 18.34 -56.13 -17.49
N GLU F 158 19.31 -57.00 -17.75
CA GLU F 158 19.96 -57.13 -19.06
C GLU F 158 19.00 -57.69 -20.10
N VAL F 159 18.27 -58.73 -19.73
CA VAL F 159 17.25 -59.28 -20.61
C VAL F 159 16.18 -58.23 -20.96
N ALA F 160 15.73 -57.53 -19.91
CA ALA F 160 14.75 -56.48 -20.04
C ALA F 160 15.27 -55.38 -20.94
N TYR F 161 16.49 -54.90 -20.69
CA TYR F 161 17.11 -53.87 -21.54
C TYR F 161 17.09 -54.28 -23.02
N GLU F 162 17.38 -55.55 -23.29
CA GLU F 162 17.41 -56.03 -24.67
C GLU F 162 16.00 -56.23 -25.20
N ARG F 163 15.04 -56.64 -24.38
CA ARG F 163 13.65 -56.69 -24.89
C ARG F 163 13.13 -55.32 -25.33
N ILE F 164 13.66 -54.28 -24.69
CA ILE F 164 13.37 -52.88 -24.94
C ILE F 164 14.04 -52.38 -26.22
N ARG F 165 15.31 -52.68 -26.44
CA ARG F 165 16.00 -52.21 -27.65
C ARG F 165 15.40 -52.82 -28.92
N GLN F 166 14.80 -54.01 -28.78
CA GLN F 166 14.07 -54.66 -29.88
C GLN F 166 12.82 -53.92 -30.36
N ARG F 167 11.84 -53.80 -29.47
CA ARG F 167 10.50 -53.25 -29.79
C ARG F 167 10.49 -51.83 -30.37
N ALA F 168 9.36 -51.49 -31.01
CA ALA F 168 9.19 -50.21 -31.71
C ALA F 168 9.41 -48.97 -30.81
N ARG F 169 10.40 -48.14 -31.22
CA ARG F 169 10.81 -46.91 -30.52
C ARG F 169 9.74 -46.14 -29.71
N SER F 170 9.89 -46.15 -28.38
CA SER F 170 9.01 -45.42 -27.46
C SER F 170 9.65 -44.18 -26.76
N GLU F 171 9.04 -43.76 -25.66
CA GLU F 171 9.61 -42.75 -24.77
C GLU F 171 10.42 -43.48 -23.69
N GLU F 172 9.85 -44.60 -23.20
CA GLU F 172 10.49 -45.48 -22.21
C GLU F 172 11.66 -46.21 -22.82
N SER F 173 11.48 -46.75 -24.03
CA SER F 173 12.56 -47.42 -24.74
C SER F 173 13.59 -46.36 -25.13
N CYS F 174 14.58 -46.19 -24.24
CA CYS F 174 15.51 -45.08 -24.25
C CYS F 174 16.14 -44.90 -22.85
N VAL F 175 15.80 -45.84 -21.97
CA VAL F 175 16.25 -45.87 -20.59
C VAL F 175 17.70 -46.33 -20.45
N PRO F 176 18.44 -45.80 -19.44
CA PRO F 176 19.72 -46.44 -19.15
C PRO F 176 19.54 -47.77 -18.42
N LEU F 177 20.45 -48.71 -18.66
CA LEU F 177 20.46 -50.00 -17.95
C LEU F 177 20.52 -49.78 -16.42
N LYS F 178 21.25 -48.75 -16.00
CA LYS F 178 21.30 -48.34 -14.58
C LYS F 178 19.89 -48.19 -13.95
N TYR F 179 18.99 -47.52 -14.68
CA TYR F 179 17.59 -47.30 -14.28
C TYR F 179 16.85 -48.62 -14.09
N LEU F 180 16.93 -49.49 -15.09
CA LEU F 180 16.31 -50.79 -15.01
C LEU F 180 16.83 -51.67 -13.87
N GLN F 181 18.11 -51.51 -13.54
CA GLN F 181 18.71 -52.20 -12.40
C GLN F 181 18.04 -51.73 -11.11
N GLU F 182 17.97 -50.40 -10.94
CA GLU F 182 17.37 -49.76 -9.77
C GLU F 182 15.94 -50.24 -9.59
N LEU F 183 15.18 -50.21 -10.67
CA LEU F 183 13.82 -50.75 -10.63
C LEU F 183 13.74 -52.23 -10.29
N HIS F 184 14.67 -53.01 -10.83
CA HIS F 184 14.70 -54.44 -10.64
C HIS F 184 14.86 -54.74 -9.16
N GLU F 185 15.86 -54.11 -8.53
CA GLU F 185 16.13 -54.29 -7.10
C GLU F 185 14.95 -53.90 -6.24
N LEU F 186 14.22 -52.88 -6.67
CA LEU F 186 13.03 -52.41 -5.96
C LEU F 186 11.87 -53.39 -6.02
N HIS F 187 11.68 -54.04 -7.15
CA HIS F 187 10.68 -55.09 -7.29
C HIS F 187 11.05 -56.28 -6.43
N GLU F 188 12.34 -56.63 -6.47
CA GLU F 188 12.87 -57.78 -5.72
C GLU F 188 12.65 -57.55 -4.23
N ASP F 189 12.94 -56.33 -3.76
CA ASP F 189 12.70 -55.96 -2.36
C ASP F 189 11.24 -56.14 -1.96
N TRP F 190 10.35 -55.72 -2.86
CA TRP F 190 8.96 -55.72 -2.56
C TRP F 190 8.39 -57.12 -2.68
N LEU F 191 8.78 -57.87 -3.70
CA LEU F 191 8.16 -59.19 -3.93
C LEU F 191 9.03 -60.43 -3.53
N ILE F 192 10.34 -60.22 -3.43
CA ILE F 192 11.26 -61.28 -3.02
C ILE F 192 11.66 -61.19 -1.54
N HIS F 193 12.44 -60.18 -1.13
CA HIS F 193 12.92 -60.10 0.26
C HIS F 193 11.84 -59.55 1.21
N GLN F 194 10.57 -59.62 0.82
CA GLN F 194 9.39 -59.11 1.60
C GLN F 194 9.26 -57.58 1.65
N CYS F 200 -0.34 -60.38 0.51
CA CYS F 200 -0.96 -61.45 -0.26
C CYS F 200 0.08 -62.28 -1.03
N LYS F 201 -0.37 -63.40 -1.60
CA LYS F 201 0.52 -64.39 -2.24
C LYS F 201 1.14 -63.87 -3.53
N VAL F 202 2.41 -64.18 -3.72
CA VAL F 202 3.12 -63.85 -4.96
C VAL F 202 3.50 -65.11 -5.76
N LEU F 203 3.13 -65.13 -7.03
CA LEU F 203 3.47 -66.23 -7.92
C LEU F 203 4.54 -65.75 -8.88
N VAL F 204 5.78 -66.16 -8.64
CA VAL F 204 6.90 -65.73 -9.47
C VAL F 204 6.98 -66.58 -10.74
N LEU F 205 7.12 -65.94 -11.90
CA LEU F 205 7.36 -66.65 -13.15
C LEU F 205 8.66 -66.20 -13.76
N ASP F 206 9.45 -67.15 -14.27
CA ASP F 206 10.70 -66.81 -14.94
C ASP F 206 10.42 -66.43 -16.40
N ALA F 207 10.55 -65.14 -16.70
CA ALA F 207 10.21 -64.62 -18.03
C ALA F 207 11.44 -64.45 -18.95
N ASP F 208 12.21 -65.54 -19.08
CA ASP F 208 13.41 -65.59 -19.93
C ASP F 208 13.39 -66.78 -20.89
N THR G 12 73.77 -58.93 11.46
CA THR G 12 73.64 -60.34 11.01
C THR G 12 72.23 -60.67 10.52
N LYS G 13 71.19 -60.15 11.21
CA LYS G 13 69.79 -60.40 10.84
C LYS G 13 69.42 -60.03 9.40
N TYR G 14 68.55 -60.81 8.77
CA TYR G 14 68.16 -60.55 7.38
C TYR G 14 67.38 -59.25 7.31
N ALA G 15 67.65 -58.49 6.25
CA ALA G 15 67.02 -57.19 6.00
C ALA G 15 67.26 -56.14 7.13
N GLU G 16 68.33 -56.32 7.89
CA GLU G 16 68.67 -55.38 8.95
C GLU G 16 69.20 -54.09 8.31
N GLY G 17 68.81 -52.94 8.90
CA GLY G 17 69.20 -51.62 8.42
C GLY G 17 68.86 -51.28 6.98
N THR G 18 67.94 -52.05 6.38
CA THR G 18 67.51 -51.83 4.96
C THR G 18 66.08 -51.28 4.91
N GLN G 19 65.57 -50.88 6.08
CA GLN G 19 64.18 -50.47 6.25
C GLN G 19 64.01 -49.06 6.83
N PRO G 20 63.10 -48.28 6.24
CA PRO G 20 62.82 -46.93 6.74
C PRO G 20 61.87 -46.96 7.95
N PHE G 21 61.51 -45.79 8.46
CA PHE G 21 60.51 -45.65 9.51
C PHE G 21 59.22 -46.39 9.12
N THR G 22 58.74 -47.27 10.01
CA THR G 22 57.63 -48.17 9.67
C THR G 22 56.43 -48.01 10.60
N VAL G 23 55.26 -47.88 10.00
CA VAL G 23 54.05 -47.76 10.78
C VAL G 23 53.16 -48.97 10.51
N LEU G 24 52.68 -49.57 11.58
CA LEU G 24 51.83 -50.76 11.46
C LEU G 24 50.40 -50.40 11.86
N ILE G 25 49.48 -50.56 10.92
CA ILE G 25 48.07 -50.37 11.20
C ILE G 25 47.47 -51.65 11.78
N GLU G 26 47.22 -51.63 13.09
CA GLU G 26 46.53 -52.73 13.76
C GLU G 26 45.05 -52.47 13.99
N GLY G 27 44.28 -53.53 14.22
CA GLY G 27 42.85 -53.39 14.51
C GLY G 27 42.10 -54.67 14.19
N ASN G 28 41.00 -54.91 14.93
CA ASN G 28 40.18 -56.07 14.76
C ASN G 28 39.65 -56.15 13.31
N ILE G 29 39.07 -57.30 12.95
CA ILE G 29 38.42 -57.44 11.65
C ILE G 29 37.26 -56.48 11.68
N GLY G 30 37.08 -55.72 10.59
CA GLY G 30 35.95 -54.81 10.52
C GLY G 30 36.13 -53.55 11.35
N SER G 31 37.37 -53.19 11.67
CA SER G 31 37.61 -51.92 12.37
C SER G 31 37.91 -50.79 11.37
N GLY G 32 37.56 -51.03 10.09
CA GLY G 32 37.74 -50.07 8.99
C GLY G 32 39.19 -49.74 8.68
N LYS G 33 40.05 -50.75 8.62
CA LYS G 33 41.45 -50.55 8.29
C LYS G 33 41.60 -50.27 6.80
N THR G 34 40.84 -50.97 5.96
CA THR G 34 40.96 -50.79 4.53
C THR G 34 40.60 -49.35 4.19
N THR G 35 39.48 -48.89 4.77
CA THR G 35 39.01 -47.52 4.61
C THR G 35 40.11 -46.55 5.03
N TYR G 36 40.58 -46.70 6.27
CA TYR G 36 41.60 -45.82 6.81
C TYR G 36 42.84 -45.73 5.93
N LEU G 37 43.17 -46.84 5.25
CA LEU G 37 44.38 -46.90 4.44
C LEU G 37 44.23 -46.29 3.06
N ASN G 38 43.01 -46.27 2.54
CA ASN G 38 42.73 -45.58 1.27
C ASN G 38 43.05 -44.08 1.32
N HIS G 39 43.00 -43.51 2.53
CA HIS G 39 43.35 -42.11 2.71
C HIS G 39 44.81 -41.83 2.41
N PHE G 40 45.64 -42.87 2.41
CA PHE G 40 47.07 -42.72 2.14
C PHE G 40 47.42 -42.95 0.69
N GLU G 41 46.46 -43.49 -0.06
CA GLU G 41 46.61 -43.82 -1.47
C GLU G 41 47.39 -42.76 -2.25
N LYS G 42 46.93 -41.52 -2.21
CA LYS G 42 47.54 -40.44 -3.00
C LYS G 42 49.01 -40.12 -2.65
N TYR G 43 49.54 -40.74 -1.62
CA TYR G 43 50.93 -40.49 -1.23
C TYR G 43 51.91 -41.59 -1.68
N LYS G 44 51.40 -42.48 -2.54
CA LYS G 44 52.15 -43.61 -3.10
C LYS G 44 53.58 -43.28 -3.46
N ASN G 45 53.78 -42.05 -3.95
CA ASN G 45 55.10 -41.61 -4.40
C ASN G 45 56.15 -41.45 -3.31
N ASP G 46 55.74 -41.12 -2.09
CA ASP G 46 56.71 -40.85 -1.02
C ASP G 46 56.54 -41.80 0.16
N ILE G 47 55.50 -42.62 0.07
CA ILE G 47 55.13 -43.55 1.12
C ILE G 47 55.04 -44.96 0.54
N CYS G 48 55.76 -45.90 1.16
CA CYS G 48 55.59 -47.30 0.82
C CYS G 48 54.35 -47.83 1.53
N LEU G 49 53.36 -48.21 0.73
CA LEU G 49 52.02 -48.49 1.22
C LEU G 49 51.62 -49.94 0.97
N LEU G 50 51.76 -50.78 1.99
CA LEU G 50 51.50 -52.22 1.83
C LEU G 50 50.25 -52.66 2.56
N THR G 51 49.23 -53.00 1.78
CA THR G 51 48.00 -53.51 2.38
C THR G 51 48.15 -54.98 2.76
N GLU G 52 47.24 -55.46 3.62
CA GLU G 52 47.19 -56.86 4.00
C GLU G 52 47.15 -57.71 2.73
N PRO G 53 48.06 -58.70 2.63
CA PRO G 53 48.19 -59.49 1.40
C PRO G 53 47.05 -60.50 1.21
N VAL G 54 45.83 -60.09 1.54
CA VAL G 54 44.64 -60.92 1.37
C VAL G 54 44.65 -61.61 0.00
N GLU G 55 45.07 -60.85 -1.02
CA GLU G 55 45.13 -61.36 -2.39
C GLU G 55 45.95 -62.62 -2.52
N LYS G 56 47.19 -62.58 -2.05
CA LYS G 56 48.02 -63.80 -1.93
C LYS G 56 47.29 -64.93 -1.19
N TRP G 57 46.66 -64.64 -0.06
CA TRP G 57 46.00 -65.70 0.71
C TRP G 57 44.81 -66.30 -0.04
N ARG G 58 44.26 -65.52 -0.96
CA ARG G 58 43.04 -65.97 -1.65
C ARG G 58 43.39 -66.85 -2.81
N ASN G 59 44.64 -66.74 -3.26
CA ASN G 59 45.08 -67.44 -4.45
C ASN G 59 46.56 -67.87 -4.36
N VAL G 60 46.77 -69.06 -3.82
CA VAL G 60 48.10 -69.66 -3.70
C VAL G 60 48.14 -70.76 -4.76
N ASN G 61 48.66 -70.39 -5.93
CA ASN G 61 48.51 -71.19 -7.15
C ASN G 61 47.15 -71.86 -7.24
N GLY G 62 46.10 -71.07 -7.04
CA GLY G 62 44.73 -71.51 -7.31
C GLY G 62 43.95 -71.93 -6.08
N VAL G 63 44.67 -72.27 -5.01
CA VAL G 63 43.99 -72.63 -3.77
C VAL G 63 43.66 -71.37 -2.97
N ASN G 64 42.41 -71.24 -2.54
CA ASN G 64 42.03 -70.12 -1.70
C ASN G 64 42.13 -70.53 -0.25
N LEU G 65 43.28 -70.27 0.37
CA LEU G 65 43.50 -70.70 1.76
C LEU G 65 42.56 -70.04 2.76
N LEU G 66 42.23 -68.77 2.52
CA LEU G 66 41.37 -67.99 3.40
C LEU G 66 40.00 -68.63 3.50
N GLU G 67 39.44 -68.95 2.35
CA GLU G 67 38.12 -69.55 2.33
C GLU G 67 38.17 -70.88 3.08
N LEU G 68 39.18 -71.69 2.78
CA LEU G 68 39.30 -73.02 3.34
C LEU G 68 39.47 -72.95 4.85
N MET G 69 40.25 -71.99 5.30
CA MET G 69 40.45 -71.81 6.72
C MET G 69 39.12 -71.54 7.41
N TYR G 70 38.32 -70.63 6.85
CA TYR G 70 37.02 -70.25 7.45
C TYR G 70 36.00 -71.36 7.36
N LYS G 71 36.03 -72.11 6.26
CA LYS G 71 35.08 -73.20 6.05
C LYS G 71 35.41 -74.41 6.93
N ASP G 72 36.70 -74.70 7.10
CA ASP G 72 37.13 -75.86 7.88
C ASP G 72 38.37 -75.55 8.72
N PRO G 73 38.19 -74.80 9.82
CA PRO G 73 39.33 -74.35 10.63
C PRO G 73 40.24 -75.48 11.15
N LYS G 74 39.68 -76.59 11.63
CA LYS G 74 40.51 -77.63 12.23
C LYS G 74 41.50 -78.22 11.24
N LYS G 75 41.21 -78.06 9.95
CA LYS G 75 42.02 -78.65 8.89
C LYS G 75 42.99 -77.66 8.28
N TRP G 76 42.56 -76.42 8.12
CA TRP G 76 43.36 -75.44 7.34
C TRP G 76 43.97 -74.28 8.11
N ALA G 77 43.69 -74.17 9.40
CA ALA G 77 44.24 -73.04 10.13
C ALA G 77 45.76 -73.10 10.11
N MET G 78 46.33 -74.26 10.47
CA MET G 78 47.78 -74.48 10.43
C MET G 78 48.44 -74.08 9.10
N PRO G 79 48.03 -74.69 7.98
CA PRO G 79 48.67 -74.19 6.77
C PRO G 79 48.41 -72.70 6.48
N PHE G 80 47.15 -72.26 6.58
CA PHE G 80 46.81 -70.86 6.36
C PHE G 80 47.66 -69.87 7.17
N GLN G 81 47.70 -70.06 8.48
CA GLN G 81 48.48 -69.19 9.34
C GLN G 81 49.96 -69.22 9.00
N SER G 82 50.45 -70.41 8.62
CA SER G 82 51.84 -70.57 8.24
C SER G 82 52.10 -69.67 7.07
N TYR G 83 51.19 -69.70 6.10
CA TYR G 83 51.29 -68.85 4.93
C TYR G 83 51.11 -67.37 5.23
N VAL G 84 50.21 -67.03 6.14
CA VAL G 84 50.10 -65.65 6.60
C VAL G 84 51.47 -65.16 7.09
N THR G 85 52.05 -65.87 8.04
CA THR G 85 53.34 -65.49 8.59
C THR G 85 54.34 -65.23 7.49
N LEU G 86 54.35 -66.07 6.45
CA LEU G 86 55.33 -65.88 5.40
C LEU G 86 55.07 -64.57 4.68
N THR G 87 53.83 -64.38 4.21
CA THR G 87 53.46 -63.14 3.50
C THR G 87 53.76 -61.90 4.34
N MET G 88 53.57 -62.01 5.65
CA MET G 88 53.93 -60.93 6.53
C MET G 88 55.42 -60.59 6.47
N LEU G 89 56.24 -61.64 6.43
CA LEU G 89 57.70 -61.49 6.36
C LEU G 89 58.10 -60.88 5.03
N GLN G 90 57.46 -61.34 3.96
CA GLN G 90 57.69 -60.77 2.66
C GLN G 90 57.41 -59.27 2.60
N SER G 91 56.36 -58.83 3.31
CA SER G 91 56.09 -57.39 3.46
C SER G 91 57.11 -56.73 4.41
N HIS G 92 57.25 -57.26 5.64
CA HIS G 92 58.17 -56.67 6.59
C HIS G 92 59.59 -56.48 6.07
N THR G 93 59.92 -57.08 4.93
CA THR G 93 61.33 -57.10 4.47
C THR G 93 61.52 -56.69 3.03
N ALA G 94 60.44 -56.55 2.29
CA ALA G 94 60.51 -56.01 0.93
C ALA G 94 61.40 -54.77 0.94
N PRO G 95 62.27 -54.60 -0.07
CA PRO G 95 63.17 -53.46 -0.01
C PRO G 95 62.43 -52.20 -0.52
N THR G 96 62.91 -51.01 -0.14
CA THR G 96 62.26 -49.78 -0.58
C THR G 96 63.11 -48.51 -0.52
N ASN G 97 62.89 -47.63 -1.50
CA ASN G 97 63.48 -46.30 -1.52
C ASN G 97 62.90 -45.37 -0.43
N LYS G 98 61.58 -45.38 -0.33
CA LYS G 98 60.82 -44.40 0.43
C LYS G 98 61.25 -44.26 1.90
N LYS G 99 60.97 -43.09 2.48
CA LYS G 99 61.44 -42.73 3.83
C LYS G 99 60.43 -43.11 4.92
N LEU G 100 59.24 -43.50 4.48
CA LEU G 100 58.21 -43.99 5.38
C LEU G 100 57.54 -45.25 4.80
N LYS G 101 57.28 -46.22 5.68
CA LYS G 101 56.60 -47.44 5.31
C LYS G 101 55.38 -47.64 6.18
N ILE G 102 54.25 -47.98 5.54
CA ILE G 102 53.00 -48.26 6.28
C ILE G 102 52.39 -49.62 5.88
N MET G 103 52.18 -50.47 6.88
CA MET G 103 51.73 -51.83 6.67
C MET G 103 50.42 -52.06 7.36
N GLU G 104 49.45 -52.59 6.61
CA GLU G 104 48.21 -53.07 7.25
C GLU G 104 48.46 -54.40 7.98
N ARG G 105 48.27 -54.40 9.30
CA ARG G 105 48.55 -55.61 10.10
C ARG G 105 50.05 -55.94 10.00
N SER G 106 50.48 -56.98 10.72
CA SER G 106 51.90 -57.28 10.86
C SER G 106 52.07 -58.74 11.23
N ILE G 107 53.32 -59.20 11.32
CA ILE G 107 53.62 -60.50 11.88
C ILE G 107 53.16 -60.61 13.33
N PHE G 108 53.20 -59.51 14.08
CA PHE G 108 52.78 -59.51 15.49
C PHE G 108 51.28 -59.74 15.73
N SER G 109 50.43 -59.08 14.94
CA SER G 109 49.01 -59.36 15.07
C SER G 109 48.71 -60.82 14.72
N ALA G 110 49.40 -61.33 13.71
CA ALA G 110 49.28 -62.73 13.35
C ALA G 110 49.62 -63.65 14.54
N ARG G 111 50.74 -63.38 15.18
CA ARG G 111 51.18 -64.25 16.24
C ARG G 111 50.31 -64.11 17.48
N TYR G 112 50.17 -62.85 17.93
CA TYR G 112 49.60 -62.53 19.23
C TYR G 112 48.09 -62.54 19.26
N CYS G 113 47.44 -62.28 18.13
CA CYS G 113 45.98 -62.30 18.13
C CYS G 113 45.43 -63.54 17.47
N PHE G 114 45.57 -63.63 16.16
CA PHE G 114 44.93 -64.73 15.44
C PHE G 114 45.45 -66.13 15.82
N VAL G 115 46.76 -66.34 15.79
CA VAL G 115 47.24 -67.67 16.10
C VAL G 115 46.77 -68.02 17.50
N GLU G 116 47.03 -67.12 18.43
CA GLU G 116 46.70 -67.31 19.83
C GLU G 116 45.23 -67.64 20.01
N ASN G 117 44.37 -66.93 19.27
CA ASN G 117 42.93 -67.20 19.38
C ASN G 117 42.54 -68.56 18.80
N MET G 118 43.18 -68.94 17.70
CA MET G 118 42.93 -70.21 17.06
C MET G 118 43.36 -71.40 17.89
N ARG G 119 44.39 -71.20 18.71
CA ARG G 119 44.74 -72.18 19.73
C ARG G 119 43.61 -72.38 20.77
N ARG G 120 43.17 -71.26 21.34
CA ARG G 120 42.14 -71.26 22.39
C ARG G 120 40.81 -71.86 21.98
N ASN G 121 40.38 -71.64 20.75
CA ASN G 121 39.09 -72.19 20.35
C ASN G 121 39.17 -73.57 19.69
N GLY G 122 40.31 -74.25 19.89
CA GLY G 122 40.53 -75.62 19.41
C GLY G 122 40.81 -75.81 17.92
N SER G 123 40.83 -74.71 17.17
CA SER G 123 41.15 -74.80 15.73
C SER G 123 42.58 -75.28 15.45
N LEU G 124 43.55 -74.74 16.19
CA LEU G 124 44.91 -75.27 16.14
C LEU G 124 45.13 -76.22 17.31
N GLU G 125 45.52 -77.46 17.02
CA GLU G 125 45.89 -78.38 18.08
C GLU G 125 47.28 -78.07 18.61
N GLN G 126 47.61 -78.60 19.77
CA GLN G 126 48.86 -78.22 20.42
C GLN G 126 50.07 -78.42 19.50
N GLY G 127 50.09 -79.54 18.79
CA GLY G 127 51.17 -79.85 17.86
C GLY G 127 51.32 -78.80 16.77
N MET G 128 50.20 -78.39 16.21
CA MET G 128 50.22 -77.36 15.19
C MET G 128 50.64 -76.02 15.74
N TYR G 129 50.09 -75.64 16.89
CA TYR G 129 50.39 -74.36 17.48
C TYR G 129 51.89 -74.23 17.77
N ASN G 130 52.45 -75.26 18.41
CA ASN G 130 53.87 -75.27 18.74
C ASN G 130 54.78 -75.11 17.56
N THR G 131 54.44 -75.77 16.46
CA THR G 131 55.17 -75.60 15.21
C THR G 131 55.20 -74.13 14.84
N LEU G 132 54.03 -73.50 14.81
CA LEU G 132 53.96 -72.09 14.49
C LEU G 132 54.81 -71.28 15.47
N GLU G 133 54.67 -71.54 16.76
CA GLU G 133 55.46 -70.79 17.71
C GLU G 133 56.97 -70.94 17.54
N GLU G 134 57.42 -72.14 17.22
CA GLU G 134 58.85 -72.34 17.00
C GLU G 134 59.31 -71.47 15.84
N TRP G 135 58.54 -71.41 14.75
CA TRP G 135 58.86 -70.52 13.66
C TRP G 135 58.95 -69.08 14.16
N TYR G 136 57.95 -68.63 14.92
CA TYR G 136 57.97 -67.25 15.39
C TYR G 136 59.21 -66.97 16.21
N LYS G 137 59.57 -67.91 17.08
CA LYS G 137 60.80 -67.78 17.86
C LYS G 137 62.06 -67.74 16.98
N PHE G 138 62.13 -68.58 15.95
CA PHE G 138 63.27 -68.53 15.07
C PHE G 138 63.28 -67.21 14.34
N ILE G 139 62.12 -66.78 13.84
CA ILE G 139 62.02 -65.57 13.04
C ILE G 139 62.55 -64.38 13.81
N GLU G 140 62.19 -64.29 15.08
CA GLU G 140 62.56 -63.09 15.82
C GLU G 140 64.07 -62.99 16.02
N GLU G 141 64.74 -64.15 16.11
CA GLU G 141 66.17 -64.20 16.39
C GLU G 141 67.02 -64.02 15.15
N SER G 142 66.38 -64.04 13.99
CA SER G 142 67.13 -64.17 12.76
C SER G 142 66.67 -63.27 11.60
N ILE G 143 65.46 -62.72 11.71
CA ILE G 143 64.96 -61.81 10.69
C ILE G 143 64.59 -60.51 11.35
N HIS G 144 64.96 -59.39 10.72
CA HIS G 144 64.71 -58.05 11.25
C HIS G 144 63.30 -57.55 10.89
N VAL G 145 62.53 -57.22 11.91
CA VAL G 145 61.17 -56.68 11.71
C VAL G 145 61.07 -55.24 12.23
N GLN G 146 61.10 -54.30 11.29
CA GLN G 146 61.06 -52.89 11.61
C GLN G 146 59.65 -52.51 12.00
N ALA G 147 59.52 -51.91 13.18
CA ALA G 147 58.24 -51.49 13.72
C ALA G 147 58.42 -50.32 14.67
N ASP G 148 58.15 -49.11 14.15
CA ASP G 148 58.38 -47.87 14.92
C ASP G 148 57.14 -47.33 15.62
N LEU G 149 56.01 -47.40 14.93
CA LEU G 149 54.78 -46.92 15.48
C LEU G 149 53.66 -47.86 15.03
N ILE G 150 52.75 -48.12 15.96
CA ILE G 150 51.55 -48.86 15.64
C ILE G 150 50.38 -47.89 15.82
N ILE G 151 49.50 -47.85 14.83
CA ILE G 151 48.27 -47.13 14.97
C ILE G 151 47.20 -48.17 15.23
N TYR G 152 46.69 -48.19 16.46
CA TYR G 152 45.58 -49.08 16.84
C TYR G 152 44.19 -48.48 16.54
N LEU G 153 43.52 -48.97 15.51
CA LEU G 153 42.13 -48.59 15.29
C LEU G 153 41.28 -49.36 16.28
N ARG G 154 41.07 -48.77 17.45
CA ARG G 154 40.29 -49.39 18.50
C ARG G 154 38.80 -49.24 18.26
N THR G 155 38.03 -50.31 18.44
CA THR G 155 36.59 -50.29 18.24
C THR G 155 35.97 -51.30 19.18
N SER G 156 34.65 -51.29 19.28
CA SER G 156 33.97 -52.33 20.04
C SER G 156 33.52 -53.47 19.09
N PRO G 157 33.62 -54.73 19.58
CA PRO G 157 33.16 -55.90 18.86
C PRO G 157 31.86 -55.65 18.09
N GLU G 158 30.90 -55.00 18.77
CA GLU G 158 29.54 -54.80 18.23
C GLU G 158 29.55 -53.89 17.02
N VAL G 159 30.25 -52.76 17.15
CA VAL G 159 30.43 -51.83 16.04
C VAL G 159 31.09 -52.53 14.86
N ALA G 160 32.13 -53.33 15.17
CA ALA G 160 32.85 -54.12 14.19
C ALA G 160 31.93 -55.09 13.49
N TYR G 161 31.19 -55.88 14.29
CA TYR G 161 30.24 -56.86 13.76
C TYR G 161 29.34 -56.15 12.78
N GLU G 162 28.82 -55.01 13.27
CA GLU G 162 28.06 -54.06 12.47
C GLU G 162 28.80 -53.77 11.18
N ARG G 163 29.98 -53.18 11.25
CA ARG G 163 30.73 -52.76 10.06
C ARG G 163 30.93 -53.93 9.07
N ILE G 164 31.11 -55.13 9.63
CA ILE G 164 31.27 -56.36 8.84
C ILE G 164 29.98 -56.71 8.13
N ARG G 165 28.87 -56.64 8.86
CA ARG G 165 27.54 -56.91 8.31
C ARG G 165 27.07 -55.89 7.24
N GLN G 166 27.49 -54.63 7.38
CA GLN G 166 27.27 -53.60 6.34
C GLN G 166 28.05 -54.00 5.10
N ARG G 167 29.38 -53.96 5.18
CA ARG G 167 30.29 -54.28 4.07
C ARG G 167 29.86 -55.44 3.14
N ALA G 168 30.24 -55.34 1.86
CA ALA G 168 29.91 -56.34 0.82
C ALA G 168 30.32 -57.79 1.18
N ARG G 169 29.53 -58.77 0.75
CA ARG G 169 29.71 -60.20 1.12
C ARG G 169 31.07 -60.84 0.77
N SER G 170 31.82 -61.24 1.81
CA SER G 170 33.16 -61.88 1.70
C SER G 170 33.50 -62.68 2.97
N GLU G 171 33.76 -64.00 2.81
CA GLU G 171 34.12 -65.00 3.89
C GLU G 171 34.06 -64.63 5.39
N GLU G 172 34.79 -63.57 5.78
CA GLU G 172 34.72 -62.97 7.15
C GLU G 172 33.29 -62.53 7.62
N SER G 173 32.30 -62.65 6.73
CA SER G 173 30.89 -62.32 7.00
C SER G 173 30.12 -63.44 7.74
N CYS G 174 30.68 -64.63 7.73
CA CYS G 174 30.18 -65.74 8.52
C CYS G 174 30.36 -65.45 10.02
N VAL G 175 31.31 -64.58 10.36
CA VAL G 175 31.85 -64.58 11.75
C VAL G 175 30.83 -64.46 12.84
N PRO G 176 31.02 -65.25 13.91
CA PRO G 176 30.19 -64.97 15.06
C PRO G 176 30.72 -63.78 15.84
N LEU G 177 29.82 -63.03 16.47
CA LEU G 177 30.22 -61.95 17.37
C LEU G 177 31.18 -62.44 18.48
N LYS G 178 30.98 -63.67 18.95
CA LYS G 178 31.88 -64.31 19.91
C LYS G 178 33.36 -64.28 19.47
N TYR G 179 33.60 -64.64 18.20
CA TYR G 179 34.94 -64.56 17.58
C TYR G 179 35.53 -63.16 17.69
N LEU G 180 34.77 -62.17 17.23
CA LEU G 180 35.22 -60.79 17.25
C LEU G 180 35.52 -60.29 18.66
N GLN G 181 34.81 -60.81 19.64
CA GLN G 181 35.06 -60.46 21.04
C GLN G 181 36.42 -60.99 21.49
N GLU G 182 36.61 -62.29 21.26
CA GLU G 182 37.86 -62.98 21.55
C GLU G 182 39.03 -62.17 20.95
N LEU G 183 38.94 -61.88 19.66
CA LEU G 183 39.94 -61.08 18.95
C LEU G 183 40.16 -59.70 19.54
N HIS G 184 39.07 -59.09 20.00
CA HIS G 184 39.11 -57.74 20.54
C HIS G 184 39.92 -57.75 21.84
N GLU G 185 39.57 -58.68 22.73
CA GLU G 185 40.30 -58.84 23.99
C GLU G 185 41.81 -59.08 23.78
N LEU G 186 42.17 -59.83 22.73
CA LEU G 186 43.54 -60.15 22.40
C LEU G 186 44.33 -58.95 21.90
N HIS G 187 43.67 -58.08 21.13
CA HIS G 187 44.29 -56.83 20.69
C HIS G 187 44.49 -55.90 21.89
N GLU G 188 43.49 -55.89 22.78
CA GLU G 188 43.50 -55.03 23.97
C GLU G 188 44.66 -55.46 24.87
N ASP G 189 44.81 -56.76 25.04
CA ASP G 189 45.91 -57.33 25.86
C ASP G 189 47.28 -56.94 25.33
N TRP G 190 47.41 -56.99 24.01
CA TRP G 190 48.65 -56.71 23.36
C TRP G 190 48.92 -55.19 23.34
N LEU G 191 47.88 -54.39 23.10
CA LEU G 191 48.07 -52.97 22.72
C LEU G 191 47.79 -51.90 23.81
N ILE G 192 47.29 -52.34 24.96
CA ILE G 192 46.98 -51.46 26.08
C ILE G 192 47.63 -51.98 27.35
N HIS G 193 47.21 -53.19 27.74
CA HIS G 193 47.55 -53.82 29.02
C HIS G 193 49.03 -54.22 29.23
N GLN G 194 49.87 -54.07 28.20
CA GLN G 194 51.32 -54.31 28.33
C GLN G 194 52.18 -53.18 27.71
N CYS G 200 57.40 -50.71 21.32
CA CYS G 200 57.35 -49.42 20.66
C CYS G 200 56.01 -48.71 20.94
N LYS G 201 55.95 -47.43 20.56
CA LYS G 201 54.79 -46.57 20.85
C LYS G 201 53.52 -46.97 20.10
N VAL G 202 52.40 -46.92 20.82
CA VAL G 202 51.08 -47.18 20.25
C VAL G 202 50.22 -45.91 20.24
N LEU G 203 49.65 -45.59 19.10
CA LEU G 203 48.77 -44.44 18.97
C LEU G 203 47.35 -44.96 18.78
N VAL G 204 46.54 -44.84 19.82
CA VAL G 204 45.17 -45.37 19.78
C VAL G 204 44.23 -44.36 19.13
N LEU G 205 43.44 -44.81 18.17
CA LEU G 205 42.42 -43.94 17.59
C LEU G 205 41.04 -44.57 17.78
N ASP G 206 40.07 -43.74 18.16
CA ASP G 206 38.71 -44.22 18.34
C ASP G 206 37.97 -44.24 16.98
N ALA G 207 37.79 -45.45 16.45
CA ALA G 207 37.21 -45.64 15.12
C ALA G 207 35.69 -45.90 15.16
N ASP G 208 34.95 -45.00 15.83
CA ASP G 208 33.48 -45.09 15.94
C ASP G 208 32.81 -43.77 15.55
N THR H 12 74.31 -59.69 3.59
CA THR H 12 72.92 -59.44 4.08
C THR H 12 72.25 -60.66 4.70
N LYS H 13 72.38 -61.83 4.05
CA LYS H 13 71.74 -63.09 4.52
C LYS H 13 72.08 -63.46 5.95
N TYR H 14 71.09 -64.00 6.66
CA TYR H 14 71.30 -64.40 8.06
C TYR H 14 72.37 -65.50 8.16
N ALA H 15 73.25 -65.36 9.15
CA ALA H 15 74.32 -66.32 9.42
C ALA H 15 75.35 -66.46 8.30
N GLU H 16 75.44 -65.44 7.44
CA GLU H 16 76.41 -65.44 6.35
C GLU H 16 77.81 -65.24 6.91
N GLY H 17 78.76 -65.99 6.35
CA GLY H 17 80.17 -65.94 6.77
C GLY H 17 80.44 -66.28 8.22
N THR H 18 79.48 -66.90 8.89
CA THR H 18 79.65 -67.32 10.29
C THR H 18 79.81 -68.82 10.44
N GLN H 19 79.97 -69.51 9.31
CA GLN H 19 79.94 -70.97 9.26
C GLN H 19 81.23 -71.54 8.65
N PRO H 20 81.75 -72.62 9.23
CA PRO H 20 82.93 -73.29 8.72
C PRO H 20 82.64 -74.24 7.58
N PHE H 21 83.66 -74.94 7.10
CA PHE H 21 83.45 -75.99 6.11
C PHE H 21 82.39 -76.97 6.63
N THR H 22 81.36 -77.23 5.84
CA THR H 22 80.23 -78.07 6.25
C THR H 22 80.04 -79.30 5.36
N VAL H 23 79.93 -80.47 5.99
CA VAL H 23 79.65 -81.71 5.30
C VAL H 23 78.25 -82.20 5.65
N LEU H 24 77.43 -82.51 4.65
CA LEU H 24 76.09 -83.03 4.86
C LEU H 24 76.06 -84.49 4.58
N ILE H 25 75.62 -85.29 5.54
CA ILE H 25 75.44 -86.73 5.35
C ILE H 25 74.05 -87.04 4.83
N GLU H 26 73.96 -87.42 3.56
CA GLU H 26 72.69 -87.76 2.98
C GLU H 26 72.50 -89.24 2.78
N GLY H 27 71.26 -89.66 2.60
CA GLY H 27 70.95 -91.06 2.43
C GLY H 27 69.53 -91.41 2.81
N ASN H 28 69.01 -92.47 2.21
CA ASN H 28 67.67 -92.94 2.51
C ASN H 28 67.51 -93.33 3.99
N ILE H 29 66.27 -93.49 4.45
CA ILE H 29 65.98 -94.07 5.75
C ILE H 29 66.54 -95.46 5.74
N GLY H 30 67.28 -95.80 6.78
CA GLY H 30 67.88 -97.12 6.92
C GLY H 30 69.12 -97.32 6.08
N SER H 31 69.77 -96.25 5.67
CA SER H 31 71.01 -96.41 4.94
C SER H 31 72.22 -96.43 5.88
N GLY H 32 71.95 -96.57 7.18
CA GLY H 32 72.98 -96.58 8.21
C GLY H 32 73.69 -95.27 8.46
N LYS H 33 72.96 -94.16 8.43
CA LYS H 33 73.53 -92.83 8.72
C LYS H 33 73.90 -92.64 10.19
N THR H 34 73.06 -93.14 11.09
CA THR H 34 73.36 -93.07 12.53
C THR H 34 74.63 -93.82 12.83
N THR H 35 74.73 -95.06 12.35
CA THR H 35 75.94 -95.84 12.49
C THR H 35 77.15 -95.11 11.95
N TYR H 36 77.07 -94.64 10.70
CA TYR H 36 78.18 -93.93 10.09
C TYR H 36 78.63 -92.73 10.91
N LEU H 37 77.69 -92.06 11.57
CA LEU H 37 78.00 -90.86 12.31
C LEU H 37 78.57 -91.09 13.68
N ASN H 38 78.27 -92.23 14.28
CA ASN H 38 78.92 -92.63 15.50
C ASN H 38 80.43 -92.73 15.40
N HIS H 39 80.95 -93.01 14.22
CA HIS H 39 82.38 -93.07 14.01
C HIS H 39 83.05 -91.72 14.20
N PHE H 40 82.27 -90.64 14.20
CA PHE H 40 82.82 -89.30 14.32
C PHE H 40 82.71 -88.75 15.72
N GLU H 41 81.94 -89.46 16.54
CA GLU H 41 81.78 -89.15 17.96
C GLU H 41 83.06 -88.68 18.66
N LYS H 42 84.12 -89.48 18.62
CA LYS H 42 85.34 -89.15 19.36
C LYS H 42 86.03 -87.86 18.94
N TYR H 43 85.52 -87.19 17.92
CA TYR H 43 86.18 -86.00 17.40
C TYR H 43 85.42 -84.75 17.80
N LYS H 44 84.43 -84.93 18.67
CA LYS H 44 83.58 -83.86 19.16
C LYS H 44 84.33 -82.58 19.45
N ASN H 45 85.57 -82.70 19.92
CA ASN H 45 86.37 -81.54 20.27
C ASN H 45 86.79 -80.65 19.12
N ASP H 46 86.96 -81.20 17.92
CA ASP H 46 87.44 -80.41 16.78
C ASP H 46 86.42 -80.35 15.65
N ILE H 47 85.34 -81.10 15.81
CA ILE H 47 84.31 -81.25 14.79
C ILE H 47 82.98 -80.89 15.41
N CYS H 48 82.23 -80.03 14.75
CA CYS H 48 80.88 -79.77 15.15
C CYS H 48 79.98 -80.84 14.56
N LEU H 49 79.36 -81.65 15.42
CA LEU H 49 78.71 -82.88 15.01
C LEU H 49 77.23 -82.87 15.31
N LEU H 50 76.42 -82.51 14.32
CA LEU H 50 74.98 -82.37 14.50
C LEU H 50 74.18 -83.48 13.87
N THR H 51 73.58 -84.32 14.70
CA THR H 51 72.75 -85.40 14.21
C THR H 51 71.37 -84.88 13.80
N GLU H 52 70.61 -85.67 13.05
CA GLU H 52 69.25 -85.33 12.70
C GLU H 52 68.47 -85.07 13.96
N PRO H 53 67.78 -83.93 14.05
CA PRO H 53 67.08 -83.53 15.27
C PRO H 53 65.81 -84.32 15.53
N VAL H 54 65.88 -85.63 15.34
CA VAL H 54 64.76 -86.52 15.61
C VAL H 54 64.17 -86.24 16.97
N GLU H 55 65.03 -85.97 17.95
CA GLU H 55 64.61 -85.70 19.32
C GLU H 55 63.64 -84.55 19.44
N LYS H 56 63.97 -83.43 18.80
CA LYS H 56 63.06 -82.32 18.67
C LYS H 56 61.73 -82.74 18.06
N TRP H 57 61.75 -83.53 16.99
CA TRP H 57 60.52 -83.90 16.28
C TRP H 57 59.64 -84.84 17.07
N ARG H 58 60.24 -85.53 18.03
CA ARG H 58 59.52 -86.51 18.81
C ARG H 58 58.85 -85.84 19.99
N ASN H 59 59.28 -84.64 20.32
CA ASN H 59 58.83 -83.95 21.51
C ASN H 59 58.84 -82.46 21.29
N VAL H 60 57.76 -81.94 20.73
CA VAL H 60 57.53 -80.49 20.61
C VAL H 60 56.52 -80.05 21.68
N ASN H 61 57.05 -79.63 22.83
CA ASN H 61 56.26 -79.45 24.06
C ASN H 61 55.27 -80.57 24.28
N GLY H 62 55.76 -81.80 24.20
CA GLY H 62 54.94 -82.95 24.53
C GLY H 62 54.29 -83.65 23.35
N VAL H 63 54.14 -82.95 22.23
CA VAL H 63 53.56 -83.58 21.04
C VAL H 63 54.65 -84.30 20.25
N ASN H 64 54.41 -85.57 19.93
CA ASN H 64 55.31 -86.30 19.07
C ASN H 64 54.88 -86.17 17.61
N LEU H 65 55.39 -85.16 16.91
CA LEU H 65 55.02 -84.90 15.53
C LEU H 65 55.36 -86.05 14.59
N LEU H 66 56.49 -86.72 14.83
CA LEU H 66 56.96 -87.80 13.97
C LEU H 66 55.99 -88.99 14.00
N GLU H 67 55.56 -89.37 15.18
CA GLU H 67 54.57 -90.43 15.29
C GLU H 67 53.28 -90.06 14.60
N LEU H 68 52.80 -88.84 14.84
CA LEU H 68 51.56 -88.37 14.27
C LEU H 68 51.60 -88.30 12.77
N MET H 69 52.70 -87.83 12.22
CA MET H 69 52.88 -87.83 10.79
C MET H 69 52.79 -89.24 10.23
N TYR H 70 53.46 -90.20 10.84
CA TYR H 70 53.44 -91.54 10.30
C TYR H 70 52.09 -92.23 10.45
N LYS H 71 51.39 -91.93 11.54
CA LYS H 71 50.11 -92.53 11.83
C LYS H 71 49.02 -91.92 10.96
N ASP H 72 49.06 -90.61 10.75
CA ASP H 72 48.05 -89.93 9.93
C ASP H 72 48.64 -88.87 8.98
N PRO H 73 49.25 -89.31 7.87
CA PRO H 73 49.99 -88.41 7.01
C PRO H 73 49.16 -87.24 6.46
N LYS H 74 47.92 -87.49 6.05
CA LYS H 74 47.13 -86.44 5.41
C LYS H 74 46.87 -85.27 6.35
N LYS H 75 46.95 -85.51 7.66
CA LYS H 75 46.65 -84.49 8.63
C LYS H 75 47.87 -83.80 9.19
N TRP H 76 48.96 -84.56 9.38
CA TRP H 76 50.17 -84.05 10.05
C TRP H 76 51.45 -83.83 9.21
N ALA H 77 51.46 -84.22 7.94
CA ALA H 77 52.66 -84.03 7.15
C ALA H 77 53.03 -82.57 7.09
N MET H 78 52.05 -81.73 6.75
CA MET H 78 52.24 -80.29 6.67
C MET H 78 52.88 -79.67 7.93
N PRO H 79 52.24 -79.82 9.12
CA PRO H 79 52.92 -79.27 10.27
C PRO H 79 54.25 -79.95 10.57
N PHE H 80 54.33 -81.26 10.44
CA PHE H 80 55.57 -81.98 10.70
C PHE H 80 56.71 -81.47 9.85
N GLN H 81 56.52 -81.44 8.54
CA GLN H 81 57.56 -80.97 7.61
C GLN H 81 57.95 -79.51 7.79
N SER H 82 56.97 -78.67 8.13
CA SER H 82 57.21 -77.29 8.48
C SER H 82 58.15 -77.23 9.66
N TYR H 83 57.91 -78.05 10.66
CA TYR H 83 58.84 -78.18 11.78
C TYR H 83 60.23 -78.75 11.42
N VAL H 84 60.27 -79.79 10.61
CA VAL H 84 61.52 -80.28 10.08
C VAL H 84 62.35 -79.13 9.47
N THR H 85 61.80 -78.45 8.47
CA THR H 85 62.46 -77.30 7.90
C THR H 85 63.07 -76.35 8.96
N LEU H 86 62.30 -76.00 9.98
CA LEU H 86 62.79 -75.10 11.00
C LEU H 86 63.95 -75.72 11.75
N THR H 87 63.82 -76.95 12.22
CA THR H 87 64.94 -77.58 12.94
C THR H 87 66.20 -77.67 12.07
N MET H 88 66.01 -77.88 10.78
CA MET H 88 67.13 -77.91 9.85
C MET H 88 67.80 -76.56 9.79
N LEU H 89 67.02 -75.50 9.74
CA LEU H 89 67.54 -74.14 9.77
C LEU H 89 68.31 -73.82 11.04
N GLN H 90 67.79 -74.31 12.16
CA GLN H 90 68.45 -74.13 13.43
C GLN H 90 69.82 -74.78 13.45
N SER H 91 69.94 -75.95 12.83
CA SER H 91 71.24 -76.63 12.68
C SER H 91 72.12 -75.92 11.68
N HIS H 92 71.58 -75.61 10.50
CA HIS H 92 72.37 -74.98 9.44
C HIS H 92 72.95 -73.63 9.84
N THR H 93 72.51 -73.07 10.96
CA THR H 93 72.89 -71.70 11.32
C THR H 93 73.41 -71.56 12.72
N ALA H 94 73.29 -72.62 13.52
CA ALA H 94 73.88 -72.65 14.85
C ALA H 94 75.32 -72.14 14.77
N PRO H 95 75.75 -71.30 15.74
CA PRO H 95 77.08 -70.75 15.58
C PRO H 95 78.10 -71.75 16.11
N THR H 96 79.36 -71.63 15.70
CA THR H 96 80.40 -72.57 16.16
C THR H 96 81.86 -72.10 16.02
N ASN H 97 82.67 -72.53 16.97
CA ASN H 97 84.11 -72.31 16.94
C ASN H 97 84.81 -73.17 15.91
N LYS H 98 84.41 -74.44 15.85
CA LYS H 98 85.12 -75.50 15.14
C LYS H 98 85.32 -75.21 13.65
N LYS H 99 86.34 -75.83 13.06
CA LYS H 99 86.74 -75.60 11.67
C LYS H 99 86.06 -76.54 10.65
N LEU H 100 85.39 -77.56 11.14
CA LEU H 100 84.60 -78.44 10.33
C LEU H 100 83.23 -78.70 10.97
N LYS H 101 82.17 -78.68 10.16
CA LYS H 101 80.83 -78.99 10.64
C LYS H 101 80.26 -80.21 9.87
N ILE H 102 79.61 -81.14 10.56
CA ILE H 102 79.01 -82.29 9.89
C ILE H 102 77.57 -82.44 10.33
N MET H 103 76.65 -82.41 9.37
CA MET H 103 75.23 -82.50 9.63
C MET H 103 74.61 -83.76 9.07
N GLU H 104 73.80 -84.46 9.86
CA GLU H 104 73.03 -85.58 9.35
C GLU H 104 71.78 -85.04 8.67
N ARG H 105 71.63 -85.28 7.38
CA ARG H 105 70.56 -84.72 6.56
C ARG H 105 70.68 -83.20 6.50
N SER H 106 69.79 -82.54 5.76
CA SER H 106 69.88 -81.10 5.52
C SER H 106 68.54 -80.54 5.14
N ILE H 107 68.47 -79.23 4.98
CA ILE H 107 67.26 -78.61 4.50
C ILE H 107 66.94 -79.09 3.10
N PHE H 108 67.97 -79.46 2.35
CA PHE H 108 67.78 -79.90 0.97
C PHE H 108 67.14 -81.26 0.86
N SER H 109 67.54 -82.21 1.68
CA SER H 109 66.91 -83.52 1.63
C SER H 109 65.44 -83.43 2.04
N ALA H 110 65.14 -82.58 3.01
CA ALA H 110 63.78 -82.31 3.40
C ALA H 110 62.96 -81.76 2.24
N ARG H 111 63.54 -80.82 1.50
CA ARG H 111 62.82 -80.22 0.39
C ARG H 111 62.70 -81.17 -0.79
N TYR H 112 63.82 -81.67 -1.25
CA TYR H 112 63.88 -82.36 -2.51
C TYR H 112 63.44 -83.80 -2.41
N CYS H 113 63.49 -84.40 -1.24
CA CYS H 113 63.12 -85.80 -1.15
C CYS H 113 61.82 -85.97 -0.39
N PHE H 114 61.81 -85.61 0.87
CA PHE H 114 60.68 -85.94 1.70
C PHE H 114 59.44 -85.13 1.35
N VAL H 115 59.55 -83.80 1.29
CA VAL H 115 58.39 -83.00 0.93
C VAL H 115 57.90 -83.41 -0.44
N GLU H 116 58.80 -83.43 -1.41
CA GLU H 116 58.48 -83.81 -2.76
C GLU H 116 57.75 -85.13 -2.82
N ASN H 117 58.21 -86.15 -2.10
CA ASN H 117 57.55 -87.43 -2.13
C ASN H 117 56.16 -87.39 -1.50
N MET H 118 56.00 -86.59 -0.44
CA MET H 118 54.73 -86.46 0.27
C MET H 118 53.65 -85.77 -0.57
N ARG H 119 54.08 -84.91 -1.48
CA ARG H 119 53.21 -84.33 -2.50
C ARG H 119 52.73 -85.41 -3.44
N ARG H 120 53.65 -86.18 -3.98
CA ARG H 120 53.34 -87.22 -4.95
C ARG H 120 52.41 -88.32 -4.46
N ASN H 121 52.51 -88.73 -3.21
CA ASN H 121 51.65 -89.81 -2.72
C ASN H 121 50.39 -89.29 -2.05
N GLY H 122 50.06 -88.03 -2.31
CA GLY H 122 48.83 -87.43 -1.81
C GLY H 122 48.80 -86.94 -0.38
N SER H 123 49.87 -87.20 0.38
CA SER H 123 49.93 -86.82 1.79
C SER H 123 49.87 -85.32 1.99
N LEU H 124 50.60 -84.57 1.17
CA LEU H 124 50.48 -83.11 1.13
C LEU H 124 49.59 -82.68 -0.02
N GLU H 125 48.52 -81.97 0.28
CA GLU H 125 47.70 -81.41 -0.79
C GLU H 125 48.35 -80.19 -1.39
N GLN H 126 47.93 -79.83 -2.59
CA GLN H 126 48.56 -78.75 -3.32
C GLN H 126 48.73 -77.46 -2.46
N GLY H 127 47.70 -77.12 -1.69
CA GLY H 127 47.74 -75.91 -0.90
C GLY H 127 48.77 -75.99 0.19
N MET H 128 48.94 -77.18 0.77
CA MET H 128 49.96 -77.38 1.78
C MET H 128 51.34 -77.39 1.17
N TYR H 129 51.51 -78.14 0.10
CA TYR H 129 52.81 -78.21 -0.53
C TYR H 129 53.32 -76.84 -0.89
N ASN H 130 52.45 -76.01 -1.51
CA ASN H 130 52.82 -74.67 -1.98
C ASN H 130 53.25 -73.75 -0.89
N THR H 131 52.59 -73.87 0.25
CA THR H 131 52.99 -73.12 1.44
C THR H 131 54.38 -73.49 1.84
N LEU H 132 54.68 -74.80 1.91
CA LEU H 132 56.06 -75.21 2.19
C LEU H 132 57.04 -74.66 1.16
N GLU H 133 56.76 -74.80 -0.12
CA GLU H 133 57.67 -74.30 -1.16
C GLU H 133 57.90 -72.81 -1.04
N GLU H 134 56.87 -72.06 -0.69
CA GLU H 134 57.05 -70.64 -0.60
C GLU H 134 58.05 -70.30 0.49
N TRP H 135 57.98 -71.00 1.61
CA TRP H 135 58.99 -70.91 2.65
C TRP H 135 60.39 -71.27 2.13
N TYR H 136 60.53 -72.43 1.49
CA TYR H 136 61.82 -72.79 0.98
C TYR H 136 62.35 -71.68 0.08
N LYS H 137 61.51 -71.16 -0.82
CA LYS H 137 61.89 -70.05 -1.70
C LYS H 137 62.32 -68.77 -0.97
N PHE H 138 61.61 -68.45 0.09
CA PHE H 138 62.00 -67.36 0.94
C PHE H 138 63.29 -67.67 1.66
N ILE H 139 63.39 -68.87 2.23
CA ILE H 139 64.59 -69.24 2.95
C ILE H 139 65.85 -69.10 2.12
N GLU H 140 65.80 -69.54 0.87
CA GLU H 140 67.01 -69.55 0.07
C GLU H 140 67.48 -68.15 -0.28
N GLU H 141 66.55 -67.22 -0.39
CA GLU H 141 66.91 -65.84 -0.72
C GLU H 141 67.33 -65.01 0.50
N SER H 142 67.17 -65.56 1.70
CA SER H 142 67.34 -64.73 2.86
C SER H 142 68.13 -65.34 4.01
N ILE H 143 68.32 -66.65 3.98
CA ILE H 143 69.13 -67.33 5.02
C ILE H 143 70.27 -68.10 4.35
N HIS H 144 71.46 -68.03 4.93
CA HIS H 144 72.65 -68.66 4.37
C HIS H 144 72.79 -70.10 4.80
N VAL H 145 72.85 -70.99 3.82
CA VAL H 145 72.99 -72.42 4.08
C VAL H 145 74.31 -72.92 3.54
N GLN H 146 75.27 -73.10 4.44
CA GLN H 146 76.60 -73.58 4.09
C GLN H 146 76.56 -75.05 3.80
N ALA H 147 77.04 -75.43 2.62
CA ALA H 147 77.08 -76.82 2.20
C ALA H 147 78.23 -77.05 1.24
N ASP H 148 79.35 -77.62 1.73
CA ASP H 148 80.57 -77.77 0.91
C ASP H 148 80.79 -79.15 0.31
N LEU H 149 80.37 -80.17 1.02
CA LEU H 149 80.47 -81.52 0.53
C LEU H 149 79.30 -82.32 1.04
N ILE H 150 78.73 -83.13 0.17
CA ILE H 150 77.71 -84.06 0.59
C ILE H 150 78.27 -85.49 0.50
N ILE H 151 78.10 -86.26 1.56
CA ILE H 151 78.44 -87.65 1.50
C ILE H 151 77.14 -88.38 1.37
N TYR H 152 76.97 -89.04 0.23
CA TYR H 152 75.77 -89.80 -0.08
C TYR H 152 76.00 -91.26 0.25
N LEU H 153 75.31 -91.75 1.28
CA LEU H 153 75.32 -93.16 1.62
C LEU H 153 74.32 -93.86 0.75
N ARG H 154 74.77 -94.26 -0.44
CA ARG H 154 73.92 -94.89 -1.42
C ARG H 154 73.68 -96.35 -1.09
N THR H 155 72.42 -96.77 -1.08
CA THR H 155 72.06 -98.16 -0.82
C THR H 155 70.88 -98.53 -1.68
N SER H 156 70.53 -99.81 -1.73
CA SER H 156 69.32 -100.21 -2.45
C SER H 156 68.14 -100.32 -1.49
N PRO H 157 66.95 -99.87 -1.92
CA PRO H 157 65.74 -99.95 -1.14
C PRO H 157 65.61 -101.23 -0.34
N GLU H 158 65.99 -102.36 -0.93
CA GLU H 158 65.78 -103.67 -0.31
C GLU H 158 66.73 -103.86 0.87
N VAL H 159 67.98 -103.49 0.69
CA VAL H 159 68.94 -103.52 1.79
C VAL H 159 68.49 -102.59 2.92
N ALA H 160 68.03 -101.41 2.55
CA ALA H 160 67.51 -100.44 3.49
C ALA H 160 66.31 -100.97 4.24
N TYR H 161 65.34 -101.52 3.52
CA TYR H 161 64.18 -102.14 4.14
C TYR H 161 64.58 -103.16 5.20
N GLU H 162 65.54 -104.02 4.87
CA GLU H 162 66.02 -105.04 5.80
C GLU H 162 66.64 -104.38 7.02
N ARG H 163 67.55 -103.43 6.84
CA ARG H 163 68.20 -102.73 7.96
C ARG H 163 67.17 -102.18 8.97
N ILE H 164 66.09 -101.56 8.48
CA ILE H 164 64.98 -101.17 9.35
C ILE H 164 64.37 -102.35 10.09
N ARG H 165 63.91 -103.35 9.36
CA ARG H 165 63.27 -104.52 9.96
C ARG H 165 64.08 -105.20 11.10
N GLN H 166 65.41 -105.12 11.06
CA GLN H 166 66.25 -105.84 12.02
C GLN H 166 66.49 -105.11 13.32
N ARG H 167 66.35 -103.79 13.31
CA ARG H 167 66.63 -102.89 14.44
C ARG H 167 65.35 -102.78 15.23
N ALA H 168 65.42 -102.13 16.37
CA ALA H 168 64.24 -101.94 17.19
C ALA H 168 63.18 -101.16 16.46
N ARG H 169 61.93 -101.57 16.63
CA ARG H 169 60.78 -100.85 16.10
C ARG H 169 60.79 -99.32 16.42
N SER H 170 60.27 -98.53 15.48
CA SER H 170 60.33 -97.07 15.52
C SER H 170 59.03 -96.51 15.03
N GLU H 171 58.93 -95.19 14.98
CA GLU H 171 57.87 -94.54 14.25
C GLU H 171 58.04 -94.97 12.81
N GLU H 172 59.26 -94.90 12.30
CA GLU H 172 59.52 -95.06 10.89
C GLU H 172 59.31 -96.50 10.38
N SER H 173 59.08 -97.45 11.27
CA SER H 173 59.04 -98.84 10.81
C SER H 173 57.75 -99.25 10.16
N CYS H 174 56.71 -98.46 10.33
CA CYS H 174 55.47 -98.64 9.57
C CYS H 174 55.54 -98.40 8.04
N VAL H 175 56.67 -97.90 7.54
CA VAL H 175 56.88 -97.59 6.11
C VAL H 175 57.09 -98.82 5.24
N PRO H 176 56.39 -98.90 4.12
CA PRO H 176 56.39 -99.93 3.09
C PRO H 176 57.62 -99.83 2.21
N LEU H 177 58.02 -100.94 1.58
CA LEU H 177 59.16 -100.94 0.65
C LEU H 177 58.93 -99.95 -0.50
N LYS H 178 57.67 -99.83 -0.93
CA LYS H 178 57.27 -98.84 -1.93
C LYS H 178 57.70 -97.42 -1.61
N TYR H 179 57.55 -97.02 -0.35
CA TYR H 179 57.96 -95.71 0.15
C TYR H 179 59.47 -95.54 0.04
N LEU H 180 60.23 -96.52 0.49
CA LEU H 180 61.68 -96.47 0.40
C LEU H 180 62.18 -96.43 -1.02
N GLN H 181 61.46 -97.05 -1.94
CA GLN H 181 61.78 -97.00 -3.36
C GLN H 181 61.61 -95.59 -3.88
N GLU H 182 60.45 -95.01 -3.60
CA GLU H 182 60.14 -93.61 -3.97
C GLU H 182 61.23 -92.65 -3.48
N LEU H 183 61.60 -92.77 -2.20
CA LEU H 183 62.65 -91.97 -1.59
C LEU H 183 64.03 -92.21 -2.16
N HIS H 184 64.32 -93.45 -2.53
CA HIS H 184 65.60 -93.79 -3.16
C HIS H 184 65.77 -93.11 -4.50
N GLU H 185 64.75 -93.21 -5.37
CA GLU H 185 64.75 -92.55 -6.67
C GLU H 185 64.90 -91.05 -6.53
N LEU H 186 64.33 -90.47 -5.49
CA LEU H 186 64.40 -89.03 -5.27
C LEU H 186 65.80 -88.57 -4.88
N HIS H 187 66.48 -89.37 -4.07
CA HIS H 187 67.87 -89.10 -3.72
C HIS H 187 68.80 -89.26 -4.90
N GLU H 188 68.55 -90.29 -5.69
CA GLU H 188 69.29 -90.53 -6.92
C GLU H 188 69.11 -89.36 -7.89
N ASP H 189 67.88 -88.88 -8.08
CA ASP H 189 67.62 -87.71 -8.95
C ASP H 189 68.41 -86.51 -8.52
N TRP H 190 68.49 -86.30 -7.20
CA TRP H 190 69.13 -85.14 -6.63
C TRP H 190 70.66 -85.24 -6.59
N LEU H 191 71.22 -86.36 -6.15
CA LEU H 191 72.64 -86.42 -5.83
C LEU H 191 73.53 -87.15 -6.83
N ILE H 192 72.93 -87.67 -7.89
CA ILE H 192 73.63 -88.44 -8.91
C ILE H 192 73.25 -87.91 -10.28
N HIS H 193 71.97 -87.75 -10.59
CA HIS H 193 71.57 -87.16 -11.86
C HIS H 193 71.50 -85.60 -11.73
N GLN H 194 72.62 -84.98 -11.35
CA GLN H 194 72.63 -83.67 -10.67
C GLN H 194 71.38 -82.83 -10.76
N CYS H 200 77.32 -78.24 -5.35
CA CYS H 200 78.55 -78.66 -4.68
C CYS H 200 78.85 -80.15 -4.87
N LYS H 201 80.05 -80.58 -4.48
CA LYS H 201 80.56 -81.91 -4.78
C LYS H 201 79.87 -82.98 -3.96
N VAL H 202 79.59 -84.12 -4.57
CA VAL H 202 78.99 -85.25 -3.88
C VAL H 202 79.93 -86.43 -3.88
N LEU H 203 80.18 -86.97 -2.70
CA LEU H 203 81.02 -88.13 -2.54
C LEU H 203 80.14 -89.34 -2.26
N VAL H 204 79.99 -90.22 -3.25
CA VAL H 204 79.14 -91.40 -3.11
C VAL H 204 79.86 -92.55 -2.43
N LEU H 205 79.25 -93.15 -1.41
CA LEU H 205 79.81 -94.32 -0.76
C LEU H 205 78.85 -95.48 -0.86
N ASP H 206 79.35 -96.66 -1.18
CA ASP H 206 78.49 -97.83 -1.26
C ASP H 206 78.28 -98.45 0.13
N ALA H 207 77.08 -98.28 0.68
CA ALA H 207 76.80 -98.70 2.06
C ALA H 207 76.13 -100.08 2.16
N ASP H 208 76.75 -101.07 1.51
CA ASP H 208 76.28 -102.47 1.51
C ASP H 208 77.40 -103.44 1.92
S SO4 I . -67.00 96.30 10.54
O1 SO4 I . -68.29 95.81 10.03
O2 SO4 I . -66.42 95.35 11.51
O3 SO4 I . -66.04 96.44 9.43
O4 SO4 I . -67.20 97.59 11.20
S SO4 J . -51.37 103.50 12.52
O1 SO4 J . -52.50 103.57 13.45
O2 SO4 J . -50.39 102.48 12.88
O3 SO4 J . -51.91 103.24 11.20
O4 SO4 J . -50.70 104.80 12.52
F5 5FU K . -66.09 87.75 3.26
C5 5FU K . -64.92 88.37 2.92
C4 5FU K . -64.43 88.20 1.55
O4 5FU K . -65.10 87.48 0.79
N3 5FU K . -63.31 88.79 1.15
C2 5FU K . -62.61 89.54 1.99
O2 5FU K . -61.57 90.09 1.59
C6 5FU K . -64.15 89.18 3.78
N1 5FU K . -63.02 89.76 3.31
C1' 5FU K . -62.16 90.62 4.12
O4' 5FU K . -61.98 90.18 5.47
C2' 5FU K . -62.71 92.03 4.14
C3' 5FU K . -62.25 92.53 5.49
O3' 5FU K . -61.02 93.19 5.29
C4' 5FU K . -61.94 91.32 6.32
C5' 5FU K . -63.03 91.23 7.36
O5' 5FU K . -64.03 90.35 6.84
S SO4 L . -51.84 57.49 -20.05
O1 SO4 L . -51.43 57.11 -18.71
O2 SO4 L . -53.30 57.41 -20.15
O3 SO4 L . -51.17 58.78 -20.35
O4 SO4 L . -51.39 56.55 -21.06
F5 5FU M . -55.38 64.24 -12.01
C5 5FU M . -54.41 65.09 -12.40
C4 5FU M . -53.83 65.94 -11.37
O4 5FU M . -54.29 65.80 -10.23
N3 5FU M . -52.86 66.80 -11.67
C2 5FU M . -52.42 66.93 -12.94
O2 5FU M . -51.51 67.75 -13.23
C6 5FU M . -53.92 65.23 -13.71
N1 5FU M . -52.96 66.15 -13.97
C1' 5FU M . -52.38 66.33 -15.30
O4' 5FU M . -53.25 66.09 -16.42
C2' 5FU M . -51.21 65.35 -15.46
C3' 5FU M . -51.20 65.12 -16.95
O3' 5FU M . -50.56 66.28 -17.48
C4' 5FU M . -52.65 65.15 -17.32
C5' 5FU M . -53.30 63.78 -17.09
O5' 5FU M . -54.53 63.82 -17.83
S SO4 N . 16.15 7.25 4.39
O1 SO4 N . 16.65 7.81 3.13
O2 SO4 N . 17.01 7.78 5.46
O3 SO4 N . 14.74 7.59 4.58
O4 SO4 N . 16.25 5.79 4.34
F5 5FU O . 12.90 17.59 1.94
C5 5FU O . 11.63 17.10 1.99
C4 5FU O . 10.59 17.60 1.07
O4 5FU O . 10.85 18.48 0.23
N3 5FU O . 9.34 17.11 1.16
C2 5FU O . 9.02 16.17 2.07
O2 5FU O . 7.85 15.73 2.11
C6 5FU O . 11.28 16.12 2.93
N1 5FU O . 10.01 15.66 2.97
C1' 5FU O . 9.61 14.63 3.94
O4' 5FU O . 10.42 14.59 5.11
C2' 5FU O . 9.78 13.28 3.28
C3' 5FU O . 10.20 12.37 4.40
O3' 5FU O . 9.00 11.96 5.02
C4' 5FU O . 10.86 13.26 5.41
C5' 5FU O . 12.37 13.10 5.27
O5' 5FU O . 12.87 14.36 4.81
S SO4 P . -3.95 54.37 -1.34
O1 SO4 P . -4.98 55.43 -1.28
O2 SO4 P . -3.26 54.46 -2.63
O3 SO4 P . -2.91 54.57 -0.30
O4 SO4 P . -4.70 53.12 -1.19
F5 5FU Q . 1.66 45.40 1.45
C5 5FU Q . 0.49 44.73 1.59
C4 5FU Q . 0.50 43.58 2.51
O4 5FU Q . 1.58 43.31 3.10
N3 5FU Q . -0.63 42.89 2.70
C2 5FU Q . -1.78 43.21 2.06
O2 5FU Q . -2.80 42.51 2.28
C6 5FU Q . -0.71 45.04 0.93
N1 5FU Q . -1.83 44.32 1.14
C1' 5FU Q . -3.13 44.62 0.48
O4' 5FU Q . -3.12 44.53 -0.97
C2' 5FU Q . -3.76 45.99 0.80
C3' 5FU Q . -4.40 46.41 -0.52
O3' 5FU Q . -5.66 45.77 -0.64
C4' 5FU Q . -3.65 45.70 -1.61
C5' 5FU Q . -2.58 46.60 -2.19
O5' 5FU Q . -1.58 46.89 -1.18
S SO4 R . -7.38 -14.16 7.49
O1 SO4 R . -7.59 -12.76 7.89
O2 SO4 R . -7.39 -15.00 8.72
O3 SO4 R . -8.46 -14.62 6.63
O4 SO4 R . -6.11 -14.10 6.74
F5 5FU S . -6.62 -22.72 0.85
C5 5FU S . -5.50 -22.21 0.33
C4 5FU S . -5.06 -22.69 -0.99
O4 5FU S . -5.72 -23.55 -1.64
N3 5FU S . -3.91 -22.20 -1.48
C2 5FU S . -3.21 -21.28 -0.79
O2 5FU S . -2.15 -20.86 -1.29
C6 5FU S . -4.75 -21.26 1.03
N1 5FU S . -3.63 -20.79 0.47
C1' 5FU S . -2.75 -19.81 1.13
O4' 5FU S . -2.55 -20.07 2.54
C2' 5FU S . -3.23 -18.37 1.02
C3' 5FU S . -2.78 -17.77 2.36
O3' 5FU S . -1.39 -17.41 2.33
C4' 5FU S . -2.90 -18.91 3.32
C5' 5FU S . -4.36 -19.00 3.73
O5' 5FU S . -4.40 -20.09 4.64
S SO4 T . 6.68 -54.86 -20.94
O1 SO4 T . 6.73 -55.28 -19.53
O2 SO4 T . 5.31 -54.99 -21.44
O3 SO4 T . 7.27 -53.51 -21.10
O4 SO4 T . 7.43 -55.75 -21.84
F5 5FU U . 3.42 -47.79 -13.16
C5 5FU U . 4.30 -46.84 -13.54
C4 5FU U . 4.72 -45.78 -12.59
O4 5FU U . 4.27 -45.76 -11.42
N3 5FU U . 5.58 -44.86 -13.02
C2 5FU U . 6.06 -44.88 -14.27
O2 5FU U . 6.87 -43.98 -14.57
C6 5FU U . 4.79 -46.82 -14.83
N1 5FU U . 5.66 -45.88 -15.21
C1' 5FU U . 6.16 -45.90 -16.60
O4' 5FU U . 5.30 -46.60 -17.53
C2' 5FU U . 7.49 -46.63 -16.77
C3' 5FU U . 7.49 -47.04 -18.24
O3' 5FU U . 7.96 -45.94 -19.02
C4' 5FU U . 6.03 -47.22 -18.60
C5' 5FU U . 5.75 -48.70 -18.67
O5' 5FU U . 4.83 -49.04 -17.62
S SO4 V . 38.60 -53.72 8.20
O1 SO4 V . 39.31 -53.55 9.47
O2 SO4 V . 37.40 -52.85 8.09
O3 SO4 V . 39.50 -53.37 7.09
O4 SO4 V . 38.11 -55.10 8.09
F5 5FU W . 46.28 -62.31 10.42
C5 5FU W . 45.13 -62.84 9.95
C4 5FU W . 44.60 -64.10 10.50
O4 5FU W . 45.19 -64.69 11.40
N3 5FU W . 43.48 -64.61 10.05
C2 5FU W . 42.82 -64.00 9.08
O2 5FU W . 41.78 -64.58 8.72
C6 5FU W . 44.41 -62.22 8.94
N1 5FU W . 43.26 -62.77 8.48
C1' 5FU W . 42.55 -62.06 7.35
O4' 5FU W . 41.98 -60.77 7.66
C2' 5FU W . 41.36 -62.83 6.77
C3' 5FU W . 40.17 -62.33 7.54
O3' 5FU W . 39.02 -62.19 6.71
C4' 5FU W . 40.65 -61.02 8.13
C5' 5FU W . 40.75 -61.18 9.63
O5' 5FU W . 41.31 -59.97 10.13
S SO4 X . 69.61 -94.74 9.19
O1 SO4 X . 70.28 -93.85 8.27
O2 SO4 X . 69.75 -94.13 10.56
O3 SO4 X . 68.19 -94.97 8.92
O4 SO4 X . 70.27 -96.05 9.11
F5 5FU Y . 64.69 -85.16 7.10
C5 5FU Y . 63.51 -85.77 7.15
C4 5FU Y . 62.35 -85.19 6.51
O4 5FU Y . 62.47 -84.15 5.90
N3 5FU Y . 61.15 -85.74 6.54
C2 5FU Y . 61.02 -86.88 7.24
O2 5FU Y . 59.93 -87.50 7.36
C6 5FU Y . 63.38 -86.95 7.82
N1 5FU Y . 62.14 -87.47 7.85
C1' 5FU Y . 61.74 -88.75 8.51
O4' 5FU Y . 62.12 -88.90 9.91
C2' 5FU Y . 62.36 -90.02 7.87
C3' 5FU Y . 62.80 -90.94 9.01
O3' 5FU Y . 61.70 -91.80 9.33
C4' 5FU Y . 62.80 -90.11 10.27
C5' 5FU Y . 64.22 -89.83 10.79
O5' 5FU Y . 65.26 -90.07 9.80
#